data_8SO9
#
_entry.id   8SO9
#
_cell.length_a   1.00
_cell.length_b   1.00
_cell.length_c   1.00
_cell.angle_alpha   90.00
_cell.angle_beta   90.00
_cell.angle_gamma   90.00
#
_symmetry.space_group_name_H-M   'P 1'
#
loop_
_entity.id
_entity.type
_entity.pdbx_description
1 polymer 'phosphatidylinositol-4,5-bisphosphate 3-kinase'
2 polymer 'Phosphoinositide 3-kinase regulatory subunit 5'
#
loop_
_entity_poly.entity_id
_entity_poly.type
_entity_poly.pdbx_seq_one_letter_code
_entity_poly.pdbx_strand_id
1 'polypeptide(L)'
;MHHHHHHELENYEQPVVLREDNRRRRRRMKPRSTAASLSSMELIPIEFVLPTSQRNTKTPETALLHVAGHGNVEQMKAQV
WLRALETSVSADFYHRLGPDHFLLLYQKKGQWYEIYDKYQVVQTLDCLRYWKVLHRSPGQIHVVQRHAPSEETLAFQRQL
NALIGYDVTDVSNVHDDELEFTRRRLVTPRMAEVAGRDPKLYAMHPWVTSKPLPEYLLKKITNNCVFIVIHRSTTSQTIK
VSADDTPGTILQSFFTKMAKKKSLMDIPESQNERDFVLRVCGRDEYLVGETPIKNFQWVRQCLKNGEEIHLVLDTPPDPA
LDEVRKEEWPLVDDCTGVTGYHEQLTIHGKDHESVFTVSLWDCDRKFRVKIRGIDIPVLPRTADLTVFVEANIQYGQQVL
CQRRTSPKPFTEEVLWNVWLEFSIKIKDLPKGALLNLQIYCGKAPALSGKTSAEMPSPESKGKAQLLYYVNLLLIDHRFL
LRHGEYVLHMWQLSGKGEDQGSFNADKLTSATNPDKENSMSISILLDNYCHPIALPKHRPTPDPEGDRVRAEMPNQLRKQ
LEAIIATDPLNPLTAEDKELLWHFRYESLKDPKAYPKLFSSVKWGQQEIVAKTYQLLAKREVWDQSALDVGLTMQLLDCN
FSDENVRAIAVQKLESLEDDDVLHYLLQLVQAVKFEPYHDSALARFLLKRGLRNKRIGHFLFWFLRSEIAQSRHYQQRFA
VILEAYLRGCGTAMLHDFTQQVQVIDMLQKVTIDIKSLSAEKYDVSSQVISQLKQKLENLQNLNLPQSFRVPYDPGLKAG
ALVIEKCKVMASKKKPLWLEFKCADPTALSNETIGIIFKHGDDLRQDMLILQILRIMESIWETESLDLCLLPYGCISTGD
KIGMIEIVKDATTIAKIQQSTVGNTGAFKDEVLSHWLKEKCPIEEKFQAAVERFVYSCAGYCVATFVLGIGDRHNDNIMI
SETGNLFHIDFGHILGNYKSFLGINKERVPFVLTPDFLFVMGTSGKKTSLHFQKFQDVCVKAYLALRHHTNLLIILFSMM
LMTGMPQLTSKEDIEYIRDALTVGKSEEDAKKYFLDQIEVCRDKGWTVQFNWFLHLVLGIKQGEKHSA
;
A
2 'polypeptide(L)'
;MQPGATTCTEDRIQHALERCLHGLSLSRRSTSWSAGLCLNCWSLQELVSRDPGHFLILLEQILQKTREVQEKGTYDLLAP
LALLFYSTVLCTPHFPPDSDLLLKAARTYHRFLTWPVPYCSICQELLTFIDAELKAPGISYQRLVRAEQGLSTRSHRSST
VTVLLLNPVEVQAEFLDVADKLSTPGPSPHSAYITLLLHAFQATFGAHCDLSGLHRRLQSKTLAELEAIFTETAEAQELA
SGIGDAAEARQWLRTKLQAVGEKAGFPGVLDTAKPGKLRTIPIPVARCYTYSWNQDSFDILQEILLKEQELLQPEILDDE
EDEDEEDEEEDLDADGHCAERDSVLSTGSAASHASTLSLASSQASGPTLSRQLLTSFVSGLSDGVDSGYMEDIEESAYER
PRRPGGHERRGHRRPGQKFNRIYKLFKSTSQMVLRRDSRSLEGSPDSGPPLRRAGSLCSPLDSPTLPPSRAQRSRSLPQP
KLSPQLPGWLLAPASRHQRRRPFLSGDEDPKASTLRVVVFGSDRISGKVARAYSNLRRLENNRPLLTRFFKLQFFYVPVK
RSRGTGTPTSPAPRSQTPPLPTDAPRHPGPAELGAAPWEESTNDISHYLGMLDPWYERNVLGLMHLPPEVLCQSLKAEPR
PLEGSPAQLPILADMLLYYCRFAARPVLLQVYQTELTFITGEKTTEIFIHSLELGHSAATRAIKASGPGSKRLGIDGDRE
AVPLTLQIIYSKGAISGRSRWSNMEKLCTSVNLSKACRQQEELDSSTEALTLNLTEVVKRQTPKSKKGFNQISTSQIKVD
KVQIIGSNSCPFAVCLDQDERKILQSVIRCEVSPCYKPEKSSLCPPPQRPSYPPAPATPDLCSLLCLPIMTFSGALPGGG
GSDYKDDDDK
;
B
#
# COMPACT_ATOMS: atom_id res chain seq x y z
N LEU A 43 5.96 -30.69 15.14
CA LEU A 43 5.82 -31.27 13.77
C LEU A 43 4.38 -31.73 13.54
N ILE A 44 3.99 -31.82 12.27
CA ILE A 44 2.63 -32.23 11.92
C ILE A 44 2.70 -33.21 10.75
N PRO A 45 2.04 -34.37 10.83
CA PRO A 45 2.10 -35.34 9.72
C PRO A 45 1.10 -35.00 8.63
N ILE A 46 1.57 -34.85 7.41
CA ILE A 46 0.74 -34.54 6.26
C ILE A 46 1.12 -35.45 5.10
N GLU A 47 0.10 -35.96 4.41
CA GLU A 47 0.28 -36.85 3.27
C GLU A 47 -0.08 -36.10 2.00
N PHE A 48 0.91 -35.78 1.18
CA PHE A 48 0.68 -35.06 -0.05
C PHE A 48 0.49 -36.06 -1.20
N VAL A 49 -0.57 -35.86 -1.96
CA VAL A 49 -0.90 -36.71 -3.10
C VAL A 49 -0.29 -36.07 -4.34
N LEU A 50 0.72 -36.72 -4.90
CA LEU A 50 1.41 -36.19 -6.06
C LEU A 50 0.63 -36.48 -7.35
N PRO A 51 0.93 -35.76 -8.43
CA PRO A 51 0.16 -35.95 -9.67
C PRO A 51 0.53 -37.23 -10.42
N THR A 52 1.81 -37.61 -10.36
CA THR A 52 2.28 -38.74 -11.14
C THR A 52 1.57 -40.02 -10.74
N SER A 53 1.22 -40.82 -11.74
CA SER A 53 0.55 -42.09 -11.51
C SER A 53 1.51 -43.25 -11.75
N THR A 59 -0.13 -45.42 -10.36
CA THR A 59 -1.15 -44.97 -9.44
C THR A 59 -0.72 -43.69 -8.73
N PRO A 60 -1.68 -42.92 -8.23
CA PRO A 60 -1.32 -41.64 -7.56
C PRO A 60 -0.35 -41.85 -6.43
N GLU A 61 0.87 -41.34 -6.59
CA GLU A 61 1.91 -41.52 -5.58
C GLU A 61 1.73 -40.51 -4.46
N THR A 62 2.01 -40.95 -3.24
CA THR A 62 1.82 -40.14 -2.05
C THR A 62 3.13 -40.05 -1.26
N ALA A 63 3.31 -38.92 -0.57
CA ALA A 63 4.50 -38.70 0.26
C ALA A 63 4.05 -38.23 1.63
N LEU A 64 4.46 -38.97 2.67
CA LEU A 64 4.16 -38.60 4.05
C LEU A 64 5.31 -37.80 4.64
N LEU A 65 5.01 -36.65 5.22
CA LEU A 65 6.03 -35.76 5.75
C LEU A 65 5.60 -35.19 7.09
N HIS A 66 6.59 -34.67 7.80
CA HIS A 66 6.38 -33.94 9.05
C HIS A 66 6.74 -32.48 8.79
N VAL A 67 5.80 -31.58 9.06
CA VAL A 67 5.94 -30.17 8.75
C VAL A 67 6.17 -29.39 10.03
N ALA A 68 7.11 -28.45 9.98
CA ALA A 68 7.31 -27.55 11.10
C ALA A 68 6.07 -26.69 11.31
N GLY A 69 5.62 -26.61 12.56
CA GLY A 69 4.38 -25.91 12.85
C GLY A 69 4.46 -24.43 12.50
N HIS A 70 5.58 -23.79 12.80
CA HIS A 70 5.74 -22.35 12.64
C HIS A 70 6.42 -21.98 11.34
N GLY A 71 6.59 -22.91 10.41
CA GLY A 71 7.15 -22.61 9.12
C GLY A 71 6.15 -21.87 8.24
N ASN A 72 6.63 -21.53 7.04
CA ASN A 72 5.81 -20.86 6.05
C ASN A 72 5.37 -21.84 4.97
N VAL A 73 4.38 -21.43 4.17
CA VAL A 73 3.88 -22.30 3.12
C VAL A 73 4.98 -22.60 2.11
N GLU A 74 5.82 -21.61 1.82
CA GLU A 74 6.92 -21.84 0.89
C GLU A 74 7.90 -22.87 1.45
N GLN A 75 8.12 -22.83 2.76
CA GLN A 75 8.96 -23.83 3.40
C GLN A 75 8.38 -25.23 3.22
N MET A 76 7.07 -25.37 3.42
CA MET A 76 6.43 -26.66 3.24
C MET A 76 6.54 -27.12 1.79
N LYS A 77 6.35 -26.20 0.85
CA LYS A 77 6.48 -26.55 -0.56
C LYS A 77 7.89 -27.04 -0.86
N ALA A 78 8.90 -26.35 -0.34
CA ALA A 78 10.28 -26.77 -0.57
C ALA A 78 10.53 -28.14 0.02
N GLN A 79 10.02 -28.40 1.22
CA GLN A 79 10.22 -29.71 1.84
C GLN A 79 9.55 -30.81 1.03
N VAL A 80 8.33 -30.56 0.56
CA VAL A 80 7.63 -31.55 -0.25
C VAL A 80 8.38 -31.82 -1.53
N TRP A 81 8.89 -30.76 -2.17
CA TRP A 81 9.64 -30.94 -3.41
C TRP A 81 10.90 -31.75 -3.16
N LEU A 82 11.61 -31.45 -2.07
CA LEU A 82 12.83 -32.19 -1.76
C LEU A 82 12.53 -33.66 -1.52
N ARG A 83 11.46 -33.96 -0.78
CA ARG A 83 11.12 -35.36 -0.54
C ARG A 83 10.73 -36.05 -1.84
N ALA A 84 10.00 -35.35 -2.70
CA ALA A 84 9.56 -35.98 -3.95
C ALA A 84 10.73 -36.22 -4.88
N LEU A 85 11.77 -35.39 -4.81
CA LEU A 85 12.93 -35.60 -5.66
C LEU A 85 13.53 -36.98 -5.45
N GLU A 86 13.44 -37.51 -4.23
CA GLU A 86 14.00 -38.81 -3.89
C GLU A 86 12.96 -39.92 -3.93
N THR A 87 11.82 -39.71 -3.27
CA THR A 87 10.82 -40.76 -3.16
C THR A 87 10.23 -41.11 -4.52
N SER A 88 10.07 -40.11 -5.39
CA SER A 88 9.44 -40.34 -6.67
C SER A 88 10.16 -41.43 -7.45
N VAL A 89 9.39 -42.34 -8.04
CA VAL A 89 9.97 -43.34 -8.92
C VAL A 89 10.58 -42.68 -10.14
N SER A 90 9.87 -41.71 -10.71
CA SER A 90 10.33 -40.95 -11.88
C SER A 90 10.48 -39.49 -11.46
N ALA A 91 11.67 -39.12 -11.01
CA ALA A 91 11.94 -37.75 -10.62
C ALA A 91 12.13 -36.83 -11.82
N ASP A 92 12.22 -37.38 -13.03
CA ASP A 92 12.38 -36.55 -14.21
C ASP A 92 11.19 -35.62 -14.39
N PHE A 93 9.98 -36.14 -14.19
CA PHE A 93 8.79 -35.28 -14.28
C PHE A 93 8.87 -34.14 -13.29
N TYR A 94 9.42 -34.39 -12.11
CA TYR A 94 9.60 -33.35 -11.10
C TYR A 94 10.87 -32.54 -11.33
N HIS A 95 11.78 -33.01 -12.16
CA HIS A 95 12.99 -32.25 -12.47
C HIS A 95 12.73 -31.26 -13.59
N ARG A 96 11.88 -31.62 -14.55
CA ARG A 96 11.54 -30.70 -15.63
C ARG A 96 10.86 -29.45 -15.10
N LEU A 97 9.93 -29.62 -14.17
CA LEU A 97 9.15 -28.53 -13.61
C LEU A 97 9.65 -28.22 -12.21
N GLY A 98 9.03 -27.21 -11.58
CA GLY A 98 9.41 -26.79 -10.26
C GLY A 98 8.21 -26.67 -9.34
N PRO A 99 8.44 -26.24 -8.11
CA PRO A 99 7.33 -26.08 -7.15
C PRO A 99 6.39 -24.94 -7.51
N ASP A 100 6.75 -24.08 -8.45
CA ASP A 100 5.95 -22.93 -8.81
C ASP A 100 4.99 -23.22 -9.96
N HIS A 101 4.91 -24.47 -10.40
CA HIS A 101 4.00 -24.88 -11.47
C HIS A 101 2.85 -25.71 -10.95
N PHE A 102 2.60 -25.68 -9.64
CA PHE A 102 1.60 -26.53 -9.02
C PHE A 102 0.86 -25.77 -7.94
N LEU A 103 -0.36 -26.24 -7.67
CA LEU A 103 -1.24 -25.69 -6.66
C LEU A 103 -1.50 -26.76 -5.60
N LEU A 104 -1.73 -26.29 -4.38
CA LEU A 104 -2.05 -27.15 -3.24
C LEU A 104 -3.54 -26.98 -2.95
N LEU A 105 -4.31 -28.05 -3.17
CA LEU A 105 -5.75 -28.02 -2.99
C LEU A 105 -6.16 -29.03 -1.93
N TYR A 106 -7.10 -28.64 -1.08
CA TYR A 106 -7.68 -29.56 -0.11
C TYR A 106 -9.18 -29.40 -0.09
N GLN A 107 -9.89 -30.51 0.09
CA GLN A 107 -11.34 -30.50 0.11
C GLN A 107 -11.82 -30.26 1.54
N LYS A 108 -12.65 -29.23 1.72
CA LYS A 108 -13.25 -28.91 3.00
C LYS A 108 -14.77 -28.96 2.79
N LYS A 109 -15.37 -30.10 3.11
CA LYS A 109 -16.82 -30.26 3.03
C LYS A 109 -17.31 -30.11 1.59
N GLY A 110 -16.73 -30.91 0.71
CA GLY A 110 -17.20 -31.01 -0.65
C GLY A 110 -16.76 -29.90 -1.58
N GLN A 111 -15.93 -28.97 -1.12
CA GLN A 111 -15.45 -27.88 -1.96
C GLN A 111 -13.93 -27.84 -1.91
N TRP A 112 -13.31 -27.49 -3.03
CA TRP A 112 -11.86 -27.44 -3.14
C TRP A 112 -11.35 -26.06 -2.77
N TYR A 113 -10.61 -25.98 -1.67
CA TYR A 113 -9.93 -24.76 -1.27
C TYR A 113 -8.47 -24.85 -1.67
N GLU A 114 -7.82 -23.69 -1.70
CA GLU A 114 -6.44 -23.58 -2.13
C GLU A 114 -5.63 -22.83 -1.09
N ILE A 115 -4.35 -23.20 -0.99
CA ILE A 115 -3.40 -22.49 -0.14
C ILE A 115 -2.72 -21.46 -1.03
N TYR A 116 -3.21 -20.22 -0.99
CA TYR A 116 -2.76 -19.20 -1.93
C TYR A 116 -1.56 -18.42 -1.42
N ASP A 117 -1.51 -18.11 -0.13
CA ASP A 117 -0.44 -17.30 0.44
C ASP A 117 0.78 -18.18 0.63
N LYS A 118 1.86 -17.88 -0.09
CA LYS A 118 3.07 -18.68 -0.03
C LYS A 118 3.97 -18.29 1.13
N TYR A 119 3.45 -17.57 2.13
CA TYR A 119 4.21 -17.22 3.31
C TYR A 119 3.46 -17.50 4.61
N GLN A 120 2.16 -17.75 4.56
CA GLN A 120 1.36 -17.91 5.77
C GLN A 120 2.00 -18.92 6.70
N VAL A 121 1.71 -18.78 7.99
CA VAL A 121 2.22 -19.70 8.99
C VAL A 121 1.45 -21.01 8.90
N VAL A 122 2.18 -22.12 8.80
CA VAL A 122 1.53 -23.42 8.65
C VAL A 122 0.56 -23.67 9.79
N GLN A 123 0.92 -23.23 10.99
CA GLN A 123 0.08 -23.48 12.16
C GLN A 123 -1.32 -22.90 11.96
N THR A 124 -1.42 -21.75 11.32
CA THR A 124 -2.69 -21.04 11.20
C THR A 124 -3.54 -21.49 10.03
N LEU A 125 -3.05 -22.41 9.19
CA LEU A 125 -3.85 -22.88 8.07
C LEU A 125 -5.16 -23.47 8.57
N ASP A 126 -6.26 -23.02 7.98
CA ASP A 126 -7.57 -23.50 8.42
C ASP A 126 -7.75 -24.99 8.16
N CYS A 127 -6.97 -25.56 7.24
CA CYS A 127 -7.07 -26.99 7.00
C CYS A 127 -6.69 -27.77 8.26
N LEU A 128 -5.67 -27.31 8.97
CA LEU A 128 -5.27 -27.99 10.19
C LEU A 128 -6.38 -27.94 11.23
N ARG A 129 -7.03 -26.79 11.38
CA ARG A 129 -8.13 -26.69 12.33
C ARG A 129 -9.28 -27.61 11.92
N TYR A 130 -9.59 -27.65 10.64
CA TYR A 130 -10.66 -28.52 10.16
C TYR A 130 -10.35 -29.98 10.46
N TRP A 131 -9.11 -30.39 10.20
CA TRP A 131 -8.72 -31.77 10.44
C TRP A 131 -8.76 -32.11 11.92
N LYS A 132 -8.28 -31.20 12.77
CA LYS A 132 -8.32 -31.45 14.20
C LYS A 132 -9.76 -31.57 14.69
N VAL A 133 -10.65 -30.72 14.18
CA VAL A 133 -12.06 -30.82 14.56
C VAL A 133 -12.61 -32.17 14.14
N LEU A 134 -12.29 -32.60 12.92
CA LEU A 134 -12.76 -33.89 12.43
C LEU A 134 -11.88 -35.05 12.87
N HIS A 135 -10.79 -34.79 13.57
CA HIS A 135 -9.88 -35.84 14.01
C HIS A 135 -9.31 -36.59 12.81
N ARG A 136 -8.64 -35.84 11.94
CA ARG A 136 -8.04 -36.38 10.73
C ARG A 136 -6.53 -36.27 10.84
N SER A 137 -5.84 -37.36 10.54
CA SER A 137 -4.38 -37.33 10.53
C SER A 137 -3.84 -38.57 9.83
N PRO A 138 -2.92 -38.42 8.87
CA PRO A 138 -2.44 -37.17 8.28
C PRO A 138 -3.43 -36.61 7.25
N GLY A 139 -3.49 -35.30 7.11
CA GLY A 139 -4.35 -34.70 6.13
C GLY A 139 -3.82 -34.87 4.72
N GLN A 140 -4.73 -34.78 3.75
CA GLN A 140 -4.39 -34.94 2.34
C GLN A 140 -4.40 -33.57 1.67
N ILE A 141 -3.32 -33.26 0.96
CA ILE A 141 -3.23 -32.04 0.17
C ILE A 141 -2.84 -32.45 -1.25
N HIS A 142 -3.74 -32.26 -2.20
CA HIS A 142 -3.48 -32.62 -3.58
C HIS A 142 -2.57 -31.58 -4.22
N VAL A 143 -1.60 -32.05 -5.00
CA VAL A 143 -0.75 -31.20 -5.82
C VAL A 143 -1.22 -31.32 -7.26
N VAL A 144 -1.70 -30.22 -7.83
CA VAL A 144 -2.25 -30.21 -9.18
C VAL A 144 -1.48 -29.19 -10.01
N GLN A 145 -1.09 -29.60 -11.23
CA GLN A 145 -0.28 -28.72 -12.06
C GLN A 145 -1.12 -27.60 -12.66
N ARG A 146 -0.48 -26.45 -12.86
CA ARG A 146 -1.15 -25.30 -13.46
C ARG A 146 -1.38 -25.54 -14.94
N HIS A 147 -2.56 -25.14 -15.42
CA HIS A 147 -2.87 -25.17 -16.84
C HIS A 147 -3.11 -23.76 -17.36
N ALA A 148 -2.95 -23.61 -18.67
CA ALA A 148 -3.24 -22.33 -19.29
C ALA A 148 -4.75 -22.14 -19.41
N PRO A 149 -5.23 -20.90 -19.30
CA PRO A 149 -6.68 -20.68 -19.41
C PRO A 149 -7.20 -21.13 -20.76
N SER A 150 -8.41 -21.69 -20.76
CA SER A 150 -9.04 -22.06 -22.00
C SER A 150 -9.38 -20.80 -22.81
N GLU A 151 -9.79 -21.01 -24.06
CA GLU A 151 -10.12 -19.88 -24.91
C GLU A 151 -11.37 -19.18 -24.41
N GLU A 152 -12.37 -19.94 -23.95
CA GLU A 152 -13.60 -19.33 -23.47
C GLU A 152 -13.33 -18.45 -22.26
N THR A 153 -12.42 -18.88 -21.39
CA THR A 153 -12.06 -18.06 -20.24
C THR A 153 -11.51 -16.71 -20.69
N LEU A 154 -10.61 -16.73 -21.67
CA LEU A 154 -10.04 -15.48 -22.16
C LEU A 154 -11.10 -14.61 -22.81
N ALA A 155 -12.02 -15.21 -23.56
CA ALA A 155 -13.08 -14.43 -24.18
C ALA A 155 -13.95 -13.76 -23.14
N PHE A 156 -14.30 -14.50 -22.08
CA PHE A 156 -15.12 -13.91 -21.03
C PHE A 156 -14.36 -12.80 -20.31
N GLN A 157 -13.07 -12.99 -20.08
CA GLN A 157 -12.27 -11.96 -19.44
C GLN A 157 -12.21 -10.70 -20.29
N ARG A 158 -12.06 -10.87 -21.61
CA ARG A 158 -12.04 -9.70 -22.48
C ARG A 158 -13.39 -8.99 -22.47
N GLN A 159 -14.48 -9.76 -22.46
CA GLN A 159 -15.79 -9.14 -22.39
C GLN A 159 -15.95 -8.33 -21.10
N LEU A 160 -15.50 -8.89 -19.98
CA LEU A 160 -15.57 -8.16 -18.72
C LEU A 160 -14.72 -6.91 -18.75
N ASN A 161 -13.51 -7.00 -19.32
CA ASN A 161 -12.66 -5.83 -19.42
C ASN A 161 -13.30 -4.74 -20.27
N ALA A 162 -13.98 -5.14 -21.34
CA ALA A 162 -14.67 -4.17 -22.18
C ALA A 162 -15.80 -3.51 -21.40
N LEU A 163 -16.56 -4.28 -20.64
CA LEU A 163 -17.64 -3.69 -19.85
C LEU A 163 -17.10 -2.73 -18.80
N ILE A 164 -16.03 -3.11 -18.11
CA ILE A 164 -15.51 -2.27 -17.04
C ILE A 164 -14.88 -1.01 -17.62
N GLY A 165 -14.24 -1.12 -18.78
CA GLY A 165 -13.49 -0.01 -19.32
C GLY A 165 -12.08 0.10 -18.79
N TYR A 166 -11.59 -0.93 -18.12
CA TYR A 166 -10.23 -0.93 -17.59
C TYR A 166 -9.79 -2.37 -17.42
N ASP A 167 -8.50 -2.63 -17.66
CA ASP A 167 -7.98 -3.99 -17.63
C ASP A 167 -7.62 -4.34 -16.19
N VAL A 168 -8.47 -5.14 -15.55
CA VAL A 168 -8.23 -5.52 -14.16
C VAL A 168 -7.02 -6.43 -14.03
N THR A 169 -6.64 -7.13 -15.10
CA THR A 169 -5.57 -8.10 -15.02
C THR A 169 -4.19 -7.47 -15.16
N ASP A 170 -4.11 -6.16 -15.30
CA ASP A 170 -2.81 -5.51 -15.47
C ASP A 170 -2.03 -5.54 -14.17
N VAL A 171 -0.72 -5.72 -14.29
CA VAL A 171 0.17 -5.75 -13.13
C VAL A 171 1.33 -4.81 -13.36
N SER A 172 1.11 -3.75 -14.14
CA SER A 172 2.19 -2.84 -14.48
C SER A 172 2.37 -1.73 -13.47
N ASN A 173 1.29 -1.25 -12.86
CA ASN A 173 1.35 -0.21 -11.84
C ASN A 173 0.96 -0.82 -10.50
N VAL A 174 1.93 -1.50 -9.88
CA VAL A 174 1.72 -2.14 -8.58
C VAL A 174 3.10 -2.43 -8.00
N HIS A 175 3.19 -2.41 -6.68
CA HIS A 175 4.39 -2.88 -5.98
C HIS A 175 4.08 -3.99 -4.99
N ASP A 176 2.85 -4.52 -4.99
CA ASP A 176 2.47 -5.65 -4.17
C ASP A 176 1.39 -6.42 -4.92
N ASP A 177 0.77 -7.37 -4.24
CA ASP A 177 -0.28 -8.20 -4.83
C ASP A 177 -1.60 -8.02 -4.09
N GLU A 178 -1.89 -6.79 -3.67
CA GLU A 178 -3.11 -6.55 -2.92
C GLU A 178 -4.35 -6.73 -3.79
N LEU A 179 -4.26 -6.35 -5.06
CA LEU A 179 -5.47 -6.36 -5.89
C LEU A 179 -5.80 -7.74 -6.42
N GLU A 180 -4.80 -8.55 -6.75
CA GLU A 180 -5.08 -9.94 -7.10
C GLU A 180 -5.56 -10.71 -5.88
N PHE A 181 -4.97 -10.42 -4.71
CA PHE A 181 -5.40 -11.08 -3.49
C PHE A 181 -6.84 -10.70 -3.15
N THR A 182 -7.20 -9.45 -3.40
CA THR A 182 -8.59 -9.04 -3.20
C THR A 182 -9.53 -9.74 -4.18
N ARG A 183 -9.12 -9.85 -5.44
CA ARG A 183 -9.95 -10.56 -6.41
C ARG A 183 -10.19 -11.99 -5.95
N ARG A 184 -9.14 -12.66 -5.49
CA ARG A 184 -9.30 -14.04 -5.04
C ARG A 184 -10.18 -14.12 -3.80
N ARG A 185 -10.03 -13.18 -2.87
CA ARG A 185 -10.78 -13.28 -1.62
C ARG A 185 -12.26 -12.98 -1.84
N LEU A 186 -12.59 -12.07 -2.75
CA LEU A 186 -13.99 -11.70 -2.91
C LEU A 186 -14.83 -12.80 -3.54
N VAL A 187 -14.26 -13.97 -3.83
CA VAL A 187 -15.05 -15.03 -4.42
C VAL A 187 -16.06 -15.58 -3.42
N THR A 188 -15.67 -15.68 -2.15
CA THR A 188 -16.55 -16.30 -1.16
C THR A 188 -17.85 -15.54 -0.97
N PRO A 189 -17.85 -14.22 -0.76
CA PRO A 189 -19.13 -13.52 -0.63
C PRO A 189 -20.01 -13.66 -1.86
N ARG A 190 -19.41 -13.65 -3.05
CA ARG A 190 -20.20 -13.75 -4.26
C ARG A 190 -20.92 -15.09 -4.33
N MET A 191 -20.21 -16.18 -4.05
CA MET A 191 -20.85 -17.49 -4.07
C MET A 191 -21.89 -17.60 -2.98
N ALA A 192 -21.60 -17.06 -1.80
CA ALA A 192 -22.56 -17.14 -0.70
C ALA A 192 -23.85 -16.43 -1.04
N GLU A 193 -23.75 -15.26 -1.67
CA GLU A 193 -24.96 -14.51 -2.01
C GLU A 193 -25.68 -15.11 -3.20
N VAL A 194 -24.94 -15.62 -4.19
CA VAL A 194 -25.59 -16.21 -5.35
C VAL A 194 -26.36 -17.46 -4.94
N ALA A 195 -25.78 -18.28 -4.07
CA ALA A 195 -26.45 -19.50 -3.67
C ALA A 195 -27.79 -19.20 -3.00
N GLY A 196 -27.80 -18.23 -2.09
CA GLY A 196 -29.00 -17.90 -1.37
C GLY A 196 -29.81 -16.75 -1.95
N ARG A 197 -30.32 -16.90 -3.15
CA ARG A 197 -31.19 -15.89 -3.76
C ARG A 197 -32.44 -16.57 -4.29
N ASP A 198 -33.59 -15.97 -4.03
CA ASP A 198 -34.84 -16.52 -4.53
C ASP A 198 -34.93 -16.27 -6.03
N PRO A 199 -35.03 -17.31 -6.86
CA PRO A 199 -34.98 -17.06 -8.31
C PRO A 199 -36.08 -16.14 -8.81
N LYS A 200 -37.32 -16.32 -8.35
CA LYS A 200 -38.42 -15.57 -8.94
C LYS A 200 -38.40 -14.12 -8.49
N LEU A 201 -38.03 -13.87 -7.23
CA LEU A 201 -38.00 -12.50 -6.76
C LEU A 201 -36.79 -11.76 -7.29
N TYR A 202 -35.69 -12.46 -7.52
CA TYR A 202 -34.58 -11.83 -8.23
C TYR A 202 -34.98 -11.48 -9.65
N ALA A 203 -35.63 -12.43 -10.33
CA ALA A 203 -35.96 -12.22 -11.73
C ALA A 203 -36.97 -11.10 -11.92
N MET A 204 -37.82 -10.85 -10.92
CA MET A 204 -38.88 -9.87 -11.07
C MET A 204 -38.67 -8.60 -10.25
N HIS A 205 -37.72 -8.59 -9.31
CA HIS A 205 -37.30 -7.40 -8.56
C HIS A 205 -38.47 -6.46 -8.26
N PRO A 206 -39.38 -6.82 -7.36
CA PRO A 206 -40.41 -5.85 -6.96
C PRO A 206 -39.81 -4.72 -6.14
N TRP A 207 -40.43 -3.55 -6.25
CA TRP A 207 -39.93 -2.32 -5.63
C TRP A 207 -40.90 -1.88 -4.54
N VAL A 208 -40.70 -2.41 -3.34
CA VAL A 208 -41.61 -2.19 -2.22
C VAL A 208 -40.92 -1.36 -1.15
N THR A 209 -41.73 -0.83 -0.23
CA THR A 209 -41.24 -0.11 0.92
C THR A 209 -42.18 -0.35 2.09
N SER A 210 -41.68 -0.17 3.30
CA SER A 210 -42.43 -0.44 4.51
C SER A 210 -42.83 0.82 5.27
N LYS A 211 -42.44 2.00 4.80
CA LYS A 211 -42.73 3.22 5.52
C LYS A 211 -44.23 3.48 5.57
N PRO A 212 -44.70 4.24 6.54
CA PRO A 212 -46.14 4.53 6.62
C PRO A 212 -46.56 5.49 5.53
N LEU A 213 -47.84 5.43 5.18
CA LEU A 213 -48.37 6.24 4.09
C LEU A 213 -48.43 7.70 4.52
N PRO A 214 -47.77 8.62 3.82
CA PRO A 214 -47.83 10.03 4.22
C PRO A 214 -49.25 10.56 4.17
N GLU A 215 -49.51 11.57 5.01
CA GLU A 215 -50.87 12.07 5.18
C GLU A 215 -51.43 12.65 3.89
N TYR A 216 -50.59 13.28 3.06
CA TYR A 216 -51.11 13.83 1.82
C TYR A 216 -51.47 12.75 0.81
N LEU A 217 -51.35 11.48 1.18
CA LEU A 217 -51.75 10.38 0.30
C LEU A 217 -52.93 9.60 0.85
N LEU A 218 -53.23 9.72 2.13
CA LEU A 218 -54.40 9.06 2.70
C LEU A 218 -55.69 9.78 2.34
N LYS A 219 -55.60 11.06 1.97
CA LYS A 219 -56.78 11.76 1.50
C LYS A 219 -57.25 11.23 0.15
N LYS A 220 -56.30 10.83 -0.71
CA LYS A 220 -56.67 10.34 -2.03
C LYS A 220 -57.25 8.93 -1.98
N ILE A 221 -56.95 8.16 -0.93
CA ILE A 221 -57.50 6.82 -0.78
C ILE A 221 -58.84 6.97 -0.07
N THR A 222 -59.94 6.69 -0.78
CA THR A 222 -61.28 6.84 -0.25
C THR A 222 -61.80 5.46 0.15
N ASN A 223 -62.21 5.33 1.41
CA ASN A 223 -62.75 4.08 1.94
C ASN A 223 -61.73 2.95 1.87
N ASN A 224 -60.45 3.26 1.80
CA ASN A 224 -59.41 2.24 1.82
C ASN A 224 -59.50 1.35 0.59
N CYS A 225 -59.85 1.94 -0.55
CA CYS A 225 -60.05 1.19 -1.79
C CYS A 225 -59.31 1.87 -2.94
N VAL A 226 -58.77 1.07 -3.84
CA VAL A 226 -58.02 1.56 -5.00
C VAL A 226 -58.61 0.94 -6.26
N PHE A 227 -58.73 1.76 -7.31
CA PHE A 227 -59.21 1.30 -8.61
C PHE A 227 -58.02 0.95 -9.49
N ILE A 228 -58.03 -0.26 -10.04
CA ILE A 228 -56.96 -0.76 -10.89
C ILE A 228 -57.55 -1.15 -12.24
N VAL A 229 -56.92 -0.72 -13.32
CA VAL A 229 -57.32 -1.08 -14.67
C VAL A 229 -56.44 -2.21 -15.16
N ILE A 230 -57.06 -3.33 -15.51
CA ILE A 230 -56.37 -4.56 -15.88
C ILE A 230 -56.58 -4.82 -17.37
N HIS A 231 -55.48 -4.74 -18.13
CA HIS A 231 -55.48 -5.01 -19.56
C HIS A 231 -54.92 -6.39 -19.86
N ARG A 232 -55.57 -7.08 -20.79
CA ARG A 232 -55.01 -8.28 -21.42
C ARG A 232 -55.43 -8.25 -22.88
N SER A 233 -54.45 -8.22 -23.78
CA SER A 233 -54.71 -8.26 -25.20
C SER A 233 -55.37 -6.96 -25.64
N THR A 234 -56.62 -7.04 -26.09
CA THR A 234 -57.39 -5.87 -26.48
C THR A 234 -58.50 -5.57 -25.48
N THR A 235 -58.45 -6.15 -24.28
CA THR A 235 -59.51 -6.01 -23.30
C THR A 235 -59.00 -5.30 -22.06
N SER A 236 -59.86 -4.48 -21.47
CA SER A 236 -59.55 -3.75 -20.25
C SER A 236 -60.74 -3.83 -19.31
N GLN A 237 -60.46 -3.98 -18.01
CA GLN A 237 -61.52 -3.95 -17.01
C GLN A 237 -61.05 -3.20 -15.77
N THR A 238 -61.92 -2.36 -15.22
CA THR A 238 -61.62 -1.63 -14.00
C THR A 238 -62.17 -2.40 -12.80
N ILE A 239 -61.28 -2.79 -11.90
CA ILE A 239 -61.64 -3.49 -10.67
C ILE A 239 -61.36 -2.57 -9.49
N LYS A 240 -62.13 -2.73 -8.43
CA LYS A 240 -61.94 -2.01 -7.18
C LYS A 240 -61.48 -2.99 -6.12
N VAL A 241 -60.32 -2.73 -5.52
CA VAL A 241 -59.74 -3.64 -4.56
C VAL A 241 -59.44 -2.90 -3.27
N SER A 242 -59.29 -3.67 -2.19
CA SER A 242 -58.90 -3.07 -0.92
C SER A 242 -57.43 -2.70 -0.94
N ALA A 243 -57.07 -1.66 -0.19
CA ALA A 243 -55.71 -1.17 -0.19
C ALA A 243 -54.75 -2.09 0.54
N ASP A 244 -55.25 -3.13 1.21
CA ASP A 244 -54.40 -4.05 1.96
C ASP A 244 -54.27 -5.41 1.32
N ASP A 245 -54.73 -5.57 0.07
CA ASP A 245 -54.73 -6.87 -0.60
C ASP A 245 -53.40 -7.07 -1.31
N THR A 246 -52.82 -8.26 -1.12
CA THR A 246 -51.62 -8.62 -1.85
C THR A 246 -51.97 -8.93 -3.31
N PRO A 247 -50.98 -8.87 -4.20
CA PRO A 247 -51.28 -9.14 -5.62
C PRO A 247 -51.91 -10.49 -5.85
N GLY A 248 -51.53 -11.51 -5.07
CA GLY A 248 -52.13 -12.82 -5.24
C GLY A 248 -53.63 -12.79 -5.01
N THR A 249 -54.06 -12.12 -3.95
CA THR A 249 -55.49 -12.03 -3.68
C THR A 249 -56.19 -11.24 -4.77
N ILE A 250 -55.54 -10.21 -5.30
CA ILE A 250 -56.13 -9.44 -6.39
C ILE A 250 -56.37 -10.32 -7.59
N LEU A 251 -55.35 -11.07 -8.00
CA LEU A 251 -55.55 -11.98 -9.14
C LEU A 251 -56.67 -12.96 -8.83
N GLN A 252 -56.57 -13.65 -7.70
CA GLN A 252 -57.56 -14.68 -7.39
C GLN A 252 -58.96 -14.12 -7.52
N SER A 253 -59.19 -12.91 -6.97
CA SER A 253 -60.50 -12.29 -7.08
C SER A 253 -60.85 -12.04 -8.54
N PHE A 254 -59.88 -11.55 -9.32
CA PHE A 254 -60.15 -11.28 -10.72
C PHE A 254 -60.63 -12.53 -11.43
N PHE A 255 -59.80 -13.57 -11.41
CA PHE A 255 -60.14 -14.83 -12.07
C PHE A 255 -61.51 -15.32 -11.62
N THR A 256 -61.77 -15.31 -10.32
CA THR A 256 -63.07 -15.75 -9.84
C THR A 256 -64.19 -14.91 -10.47
N LYS A 257 -63.96 -13.60 -10.62
CA LYS A 257 -64.97 -12.75 -11.23
C LYS A 257 -65.19 -13.10 -12.69
N MET A 258 -64.11 -13.15 -13.47
CA MET A 258 -64.21 -13.34 -14.91
C MET A 258 -64.15 -14.80 -15.32
N ALA A 259 -64.23 -15.73 -14.38
CA ALA A 259 -64.13 -17.15 -14.71
C ALA A 259 -65.11 -17.53 -15.82
N LYS A 260 -66.33 -16.99 -15.76
CA LYS A 260 -67.32 -17.31 -16.77
C LYS A 260 -66.91 -16.85 -18.16
N LYS A 261 -66.29 -15.68 -18.26
CA LYS A 261 -65.98 -15.05 -19.55
C LYS A 261 -64.48 -15.09 -19.87
N LYS A 262 -63.81 -16.17 -19.50
CA LYS A 262 -62.37 -16.26 -19.76
C LYS A 262 -62.06 -16.20 -21.25
N SER A 263 -63.02 -16.59 -22.08
CA SER A 263 -62.76 -16.69 -23.52
C SER A 263 -62.36 -15.34 -24.10
N LEU A 264 -63.12 -14.29 -23.76
CA LEU A 264 -62.82 -12.95 -24.26
C LEU A 264 -61.39 -12.59 -23.93
N MET A 265 -61.08 -12.46 -22.63
CA MET A 265 -59.75 -12.03 -22.21
C MET A 265 -58.63 -12.82 -22.88
N ASP A 266 -58.95 -13.98 -23.47
CA ASP A 266 -57.94 -14.83 -24.09
C ASP A 266 -57.00 -15.40 -23.04
N ILE A 267 -57.57 -16.11 -22.07
CA ILE A 267 -56.82 -16.81 -21.04
C ILE A 267 -57.05 -18.30 -21.21
N PRO A 268 -56.07 -19.04 -21.74
CA PRO A 268 -56.26 -20.48 -21.97
C PRO A 268 -56.93 -21.18 -20.81
N GLU A 269 -58.10 -21.77 -21.07
CA GLU A 269 -58.88 -22.45 -20.04
C GLU A 269 -58.00 -23.27 -19.11
N SER A 270 -57.03 -23.99 -19.67
CA SER A 270 -56.15 -24.84 -18.89
C SER A 270 -55.19 -24.06 -18.00
N GLN A 271 -55.26 -22.73 -17.97
CA GLN A 271 -54.36 -21.90 -17.19
C GLN A 271 -55.12 -21.17 -16.09
N ASN A 272 -54.45 -20.96 -14.97
CA ASN A 272 -55.06 -20.39 -13.78
C ASN A 272 -54.22 -19.23 -13.28
N GLU A 273 -54.67 -18.64 -12.17
CA GLU A 273 -54.02 -17.44 -11.63
C GLU A 273 -52.57 -17.68 -11.22
N ARG A 274 -52.10 -18.92 -11.21
CA ARG A 274 -50.73 -19.21 -10.84
C ARG A 274 -49.76 -19.07 -11.99
N ASP A 275 -50.24 -18.91 -13.22
CA ASP A 275 -49.40 -18.81 -14.39
C ASP A 275 -49.11 -17.39 -14.81
N PHE A 276 -49.75 -16.39 -14.19
CA PHE A 276 -49.64 -15.02 -14.62
C PHE A 276 -49.13 -14.13 -13.49
N VAL A 277 -48.64 -12.95 -13.89
CA VAL A 277 -48.24 -11.90 -12.97
C VAL A 277 -48.77 -10.57 -13.50
N LEU A 278 -48.77 -9.58 -12.63
CA LEU A 278 -49.17 -8.23 -13.00
C LEU A 278 -47.93 -7.46 -13.47
N ARG A 279 -48.08 -6.58 -14.46
CA ARG A 279 -46.94 -5.80 -14.93
C ARG A 279 -47.38 -4.40 -15.34
N VAL A 280 -46.73 -3.37 -14.81
CA VAL A 280 -47.04 -2.01 -15.20
C VAL A 280 -47.07 -1.91 -16.71
N CYS A 281 -48.13 -1.33 -17.26
CA CYS A 281 -48.28 -1.21 -18.70
C CYS A 281 -47.19 -0.29 -19.26
N GLY A 282 -46.33 -0.85 -20.10
CA GLY A 282 -45.33 -0.05 -20.78
C GLY A 282 -43.94 -0.24 -20.22
N ARG A 283 -43.84 -0.33 -18.90
CA ARG A 283 -42.57 -0.48 -18.22
C ARG A 283 -42.40 -1.92 -17.74
N ASP A 284 -41.23 -2.17 -17.16
CA ASP A 284 -40.90 -3.47 -16.58
C ASP A 284 -40.84 -3.31 -15.06
N GLU A 285 -42.00 -3.42 -14.41
CA GLU A 285 -42.10 -3.15 -12.97
C GLU A 285 -43.03 -4.14 -12.29
N TYR A 286 -42.86 -5.43 -12.57
CA TYR A 286 -43.74 -6.48 -12.05
C TYR A 286 -44.19 -6.20 -10.62
N LEU A 287 -45.46 -6.43 -10.32
CA LEU A 287 -46.02 -6.29 -8.98
C LEU A 287 -46.26 -7.70 -8.44
N VAL A 288 -45.34 -8.17 -7.59
CA VAL A 288 -45.38 -9.53 -7.06
C VAL A 288 -44.91 -9.52 -5.62
N GLY A 289 -44.99 -10.69 -4.99
CA GLY A 289 -44.56 -10.85 -3.62
C GLY A 289 -45.70 -10.70 -2.63
N GLU A 290 -45.38 -10.99 -1.38
CA GLU A 290 -46.35 -10.89 -0.28
C GLU A 290 -46.23 -9.50 0.32
N THR A 291 -47.04 -8.57 -0.18
CA THR A 291 -47.00 -7.21 0.32
C THR A 291 -48.31 -6.53 -0.02
N PRO A 292 -48.85 -5.66 0.84
CA PRO A 292 -50.07 -4.94 0.48
C PRO A 292 -49.86 -4.08 -0.75
N ILE A 293 -50.93 -3.90 -1.52
CA ILE A 293 -50.86 -3.12 -2.75
C ILE A 293 -50.40 -1.69 -2.49
N LYS A 294 -50.59 -1.19 -1.27
CA LYS A 294 -50.28 0.20 -0.96
C LYS A 294 -48.81 0.44 -0.66
N ASN A 295 -47.96 -0.59 -0.75
CA ASN A 295 -46.56 -0.45 -0.40
C ASN A 295 -45.62 -0.54 -1.59
N PHE A 296 -46.15 -0.62 -2.82
CA PHE A 296 -45.32 -0.58 -4.00
C PHE A 296 -45.09 0.86 -4.40
N GLN A 297 -43.83 1.22 -4.68
CA GLN A 297 -43.53 2.60 -4.98
C GLN A 297 -44.21 3.07 -6.25
N TRP A 298 -44.64 2.15 -7.12
CA TRP A 298 -45.38 2.58 -8.29
C TRP A 298 -46.72 3.12 -7.83
N VAL A 299 -47.51 2.28 -7.16
CA VAL A 299 -48.88 2.65 -6.79
C VAL A 299 -48.86 4.00 -6.10
N ARG A 300 -47.95 4.17 -5.14
CA ARG A 300 -47.81 5.44 -4.45
C ARG A 300 -47.56 6.56 -5.44
N GLN A 301 -46.59 6.38 -6.34
CA GLN A 301 -46.27 7.46 -7.27
C GLN A 301 -47.49 7.84 -8.10
N CYS A 302 -48.23 6.84 -8.57
CA CYS A 302 -49.41 7.10 -9.38
C CYS A 302 -50.48 7.83 -8.58
N LEU A 303 -50.65 7.46 -7.31
CA LEU A 303 -51.59 8.18 -6.46
C LEU A 303 -51.19 9.63 -6.30
N LYS A 304 -49.93 9.87 -5.94
CA LYS A 304 -49.41 11.23 -5.82
C LYS A 304 -49.78 12.07 -7.03
N ASN A 305 -49.54 11.53 -8.23
CA ASN A 305 -49.73 12.28 -9.46
C ASN A 305 -51.16 12.21 -9.98
N GLY A 306 -52.06 11.52 -9.28
CA GLY A 306 -53.44 11.45 -9.71
C GLY A 306 -53.60 10.78 -11.07
N GLU A 307 -52.95 9.65 -11.25
CA GLU A 307 -52.99 8.90 -12.50
C GLU A 307 -53.52 7.51 -12.26
N GLU A 308 -54.26 6.99 -13.24
CA GLU A 308 -54.79 5.64 -13.15
C GLU A 308 -53.67 4.62 -13.15
N ILE A 309 -53.86 3.55 -12.39
CA ILE A 309 -52.90 2.45 -12.33
C ILE A 309 -53.29 1.43 -13.37
N HIS A 310 -52.48 1.29 -14.42
CA HIS A 310 -52.77 0.42 -15.54
C HIS A 310 -51.79 -0.74 -15.52
N LEU A 311 -52.33 -1.96 -15.40
CA LEU A 311 -51.53 -3.16 -15.23
C LEU A 311 -51.96 -4.17 -16.28
N VAL A 312 -51.00 -4.88 -16.86
CA VAL A 312 -51.26 -5.87 -17.89
C VAL A 312 -50.94 -7.24 -17.33
N LEU A 313 -51.76 -8.22 -17.69
CA LEU A 313 -51.47 -9.60 -17.31
C LEU A 313 -50.34 -10.14 -18.19
N ASP A 314 -49.34 -10.75 -17.57
CA ASP A 314 -48.16 -11.20 -18.29
C ASP A 314 -47.70 -12.55 -17.76
N THR A 315 -46.75 -13.14 -18.46
CA THR A 315 -46.12 -14.38 -18.00
C THR A 315 -44.84 -14.05 -17.23
N PRO A 316 -44.53 -14.76 -16.15
CA PRO A 316 -43.33 -14.44 -15.39
C PRO A 316 -42.10 -14.62 -16.24
N PRO A 317 -41.07 -13.80 -16.05
CA PRO A 317 -39.78 -14.08 -16.69
C PRO A 317 -39.22 -15.40 -16.20
N ASP A 318 -38.56 -16.12 -17.10
CA ASP A 318 -37.95 -17.38 -16.73
C ASP A 318 -36.67 -17.13 -15.96
N PRO A 319 -36.52 -17.62 -14.73
CA PRO A 319 -35.27 -17.41 -14.00
C PRO A 319 -34.07 -18.11 -14.62
N ALA A 320 -34.29 -19.01 -15.58
CA ALA A 320 -33.16 -19.66 -16.23
C ALA A 320 -32.32 -18.66 -17.01
N LEU A 321 -32.88 -17.48 -17.32
CA LEU A 321 -32.13 -16.44 -18.00
C LEU A 321 -31.09 -15.80 -17.10
N ASP A 322 -31.09 -16.08 -15.80
CA ASP A 322 -30.15 -15.47 -14.88
C ASP A 322 -29.12 -16.47 -14.36
N GLU A 323 -28.84 -17.52 -15.15
CA GLU A 323 -27.83 -18.47 -14.75
C GLU A 323 -26.45 -17.81 -14.74
N VAL A 324 -25.60 -18.24 -13.82
CA VAL A 324 -24.28 -17.66 -13.62
C VAL A 324 -23.23 -18.67 -14.07
N ARG A 325 -22.24 -18.19 -14.81
CA ARG A 325 -21.15 -19.06 -15.23
C ARG A 325 -20.45 -19.67 -14.03
N LYS A 326 -20.00 -20.91 -14.19
CA LYS A 326 -19.29 -21.59 -13.12
C LYS A 326 -18.05 -20.82 -12.72
N GLU A 327 -17.81 -20.76 -11.41
CA GLU A 327 -16.64 -20.03 -10.90
C GLU A 327 -15.36 -20.61 -11.47
N GLU A 328 -14.40 -19.72 -11.75
CA GLU A 328 -13.14 -20.16 -12.34
C GLU A 328 -12.17 -20.67 -11.28
N TRP A 329 -11.97 -19.90 -10.24
CA TRP A 329 -10.89 -20.19 -9.30
C TRP A 329 -11.39 -21.00 -8.12
N PRO A 330 -10.54 -21.85 -7.54
CA PRO A 330 -10.91 -22.47 -6.27
C PRO A 330 -10.97 -21.44 -5.16
N LEU A 331 -11.80 -21.71 -4.16
CA LEU A 331 -11.93 -20.82 -3.03
C LEU A 331 -10.59 -20.73 -2.28
N VAL A 332 -10.32 -19.55 -1.76
CA VAL A 332 -9.09 -19.29 -1.00
C VAL A 332 -9.40 -19.43 0.47
N ASP A 333 -8.53 -20.13 1.20
CA ASP A 333 -8.74 -20.37 2.62
C ASP A 333 -9.16 -19.10 3.35
N ASP A 334 -10.04 -19.26 4.33
CA ASP A 334 -10.60 -18.12 5.03
C ASP A 334 -9.55 -17.43 5.89
N CYS A 335 -8.86 -18.21 6.73
CA CYS A 335 -7.84 -17.67 7.64
C CYS A 335 -6.58 -17.37 6.84
N THR A 336 -6.66 -16.31 6.03
CA THR A 336 -5.59 -15.94 5.12
C THR A 336 -4.82 -14.71 5.58
N GLY A 337 -5.52 -13.68 6.03
CA GLY A 337 -4.88 -12.47 6.52
C GLY A 337 -4.75 -12.47 8.03
N VAL A 338 -4.71 -13.65 8.64
CA VAL A 338 -4.66 -13.79 10.09
C VAL A 338 -3.23 -14.11 10.50
N THR A 339 -2.73 -13.40 11.51
CA THR A 339 -1.36 -13.51 11.96
C THR A 339 -1.20 -14.27 13.27
N GLY A 340 -2.13 -14.10 14.21
CA GLY A 340 -2.05 -14.73 15.51
C GLY A 340 -1.82 -13.70 16.61
N TYR A 341 -1.69 -14.22 17.82
CA TYR A 341 -1.60 -13.39 19.01
C TYR A 341 -0.14 -13.08 19.34
N HIS A 342 0.04 -12.16 20.28
CA HIS A 342 1.37 -11.69 20.62
C HIS A 342 2.23 -12.80 21.21
N GLU A 343 1.63 -13.65 22.05
CA GLU A 343 2.42 -14.67 22.73
C GLU A 343 3.07 -15.61 21.74
N GLN A 344 2.40 -15.91 20.63
CA GLN A 344 2.98 -16.78 19.64
C GLN A 344 4.08 -16.08 18.85
N LEU A 345 3.92 -14.78 18.60
CA LEU A 345 4.86 -14.04 17.77
C LEU A 345 6.05 -13.49 18.52
N THR A 346 5.93 -13.26 19.82
CA THR A 346 7.01 -12.60 20.54
C THR A 346 8.29 -13.43 20.49
N ILE A 347 9.43 -12.74 20.59
CA ILE A 347 10.72 -13.40 20.59
C ILE A 347 11.22 -13.71 21.99
N HIS A 348 10.51 -13.29 23.03
CA HIS A 348 10.95 -13.55 24.39
C HIS A 348 10.59 -14.97 24.81
N GLY A 349 11.43 -15.55 25.65
CA GLY A 349 11.23 -16.92 26.06
C GLY A 349 11.36 -17.91 24.91
N LYS A 350 12.33 -17.68 24.02
CA LYS A 350 12.59 -18.58 22.92
C LYS A 350 14.09 -18.65 22.70
N ASP A 351 14.50 -19.49 21.75
CA ASP A 351 15.89 -19.61 21.35
C ASP A 351 16.05 -19.06 19.93
N HIS A 352 17.17 -18.36 19.70
CA HIS A 352 17.36 -17.68 18.43
C HIS A 352 17.25 -18.64 17.25
N GLU A 353 17.53 -19.92 17.47
CA GLU A 353 17.41 -20.90 16.41
C GLU A 353 15.95 -21.29 16.16
N SER A 354 15.05 -20.97 17.06
CA SER A 354 13.64 -21.32 16.93
C SER A 354 12.76 -20.11 16.65
N VAL A 355 13.36 -19.01 16.21
CA VAL A 355 12.62 -17.78 15.92
C VAL A 355 12.34 -17.74 14.42
N PHE A 356 11.08 -17.57 14.06
CA PHE A 356 10.67 -17.42 12.67
C PHE A 356 10.01 -16.10 12.37
N THR A 357 9.36 -15.48 13.35
CA THR A 357 8.70 -14.20 13.16
C THR A 357 8.94 -13.33 14.38
N VAL A 358 8.90 -12.02 14.17
CA VAL A 358 9.11 -11.05 15.23
C VAL A 358 7.85 -10.21 15.36
N SER A 359 7.32 -10.10 16.58
CA SER A 359 6.16 -9.27 16.80
C SER A 359 6.50 -7.80 16.63
N LEU A 360 5.55 -7.04 16.11
CA LEU A 360 5.78 -5.61 15.95
C LEU A 360 5.93 -4.92 17.30
N TRP A 361 5.22 -5.41 18.32
CA TRP A 361 5.24 -4.79 19.63
C TRP A 361 6.50 -5.08 20.42
N ASP A 362 7.48 -5.76 19.81
CA ASP A 362 8.77 -5.97 20.46
C ASP A 362 9.82 -4.97 20.03
N CYS A 363 9.51 -4.13 19.04
CA CYS A 363 10.46 -3.14 18.54
C CYS A 363 10.25 -1.83 19.29
N ASP A 364 11.27 -1.39 20.03
CA ASP A 364 11.20 -0.17 20.81
C ASP A 364 12.11 0.92 20.24
N ARG A 365 12.38 0.88 18.94
CA ARG A 365 13.16 1.90 18.28
C ARG A 365 12.26 2.92 17.60
N LYS A 366 12.85 4.04 17.23
CA LYS A 366 12.13 5.11 16.55
C LYS A 366 12.18 4.86 15.05
N PHE A 367 11.02 5.00 14.39
CA PHE A 367 10.94 4.78 12.96
C PHE A 367 12.01 5.58 12.23
N ARG A 368 12.33 5.18 11.00
CA ARG A 368 13.47 5.74 10.29
C ARG A 368 13.30 5.43 8.80
N VAL A 369 13.37 6.47 7.96
CA VAL A 369 13.24 6.30 6.52
C VAL A 369 14.37 7.05 5.80
N LYS A 370 14.91 6.45 4.73
CA LYS A 370 15.99 7.09 3.97
C LYS A 370 15.44 7.69 2.69
N ILE A 371 15.69 8.99 2.51
CA ILE A 371 15.33 9.71 1.30
C ILE A 371 16.56 9.73 0.41
N ARG A 372 16.53 8.97 -0.70
CA ARG A 372 17.69 8.94 -1.58
C ARG A 372 17.72 10.15 -2.53
N GLY A 373 16.56 10.53 -3.07
CA GLY A 373 16.56 11.62 -4.02
C GLY A 373 15.24 11.72 -4.76
N ILE A 374 15.14 12.79 -5.55
CA ILE A 374 14.00 13.03 -6.44
C ILE A 374 14.53 13.28 -7.84
N ASP A 375 13.64 13.08 -8.82
CA ASP A 375 14.04 13.18 -10.22
C ASP A 375 12.86 13.25 -11.18
N ILE A 376 12.81 14.28 -12.01
CA ILE A 376 11.81 14.42 -13.06
C ILE A 376 12.52 14.59 -14.40
N PRO A 377 11.96 14.08 -15.50
CA PRO A 377 12.65 14.24 -16.80
C PRO A 377 12.85 15.69 -17.22
N VAL A 378 11.89 16.57 -16.95
CA VAL A 378 11.96 17.95 -17.40
C VAL A 378 11.39 18.85 -16.32
N LEU A 379 12.05 19.98 -16.08
CA LEU A 379 11.60 20.89 -15.03
C LEU A 379 10.23 21.46 -15.40
N PRO A 380 9.32 21.59 -14.43
CA PRO A 380 7.99 22.10 -14.75
C PRO A 380 7.96 23.60 -14.94
N ARG A 381 8.74 24.31 -14.13
CA ARG A 381 8.81 25.77 -14.18
C ARG A 381 10.26 26.19 -14.22
N THR A 382 10.52 27.30 -14.91
CA THR A 382 11.87 27.82 -15.12
C THR A 382 12.08 29.00 -14.19
N ALA A 383 12.95 28.83 -13.20
CA ALA A 383 13.32 29.89 -12.27
C ALA A 383 14.36 29.32 -11.32
N ASP A 384 14.93 30.19 -10.50
CA ASP A 384 15.85 29.77 -9.45
C ASP A 384 15.03 29.49 -8.20
N LEU A 385 14.83 28.21 -7.91
CA LEU A 385 13.94 27.77 -6.85
C LEU A 385 14.66 26.75 -5.99
N THR A 386 14.21 26.63 -4.74
CA THR A 386 14.71 25.65 -3.80
C THR A 386 13.60 24.65 -3.52
N VAL A 387 13.95 23.39 -3.34
CA VAL A 387 12.95 22.37 -3.05
C VAL A 387 13.38 21.58 -1.82
N PHE A 388 12.39 21.01 -1.13
CA PHE A 388 12.70 20.12 -0.03
C PHE A 388 11.56 19.11 0.12
N VAL A 389 11.88 18.00 0.78
CA VAL A 389 10.95 16.89 0.97
C VAL A 389 10.48 16.90 2.40
N GLU A 390 9.18 16.69 2.59
CA GLU A 390 8.56 16.58 3.90
C GLU A 390 7.93 15.20 4.01
N ALA A 391 8.27 14.49 5.09
CA ALA A 391 7.65 13.21 5.40
C ALA A 391 6.79 13.37 6.64
N ASN A 392 5.59 12.78 6.60
CA ASN A 392 4.70 12.79 7.74
C ASN A 392 4.09 11.43 7.92
N ILE A 393 4.07 10.94 9.15
CA ILE A 393 3.22 9.80 9.45
C ILE A 393 1.81 10.36 9.46
N GLN A 394 0.82 9.54 9.19
CA GLN A 394 -0.55 10.06 9.14
C GLN A 394 -1.53 8.95 9.43
N TYR A 395 -2.57 9.32 10.19
CA TYR A 395 -3.69 8.42 10.51
C TYR A 395 -4.96 9.19 10.22
N GLY A 396 -5.61 8.88 9.10
CA GLY A 396 -6.83 9.57 8.75
C GLY A 396 -6.52 10.95 8.23
N GLN A 397 -6.76 11.96 9.06
CA GLN A 397 -6.35 13.32 8.77
C GLN A 397 -5.43 13.86 9.86
N GLN A 398 -4.93 12.99 10.73
CA GLN A 398 -4.10 13.41 11.83
C GLN A 398 -2.63 13.19 11.49
N VAL A 399 -1.83 14.23 11.72
CA VAL A 399 -0.40 14.19 11.43
C VAL A 399 0.34 13.77 12.69
N LEU A 400 0.59 12.48 12.83
CA LEU A 400 1.24 11.95 14.02
C LEU A 400 2.59 12.63 14.22
N CYS A 401 3.51 12.46 13.26
CA CYS A 401 4.82 13.09 13.37
C CYS A 401 5.13 13.90 12.11
N GLN A 402 6.35 14.43 12.01
CA GLN A 402 6.73 15.19 10.84
C GLN A 402 8.23 15.49 10.81
N ARG A 403 8.87 15.19 9.69
CA ARG A 403 10.27 15.55 9.46
C ARG A 403 10.43 16.11 8.06
N ARG A 404 11.50 16.88 7.86
CA ARG A 404 11.75 17.46 6.56
C ARG A 404 13.25 17.67 6.39
N THR A 405 13.67 17.80 5.13
CA THR A 405 15.08 17.92 4.78
C THR A 405 15.43 19.36 4.46
N SER A 406 16.73 19.62 4.40
CA SER A 406 17.21 20.97 4.09
C SER A 406 16.94 21.28 2.62
N PRO A 407 16.67 22.55 2.29
CA PRO A 407 16.41 22.90 0.89
C PRO A 407 17.66 22.76 0.04
N LYS A 408 17.44 22.54 -1.25
CA LYS A 408 18.49 22.49 -2.24
C LYS A 408 17.97 23.10 -3.53
N PRO A 409 18.87 23.60 -4.39
CA PRO A 409 18.41 24.18 -5.66
C PRO A 409 17.67 23.14 -6.50
N PHE A 410 16.61 23.59 -7.17
CA PHE A 410 15.70 22.70 -7.89
C PHE A 410 16.26 22.43 -9.28
N THR A 411 17.15 21.45 -9.35
CA THR A 411 17.63 20.95 -10.63
C THR A 411 16.70 19.82 -11.09
N GLU A 412 17.11 19.12 -12.16
CA GLU A 412 16.32 18.01 -12.65
C GLU A 412 16.54 16.71 -11.87
N GLU A 413 17.53 16.68 -10.99
CA GLU A 413 17.77 15.51 -10.15
C GLU A 413 18.43 15.97 -8.88
N VAL A 414 17.78 15.73 -7.75
CA VAL A 414 18.26 16.18 -6.44
C VAL A 414 18.54 14.95 -5.61
N LEU A 415 19.69 14.94 -4.94
CA LEU A 415 20.16 13.78 -4.18
C LEU A 415 20.41 14.19 -2.75
N TRP A 416 19.77 13.49 -1.81
CA TRP A 416 19.91 13.76 -0.39
C TRP A 416 20.62 12.62 0.34
N ASN A 417 20.10 11.39 0.23
CA ASN A 417 20.63 10.26 0.99
C ASN A 417 20.66 10.59 2.48
N VAL A 418 19.49 10.86 3.03
CA VAL A 418 19.36 11.35 4.40
C VAL A 418 18.40 10.46 5.17
N TRP A 419 18.78 10.10 6.40
CA TRP A 419 17.92 9.30 7.27
C TRP A 419 17.05 10.23 8.11
N LEU A 420 15.75 10.16 7.90
CA LEU A 420 14.77 10.93 8.65
C LEU A 420 14.24 10.07 9.79
N GLU A 421 14.38 10.57 11.01
CA GLU A 421 14.00 9.84 12.22
C GLU A 421 12.77 10.48 12.83
N PHE A 422 11.79 9.66 13.19
CA PHE A 422 10.51 10.13 13.71
C PHE A 422 10.41 9.82 15.19
N SER A 423 9.77 10.72 15.94
CA SER A 423 9.63 10.52 17.38
C SER A 423 8.83 9.27 17.71
N ILE A 424 8.01 8.79 16.78
CA ILE A 424 7.13 7.66 17.08
C ILE A 424 7.96 6.37 17.11
N LYS A 425 7.64 5.50 18.05
CA LYS A 425 8.31 4.22 18.14
C LYS A 425 7.69 3.22 17.16
N ILE A 426 8.48 2.20 16.81
CA ILE A 426 8.01 1.24 15.81
C ILE A 426 6.88 0.39 16.36
N LYS A 427 6.77 0.24 17.67
CA LYS A 427 5.72 -0.60 18.21
C LYS A 427 4.38 0.12 18.27
N ASP A 428 4.39 1.44 18.24
CA ASP A 428 3.16 2.22 18.35
C ASP A 428 2.51 2.49 17.00
N LEU A 429 3.07 2.00 15.92
CA LEU A 429 2.47 2.21 14.62
C LEU A 429 1.11 1.53 14.57
N PRO A 430 0.05 2.21 14.15
CA PRO A 430 -1.27 1.56 14.06
C PRO A 430 -1.49 0.96 12.69
N LYS A 431 -2.49 0.10 12.56
CA LYS A 431 -2.72 -0.63 11.31
C LYS A 431 -2.70 0.30 10.11
N GLY A 432 -3.64 1.22 10.03
CA GLY A 432 -3.71 2.10 8.87
C GLY A 432 -2.96 3.41 9.02
N ALA A 433 -1.63 3.37 9.02
CA ALA A 433 -0.83 4.57 8.94
C ALA A 433 -0.45 4.79 7.48
N LEU A 434 0.07 5.98 7.16
CA LEU A 434 0.40 6.26 5.77
C LEU A 434 1.53 7.26 5.68
N LEU A 435 2.74 6.80 5.34
CA LEU A 435 3.82 7.76 5.16
C LEU A 435 3.45 8.66 3.99
N ASN A 436 3.35 9.96 4.27
CA ASN A 436 2.89 10.96 3.29
C ASN A 436 4.04 11.81 2.77
N LEU A 437 4.63 11.43 1.65
CA LEU A 437 5.81 12.13 1.15
C LEU A 437 5.36 13.29 0.27
N GLN A 438 5.89 14.49 0.55
CA GLN A 438 5.45 15.70 -0.15
C GLN A 438 6.65 16.53 -0.56
N ILE A 439 6.57 17.14 -1.73
CA ILE A 439 7.66 17.98 -2.25
C ILE A 439 7.22 19.43 -2.22
N TYR A 440 7.94 20.25 -1.47
CA TYR A 440 7.61 21.66 -1.32
C TYR A 440 8.65 22.51 -2.06
N CYS A 441 8.17 23.55 -2.73
CA CYS A 441 9.00 24.48 -3.48
C CYS A 441 8.97 25.85 -2.82
N GLY A 442 10.15 26.45 -2.69
CA GLY A 442 10.27 27.80 -2.17
C GLY A 442 11.00 28.68 -3.16
N LYS A 443 10.63 29.95 -3.17
CA LYS A 443 11.25 30.93 -4.06
C LYS A 443 12.61 31.33 -3.53
N ALA A 444 13.61 31.31 -4.41
CA ALA A 444 14.97 31.69 -4.04
C ALA A 444 15.47 30.86 -2.86
N LYS A 463 6.79 31.92 1.47
CA LYS A 463 6.43 30.61 1.99
C LYS A 463 6.87 29.51 1.03
N ALA A 464 6.25 28.35 1.15
CA ALA A 464 6.50 27.22 0.27
C ALA A 464 5.17 26.74 -0.32
N GLN A 465 5.22 26.30 -1.57
CA GLN A 465 4.05 25.83 -2.29
C GLN A 465 4.19 24.34 -2.56
N LEU A 466 3.16 23.58 -2.21
CA LEU A 466 3.19 22.14 -2.39
C LEU A 466 3.06 21.80 -3.87
N LEU A 467 3.93 20.91 -4.36
CA LEU A 467 3.93 20.54 -5.77
C LEU A 467 3.47 19.11 -5.98
N TYR A 468 4.15 18.13 -5.37
CA TYR A 468 3.81 16.73 -5.58
C TYR A 468 3.59 16.04 -4.24
N TYR A 469 2.80 14.97 -4.28
CA TYR A 469 2.47 14.21 -3.08
C TYR A 469 2.32 12.75 -3.45
N VAL A 470 2.69 11.87 -2.52
CA VAL A 470 2.45 10.44 -2.68
C VAL A 470 2.32 9.81 -1.30
N ASN A 471 1.61 8.69 -1.23
CA ASN A 471 1.33 8.02 0.03
C ASN A 471 1.79 6.59 -0.07
N LEU A 472 2.35 6.08 1.03
CA LEU A 472 2.76 4.68 1.09
C LEU A 472 2.31 4.08 2.41
N LEU A 473 1.51 3.03 2.35
CA LEU A 473 1.10 2.35 3.56
C LEU A 473 2.33 1.84 4.31
N LEU A 474 2.19 1.69 5.62
CA LEU A 474 3.28 1.20 6.46
C LEU A 474 2.96 -0.15 7.09
N ILE A 475 1.82 -0.74 6.74
CA ILE A 475 1.51 -2.11 7.10
C ILE A 475 0.65 -2.67 5.99
N ASP A 476 1.12 -3.75 5.35
CA ASP A 476 0.45 -4.26 4.18
C ASP A 476 -0.81 -5.02 4.59
N HIS A 477 -1.52 -5.54 3.59
CA HIS A 477 -2.77 -6.23 3.84
C HIS A 477 -2.58 -7.55 4.54
N ARG A 478 -1.34 -8.04 4.65
CA ARG A 478 -1.05 -9.28 5.33
C ARG A 478 -0.53 -9.08 6.75
N PHE A 479 -0.62 -7.86 7.28
CA PHE A 479 -0.16 -7.56 8.63
C PHE A 479 1.35 -7.72 8.74
N LEU A 480 2.07 -7.09 7.82
CA LEU A 480 3.52 -7.13 7.83
C LEU A 480 4.07 -5.73 7.58
N LEU A 481 5.24 -5.47 8.15
CA LEU A 481 5.88 -4.18 8.00
C LEU A 481 6.66 -4.13 6.70
N ARG A 482 6.52 -3.00 5.99
CA ARG A 482 7.21 -2.85 4.73
C ARG A 482 8.72 -2.71 4.94
N HIS A 483 9.47 -3.00 3.88
CA HIS A 483 10.93 -2.95 3.95
C HIS A 483 11.49 -2.83 2.56
N GLY A 484 12.76 -2.45 2.49
CA GLY A 484 13.46 -2.41 1.23
C GLY A 484 13.37 -1.07 0.52
N GLU A 485 13.92 -1.04 -0.68
CA GLU A 485 13.90 0.15 -1.50
C GLU A 485 12.56 0.31 -2.19
N TYR A 486 12.20 1.56 -2.48
CA TYR A 486 10.98 1.86 -3.21
C TYR A 486 11.22 3.04 -4.12
N VAL A 487 10.61 3.00 -5.31
CA VAL A 487 10.64 4.09 -6.27
C VAL A 487 9.19 4.40 -6.62
N LEU A 488 8.68 5.52 -6.13
CA LEU A 488 7.26 5.81 -6.24
C LEU A 488 7.05 7.05 -7.10
N HIS A 489 6.04 6.97 -7.97
CA HIS A 489 5.75 8.03 -8.93
C HIS A 489 4.70 8.95 -8.33
N MET A 490 5.02 10.23 -8.23
CA MET A 490 4.22 11.16 -7.45
C MET A 490 3.11 11.78 -8.30
N TRP A 491 2.02 12.14 -7.63
CA TRP A 491 0.96 12.91 -8.26
C TRP A 491 1.36 14.37 -8.31
N GLN A 492 0.47 15.20 -8.85
CA GLN A 492 0.74 16.63 -9.03
C GLN A 492 -0.46 17.43 -8.55
N LEU A 493 -0.21 18.38 -7.66
CA LEU A 493 -1.29 19.21 -7.11
C LEU A 493 -1.69 20.25 -8.15
N SER A 494 -2.55 19.83 -9.08
CA SER A 494 -3.09 20.72 -10.08
C SER A 494 -4.32 21.41 -9.53
N GLY A 495 -4.35 22.73 -9.64
CA GLY A 495 -5.44 23.52 -9.11
C GLY A 495 -5.02 24.43 -7.98
N GLY A 501 -7.52 25.58 -0.24
CA GLY A 501 -7.90 24.25 0.19
C GLY A 501 -6.84 23.59 1.03
N SER A 502 -7.23 22.59 1.82
CA SER A 502 -6.28 21.90 2.69
C SER A 502 -6.39 20.39 2.59
N PHE A 503 -7.57 19.88 2.23
CA PHE A 503 -7.76 18.43 2.21
C PHE A 503 -8.72 18.03 1.10
N ASN A 504 -8.47 16.85 0.54
CA ASN A 504 -9.32 16.25 -0.47
C ASN A 504 -9.17 14.74 -0.38
N ALA A 505 -10.13 14.02 -0.94
CA ALA A 505 -10.01 12.56 -0.92
C ALA A 505 -8.87 12.10 -1.82
N ASP A 506 -8.67 12.80 -2.94
CA ASP A 506 -7.62 12.44 -3.87
C ASP A 506 -6.25 12.33 -3.20
N LYS A 507 -6.10 12.92 -2.02
CA LYS A 507 -4.81 13.01 -1.35
C LYS A 507 -4.58 11.88 -0.37
N LEU A 508 -5.52 10.94 -0.26
CA LEU A 508 -5.34 9.77 0.58
C LEU A 508 -5.01 8.51 -0.19
N THR A 509 -5.31 8.48 -1.49
CA THR A 509 -5.04 7.31 -2.31
C THR A 509 -3.64 6.78 -2.06
N SER A 510 -3.52 5.47 -2.03
CA SER A 510 -2.23 4.80 -1.92
C SER A 510 -1.69 4.34 -3.26
N ALA A 511 -2.40 4.62 -4.34
CA ALA A 511 -1.95 4.22 -5.67
C ALA A 511 -0.95 5.24 -6.21
N THR A 512 -0.06 4.76 -7.09
CA THR A 512 0.94 5.61 -7.69
C THR A 512 0.45 6.12 -9.05
N ASN A 513 1.16 7.10 -9.58
CA ASN A 513 0.77 7.70 -10.84
C ASN A 513 0.98 6.70 -11.98
N PRO A 514 -0.03 6.42 -12.78
CA PRO A 514 0.18 5.48 -13.90
C PRO A 514 1.25 5.94 -14.87
N ASP A 515 1.34 7.24 -15.13
CA ASP A 515 2.29 7.77 -16.11
C ASP A 515 3.69 7.67 -15.54
N LYS A 516 4.44 6.66 -15.97
CA LYS A 516 5.77 6.38 -15.44
C LYS A 516 6.89 7.00 -16.26
N GLU A 517 6.55 7.79 -17.28
CA GLU A 517 7.58 8.34 -18.17
C GLU A 517 7.75 9.84 -18.06
N ASN A 518 6.77 10.57 -17.54
CA ASN A 518 6.85 12.03 -17.50
C ASN A 518 6.50 12.59 -16.11
N SER A 519 6.60 11.76 -15.07
CA SER A 519 6.22 12.17 -13.73
C SER A 519 7.43 12.16 -12.82
N MET A 520 7.32 12.90 -11.72
CA MET A 520 8.37 12.92 -10.73
C MET A 520 8.35 11.63 -9.92
N SER A 521 9.54 11.17 -9.53
CA SER A 521 9.68 9.94 -8.78
C SER A 521 10.54 10.19 -7.56
N ILE A 522 10.11 9.67 -6.41
CA ILE A 522 10.86 9.71 -5.17
C ILE A 522 11.37 8.30 -4.86
N SER A 523 12.68 8.18 -4.65
CA SER A 523 13.29 6.94 -4.21
C SER A 523 13.52 6.97 -2.69
N ILE A 524 12.87 6.05 -1.98
CA ILE A 524 13.03 5.92 -0.55
C ILE A 524 13.66 4.56 -0.25
N LEU A 525 14.03 4.37 1.01
CA LEU A 525 14.55 3.09 1.47
C LEU A 525 14.16 2.86 2.92
N LEU A 526 13.34 1.84 3.17
CA LEU A 526 13.00 1.38 4.51
C LEU A 526 13.91 0.22 4.89
N ASP A 527 14.16 0.09 6.19
CA ASP A 527 15.12 -0.88 6.69
C ASP A 527 14.71 -2.31 6.34
N ASN A 528 15.69 -3.21 6.43
CA ASN A 528 15.48 -4.64 6.27
C ASN A 528 15.76 -5.37 7.58
N TYR A 529 15.06 -6.47 7.79
CA TYR A 529 15.16 -7.24 9.02
C TYR A 529 15.36 -8.71 8.70
N CYS A 530 15.93 -9.43 9.67
CA CYS A 530 16.20 -10.85 9.47
C CYS A 530 14.91 -11.63 9.24
N HIS A 531 13.88 -11.34 10.01
CA HIS A 531 12.63 -12.08 9.97
C HIS A 531 11.48 -11.14 9.70
N PRO A 532 10.38 -11.63 9.14
CA PRO A 532 9.21 -10.77 8.95
C PRO A 532 8.73 -10.21 10.28
N ILE A 533 8.31 -8.95 10.25
CA ILE A 533 7.77 -8.28 11.42
C ILE A 533 6.26 -8.15 11.22
N ALA A 534 5.50 -8.79 12.08
CA ALA A 534 4.05 -8.86 11.94
C ALA A 534 3.37 -8.13 13.09
N LEU A 535 2.21 -7.56 12.79
CA LEU A 535 1.41 -6.87 13.78
C LEU A 535 0.50 -7.89 14.45
N PRO A 536 0.66 -8.15 15.75
CA PRO A 536 -0.19 -9.17 16.38
C PRO A 536 -1.66 -8.81 16.33
N LYS A 537 -2.51 -9.69 16.83
CA LYS A 537 -3.95 -9.48 16.87
C LYS A 537 -4.38 -9.33 18.33
N HIS A 538 -5.18 -8.30 18.60
CA HIS A 538 -5.58 -8.02 19.97
C HIS A 538 -6.37 -9.19 20.54
N ARG A 539 -5.89 -9.73 21.66
CA ARG A 539 -6.54 -10.87 22.27
C ARG A 539 -7.80 -10.41 23.00
N PRO A 540 -8.95 -11.06 22.76
CA PRO A 540 -10.19 -10.62 23.41
C PRO A 540 -10.28 -11.09 24.85
N THR A 541 -9.70 -10.35 25.79
CA THR A 541 -9.64 -10.76 27.17
C THR A 541 -10.58 -9.93 28.03
N PRO A 542 -11.12 -10.49 29.11
CA PRO A 542 -12.01 -9.71 29.97
C PRO A 542 -11.30 -8.49 30.53
N ASP A 543 -12.04 -7.39 30.61
CA ASP A 543 -11.46 -6.15 31.11
C ASP A 543 -11.80 -5.95 32.58
N PRO A 544 -10.89 -5.42 33.39
CA PRO A 544 -11.19 -5.22 34.81
C PRO A 544 -12.39 -4.33 35.04
N GLU A 545 -12.33 -3.10 34.53
CA GLU A 545 -13.41 -2.15 34.70
C GLU A 545 -14.68 -2.61 33.98
N VAL A 549 -14.81 -1.73 39.73
CA VAL A 549 -15.80 -1.03 38.92
C VAL A 549 -15.69 0.47 39.24
N ARG A 550 -16.83 1.17 39.28
CA ARG A 550 -16.86 2.61 39.45
C ARG A 550 -18.14 2.98 40.19
N ALA A 551 -18.50 4.25 40.16
CA ALA A 551 -19.72 4.73 40.81
C ALA A 551 -20.17 5.99 40.10
N GLU A 552 -21.17 6.66 40.67
CA GLU A 552 -21.76 7.84 40.04
C GLU A 552 -20.71 8.92 39.81
N MET A 553 -21.03 9.82 38.88
CA MET A 553 -20.18 10.95 38.54
C MET A 553 -20.70 12.22 39.20
N PRO A 554 -19.82 13.14 39.58
CA PRO A 554 -20.31 14.44 40.10
C PRO A 554 -21.27 15.09 39.13
N ASN A 555 -22.39 15.58 39.66
CA ASN A 555 -23.43 16.14 38.82
C ASN A 555 -22.97 17.37 38.04
N GLN A 556 -21.76 17.86 38.30
CA GLN A 556 -21.16 18.91 37.48
C GLN A 556 -20.45 18.31 36.27
N LEU A 557 -19.67 17.24 36.51
CA LEU A 557 -18.96 16.61 35.40
C LEU A 557 -19.92 15.92 34.45
N ARG A 558 -21.02 15.36 34.96
CA ARG A 558 -22.00 14.76 34.07
C ARG A 558 -22.64 15.82 33.17
N LYS A 559 -22.97 16.97 33.75
CA LYS A 559 -23.54 18.04 32.93
C LYS A 559 -22.55 18.53 31.89
N GLN A 560 -21.27 18.64 32.28
CA GLN A 560 -20.26 19.05 31.30
C GLN A 560 -20.14 18.04 30.18
N LEU A 561 -20.16 16.75 30.51
CA LEU A 561 -20.06 15.72 29.48
C LEU A 561 -21.27 15.77 28.56
N GLU A 562 -22.47 15.93 29.12
CA GLU A 562 -23.66 16.00 28.28
C GLU A 562 -23.61 17.22 27.37
N ALA A 563 -23.11 18.34 27.87
CA ALA A 563 -22.95 19.51 27.02
C ALA A 563 -21.99 19.23 25.89
N ILE A 564 -20.90 18.51 26.18
CA ILE A 564 -19.95 18.16 25.12
C ILE A 564 -20.63 17.31 24.07
N ILE A 565 -21.44 16.34 24.50
CA ILE A 565 -22.04 15.40 23.55
C ILE A 565 -23.05 16.11 22.65
N ALA A 566 -23.75 17.12 23.15
CA ALA A 566 -24.87 17.69 22.43
C ALA A 566 -24.45 18.68 21.34
N THR A 567 -23.15 18.88 21.13
CA THR A 567 -22.70 19.83 20.13
C THR A 567 -22.79 19.22 18.72
N ASP A 568 -22.74 20.10 17.73
CA ASP A 568 -22.84 19.67 16.34
C ASP A 568 -21.60 18.88 15.94
N PRO A 569 -21.69 18.10 14.86
CA PRO A 569 -20.56 17.24 14.49
C PRO A 569 -19.28 17.98 14.17
N LEU A 570 -19.36 19.26 13.80
CA LEU A 570 -18.20 20.00 13.35
C LEU A 570 -17.55 20.82 14.46
N ASN A 571 -18.09 20.79 15.66
CA ASN A 571 -17.52 21.57 16.75
C ASN A 571 -16.20 20.95 17.18
N PRO A 572 -15.08 21.67 17.14
CA PRO A 572 -13.81 21.07 17.55
C PRO A 572 -13.77 20.82 19.04
N LEU A 573 -12.94 19.85 19.42
CA LEU A 573 -12.80 19.42 20.81
C LEU A 573 -11.47 19.92 21.38
N THR A 574 -11.53 20.55 22.53
CA THR A 574 -10.32 20.96 23.23
C THR A 574 -9.71 19.77 23.95
N ALA A 575 -8.42 19.90 24.28
CA ALA A 575 -7.72 18.82 24.95
C ALA A 575 -8.44 18.40 26.23
N GLU A 576 -9.01 19.37 26.95
CA GLU A 576 -9.77 19.02 28.15
C GLU A 576 -10.97 18.15 27.81
N ASP A 577 -11.64 18.44 26.71
CA ASP A 577 -12.77 17.60 26.29
C ASP A 577 -12.31 16.19 25.99
N LYS A 578 -11.15 16.05 25.32
CA LYS A 578 -10.64 14.73 25.01
C LYS A 578 -10.32 13.97 26.29
N GLU A 579 -9.67 14.63 27.24
CA GLU A 579 -9.32 13.97 28.49
C GLU A 579 -10.57 13.57 29.26
N LEU A 580 -11.58 14.43 29.28
CA LEU A 580 -12.81 14.09 29.98
C LEU A 580 -13.50 12.90 29.34
N LEU A 581 -13.58 12.89 28.01
CA LEU A 581 -14.23 11.77 27.32
C LEU A 581 -13.49 10.47 27.56
N TRP A 582 -12.16 10.49 27.50
CA TRP A 582 -11.40 9.27 27.73
C TRP A 582 -11.36 8.84 29.18
N HIS A 583 -11.56 9.75 30.12
CA HIS A 583 -11.58 9.35 31.52
C HIS A 583 -12.87 8.60 31.85
N PHE A 584 -14.02 9.20 31.50
CA PHE A 584 -15.31 8.54 31.70
C PHE A 584 -15.75 7.89 30.40
N ARG A 585 -14.91 7.00 29.89
CA ARG A 585 -15.19 6.34 28.62
C ARG A 585 -16.19 5.20 28.75
N TYR A 586 -16.57 4.84 29.97
CA TYR A 586 -17.60 3.82 30.17
C TYR A 586 -18.98 4.42 30.39
N GLU A 587 -19.07 5.68 30.80
CA GLU A 587 -20.35 6.35 30.84
C GLU A 587 -20.78 6.80 29.45
N SER A 588 -19.82 7.19 28.61
CA SER A 588 -20.14 7.61 27.26
C SER A 588 -20.64 6.45 26.42
N LEU A 589 -20.23 5.22 26.75
CA LEU A 589 -20.62 4.08 25.93
C LEU A 589 -22.09 3.80 26.01
N LYS A 590 -22.79 4.32 27.02
CA LYS A 590 -24.21 4.09 27.15
C LYS A 590 -25.04 4.95 26.20
N ASP A 591 -24.45 5.98 25.62
CA ASP A 591 -25.17 6.86 24.70
C ASP A 591 -24.62 6.67 23.29
N PRO A 592 -25.40 6.13 22.35
CA PRO A 592 -24.86 5.95 21.00
C PRO A 592 -24.35 7.22 20.36
N LYS A 593 -25.04 8.34 20.58
CA LYS A 593 -24.68 9.58 19.89
C LYS A 593 -23.29 10.08 20.25
N ALA A 594 -22.69 9.57 21.31
CA ALA A 594 -21.35 10.01 21.71
C ALA A 594 -20.26 9.19 21.05
N TYR A 595 -20.62 8.18 20.27
CA TYR A 595 -19.59 7.34 19.66
C TYR A 595 -18.70 8.11 18.70
N PRO A 596 -19.22 8.97 17.82
CA PRO A 596 -18.33 9.66 16.88
C PRO A 596 -17.36 10.62 17.55
N LYS A 597 -17.65 11.05 18.77
CA LYS A 597 -16.74 11.92 19.50
C LYS A 597 -15.86 11.17 20.47
N LEU A 598 -16.33 10.03 20.97
CA LEU A 598 -15.54 9.26 21.91
C LEU A 598 -14.38 8.56 21.22
N PHE A 599 -14.48 8.33 19.91
CA PHE A 599 -13.41 7.68 19.16
C PHE A 599 -12.49 8.70 18.49
N SER A 600 -12.82 9.98 18.55
CA SER A 600 -11.91 11.02 18.11
C SER A 600 -10.95 11.45 19.20
N SER A 601 -11.17 11.03 20.44
CA SER A 601 -10.33 11.37 21.58
C SER A 601 -9.34 10.26 21.91
N VAL A 602 -9.23 9.26 21.06
CA VAL A 602 -8.32 8.15 21.30
C VAL A 602 -6.97 8.48 20.70
N LYS A 603 -5.92 8.35 21.50
CA LYS A 603 -4.56 8.60 21.03
C LYS A 603 -4.11 7.37 20.25
N TRP A 604 -4.33 7.40 18.93
CA TRP A 604 -4.01 6.25 18.10
C TRP A 604 -2.51 6.05 17.94
N GLY A 605 -1.69 6.90 18.54
CA GLY A 605 -0.26 6.77 18.49
C GLY A 605 0.34 5.98 19.64
N GLN A 606 -0.48 5.33 20.46
CA GLN A 606 0.00 4.54 21.58
C GLN A 606 -0.70 3.20 21.59
N GLN A 607 0.09 2.13 21.62
CA GLN A 607 -0.48 0.78 21.54
C GLN A 607 -1.35 0.48 22.76
N GLU A 608 -0.95 0.96 23.93
CA GLU A 608 -1.70 0.65 25.14
C GLU A 608 -3.12 1.21 25.06
N ILE A 609 -3.29 2.40 24.47
CA ILE A 609 -4.62 2.98 24.44
C ILE A 609 -5.45 2.37 23.33
N VAL A 610 -4.81 1.66 22.40
CA VAL A 610 -5.56 0.96 21.38
C VAL A 610 -6.05 -0.36 21.95
N ALA A 611 -5.18 -1.06 22.68
CA ALA A 611 -5.63 -2.29 23.30
C ALA A 611 -6.63 -2.01 24.40
N LYS A 612 -6.64 -0.80 24.97
CA LYS A 612 -7.72 -0.42 25.87
C LYS A 612 -8.97 0.03 25.13
N THR A 613 -8.85 0.40 23.86
CA THR A 613 -10.04 0.75 23.09
C THR A 613 -10.73 -0.47 22.51
N TYR A 614 -9.96 -1.52 22.22
CA TYR A 614 -10.58 -2.75 21.73
C TYR A 614 -11.32 -3.47 22.85
N GLN A 615 -10.78 -3.42 24.07
CA GLN A 615 -11.49 -4.01 25.20
C GLN A 615 -12.76 -3.26 25.53
N LEU A 616 -12.91 -2.04 25.03
CA LEU A 616 -14.13 -1.28 25.22
C LEU A 616 -15.11 -1.53 24.09
N LEU A 617 -14.61 -1.56 22.86
CA LEU A 617 -15.46 -1.90 21.73
C LEU A 617 -15.99 -3.32 21.83
N ALA A 618 -15.34 -4.19 22.62
CA ALA A 618 -15.80 -5.58 22.70
C ALA A 618 -17.10 -5.72 23.47
N LYS A 619 -17.49 -4.74 24.28
CA LYS A 619 -18.75 -4.74 25.00
C LYS A 619 -19.68 -3.76 24.30
N ARG A 620 -20.40 -4.26 23.29
CA ARG A 620 -21.13 -3.39 22.38
C ARG A 620 -22.63 -3.68 22.43
N GLU A 621 -23.18 -3.82 23.63
CA GLU A 621 -24.58 -4.18 23.77
C GLU A 621 -25.50 -3.01 23.40
N VAL A 622 -25.19 -1.82 23.89
CA VAL A 622 -26.09 -0.69 23.66
C VAL A 622 -26.10 -0.31 22.20
N TRP A 623 -24.95 -0.35 21.54
CA TRP A 623 -24.89 -0.02 20.13
C TRP A 623 -25.69 -1.01 19.31
N ASP A 624 -25.60 -2.29 19.66
CA ASP A 624 -26.34 -3.32 18.94
C ASP A 624 -27.85 -3.14 19.14
N GLN A 625 -28.26 -2.82 20.36
CA GLN A 625 -29.69 -2.68 20.63
C GLN A 625 -30.26 -1.34 20.22
N SER A 626 -29.41 -0.37 19.92
CA SER A 626 -29.90 0.96 19.56
C SER A 626 -30.57 0.94 18.19
N ALA A 627 -31.56 1.81 18.03
CA ALA A 627 -32.21 1.96 16.75
C ALA A 627 -31.24 2.55 15.73
N LEU A 628 -31.55 2.34 14.45
CA LEU A 628 -30.65 2.76 13.39
C LEU A 628 -30.85 4.23 13.07
N ASP A 629 -29.74 4.97 13.04
CA ASP A 629 -29.72 6.35 12.59
C ASP A 629 -28.66 6.46 11.49
N VAL A 630 -29.09 6.83 10.29
CA VAL A 630 -28.14 6.90 9.19
C VAL A 630 -27.22 8.10 9.32
N GLY A 631 -27.63 9.13 10.06
CA GLY A 631 -26.82 10.32 10.18
C GLY A 631 -25.67 10.14 11.14
N LEU A 632 -25.73 9.12 11.97
CA LEU A 632 -24.69 8.79 12.92
C LEU A 632 -23.77 7.73 12.35
N THR A 633 -24.35 6.76 11.65
CA THR A 633 -23.58 5.68 11.07
C THR A 633 -22.83 6.13 9.83
N MET A 634 -23.28 7.20 9.18
CA MET A 634 -22.51 7.79 8.09
C MET A 634 -21.42 8.72 8.59
N GLN A 635 -21.34 8.93 9.89
CA GLN A 635 -20.30 9.77 10.47
C GLN A 635 -19.10 8.98 10.92
N LEU A 636 -19.23 7.68 11.09
CA LEU A 636 -18.11 6.81 11.43
C LEU A 636 -17.41 6.27 10.20
N LEU A 637 -17.92 6.58 9.01
CA LEU A 637 -17.30 6.15 7.76
C LEU A 637 -16.54 7.28 7.09
N ASP A 638 -16.47 8.45 7.72
CA ASP A 638 -15.79 9.60 7.16
C ASP A 638 -14.28 9.38 7.20
N CYS A 639 -13.53 10.38 6.77
CA CYS A 639 -12.07 10.29 6.73
C CYS A 639 -11.42 10.45 8.09
N ASN A 640 -12.19 10.78 9.13
CA ASN A 640 -11.58 11.00 10.43
C ASN A 640 -11.20 9.69 11.11
N PHE A 641 -11.95 8.61 10.83
CA PHE A 641 -11.71 7.32 11.45
C PHE A 641 -11.11 6.38 10.42
N SER A 642 -9.88 5.95 10.67
CA SER A 642 -9.18 5.03 9.80
C SER A 642 -9.00 3.66 10.43
N ASP A 643 -9.71 3.37 11.52
CA ASP A 643 -9.60 2.09 12.20
C ASP A 643 -10.66 1.12 11.67
N GLU A 644 -10.25 -0.14 11.50
CA GLU A 644 -11.13 -1.12 10.90
C GLU A 644 -12.23 -1.61 11.83
N ASN A 645 -12.13 -1.36 13.13
CA ASN A 645 -13.13 -1.85 14.06
C ASN A 645 -14.23 -0.84 14.34
N VAL A 646 -13.99 0.44 14.09
CA VAL A 646 -15.06 1.41 14.12
C VAL A 646 -15.89 1.30 12.84
N ARG A 647 -15.20 1.26 11.70
CA ARG A 647 -15.89 1.10 10.43
C ARG A 647 -16.66 -0.21 10.41
N ALA A 648 -16.07 -1.28 10.95
CA ALA A 648 -16.74 -2.57 10.93
C ALA A 648 -18.10 -2.50 11.61
N ILE A 649 -18.17 -1.85 12.78
CA ILE A 649 -19.45 -1.76 13.46
C ILE A 649 -20.41 -0.83 12.71
N ALA A 650 -19.88 0.28 12.16
CA ALA A 650 -20.76 1.14 11.36
C ALA A 650 -21.43 0.34 10.23
N VAL A 651 -20.70 -0.60 9.64
CA VAL A 651 -21.31 -1.40 8.59
C VAL A 651 -22.25 -2.44 9.18
N GLN A 652 -21.86 -3.05 10.30
CA GLN A 652 -22.78 -3.97 10.96
C GLN A 652 -24.10 -3.30 11.27
N LYS A 653 -24.08 -1.98 11.45
CA LYS A 653 -25.30 -1.24 11.72
C LYS A 653 -26.02 -0.82 10.45
N LEU A 654 -25.30 -0.73 9.33
CA LEU A 654 -26.01 -0.51 8.06
C LEU A 654 -26.64 -1.77 7.52
N GLU A 655 -26.16 -2.94 7.94
CA GLU A 655 -26.67 -4.19 7.38
C GLU A 655 -28.13 -4.45 7.72
N SER A 656 -28.85 -3.56 8.38
CA SER A 656 -30.27 -3.76 8.65
C SER A 656 -31.13 -2.76 7.91
N LEU A 657 -30.57 -2.05 6.94
CA LEU A 657 -31.31 -1.05 6.18
C LEU A 657 -32.09 -1.71 5.07
N GLU A 658 -33.32 -1.25 4.85
CA GLU A 658 -34.18 -1.81 3.82
C GLU A 658 -33.54 -1.62 2.45
N ASP A 659 -34.14 -2.22 1.41
CA ASP A 659 -33.63 -2.03 0.07
C ASP A 659 -34.12 -0.72 -0.54
N ASP A 660 -35.22 -0.17 -0.02
CA ASP A 660 -35.70 1.12 -0.48
C ASP A 660 -34.86 2.27 0.06
N ASP A 661 -34.16 2.07 1.16
CA ASP A 661 -33.35 3.12 1.77
C ASP A 661 -31.88 2.98 1.43
N VAL A 662 -31.45 1.85 0.88
CA VAL A 662 -30.08 1.75 0.39
C VAL A 662 -29.92 2.42 -0.95
N LEU A 663 -31.03 2.72 -1.63
CA LEU A 663 -30.97 3.44 -2.89
C LEU A 663 -30.84 4.94 -2.71
N HIS A 664 -31.32 5.48 -1.60
CA HIS A 664 -31.17 6.91 -1.35
C HIS A 664 -29.72 7.26 -1.07
N TYR A 665 -29.03 6.43 -0.28
CA TYR A 665 -27.67 6.72 0.16
C TYR A 665 -26.64 5.93 -0.63
N LEU A 666 -27.02 5.33 -1.76
CA LEU A 666 -26.09 4.47 -2.47
C LEU A 666 -24.88 5.25 -2.97
N LEU A 667 -25.11 6.44 -3.52
CA LEU A 667 -24.00 7.19 -4.09
C LEU A 667 -23.03 7.65 -3.00
N GLN A 668 -23.56 8.04 -1.84
CA GLN A 668 -22.69 8.41 -0.74
C GLN A 668 -21.87 7.22 -0.28
N LEU A 669 -22.47 6.04 -0.27
CA LEU A 669 -21.77 4.88 0.24
C LEU A 669 -20.73 4.39 -0.76
N VAL A 670 -20.95 4.64 -2.04
CA VAL A 670 -19.93 4.34 -3.03
C VAL A 670 -18.77 5.33 -2.90
N GLN A 671 -19.08 6.62 -2.74
CA GLN A 671 -18.01 7.59 -2.57
C GLN A 671 -17.26 7.38 -1.26
N ALA A 672 -17.87 6.73 -0.28
CA ALA A 672 -17.22 6.53 1.00
C ALA A 672 -16.20 5.39 0.97
N VAL A 673 -16.09 4.68 -0.15
CA VAL A 673 -15.04 3.68 -0.28
C VAL A 673 -13.69 4.33 -0.49
N LYS A 674 -13.66 5.58 -0.93
CA LYS A 674 -12.39 6.27 -1.13
C LYS A 674 -11.64 6.47 0.19
N PHE A 675 -12.34 6.37 1.31
CA PHE A 675 -11.72 6.59 2.61
C PHE A 675 -11.20 5.30 3.24
N GLU A 676 -11.34 4.19 2.56
CA GLU A 676 -10.93 2.92 3.16
C GLU A 676 -9.46 2.67 2.90
N PRO A 677 -8.64 2.47 3.93
CA PRO A 677 -7.20 2.32 3.71
C PRO A 677 -6.82 1.06 2.95
N TYR A 678 -7.68 0.04 2.93
CA TYR A 678 -7.36 -1.24 2.30
C TYR A 678 -8.43 -1.59 1.29
N HIS A 679 -8.02 -2.26 0.20
CA HIS A 679 -8.94 -2.56 -0.88
C HIS A 679 -10.10 -3.41 -0.38
N ASP A 680 -9.80 -4.46 0.36
CA ASP A 680 -10.84 -5.34 0.89
C ASP A 680 -11.33 -4.75 2.22
N SER A 681 -12.63 -4.50 2.31
CA SER A 681 -13.19 -3.83 3.47
C SER A 681 -14.62 -4.29 3.68
N ALA A 682 -15.12 -4.08 4.89
CA ALA A 682 -16.49 -4.45 5.20
C ALA A 682 -17.47 -3.71 4.30
N LEU A 683 -17.17 -2.46 3.97
CA LEU A 683 -18.09 -1.67 3.16
C LEU A 683 -18.11 -2.16 1.72
N ALA A 684 -16.96 -2.59 1.21
CA ALA A 684 -16.94 -3.13 -0.14
C ALA A 684 -17.74 -4.42 -0.21
N ARG A 685 -17.59 -5.29 0.79
CA ARG A 685 -18.37 -6.52 0.79
C ARG A 685 -19.84 -6.23 1.00
N PHE A 686 -20.19 -5.15 1.68
CA PHE A 686 -21.60 -4.84 1.88
C PHE A 686 -22.23 -4.35 0.58
N LEU A 687 -21.49 -3.53 -0.16
CA LEU A 687 -22.00 -3.09 -1.46
C LEU A 687 -22.10 -4.27 -2.41
N LEU A 688 -21.10 -5.14 -2.41
CA LEU A 688 -21.13 -6.31 -3.28
C LEU A 688 -22.33 -7.18 -2.97
N LYS A 689 -22.62 -7.42 -1.69
CA LYS A 689 -23.72 -8.30 -1.34
C LYS A 689 -25.06 -7.67 -1.67
N ARG A 690 -25.27 -6.41 -1.29
CA ARG A 690 -26.54 -5.78 -1.62
C ARG A 690 -26.73 -5.57 -3.12
N GLY A 691 -25.65 -5.54 -3.89
CA GLY A 691 -25.78 -5.49 -5.33
C GLY A 691 -26.26 -6.79 -5.93
N LEU A 692 -25.78 -7.92 -5.41
CA LEU A 692 -26.12 -9.22 -5.94
C LEU A 692 -27.46 -9.74 -5.44
N ARG A 693 -28.20 -8.92 -4.70
CA ARG A 693 -29.46 -9.34 -4.11
C ARG A 693 -30.66 -8.66 -4.73
N ASN A 694 -30.53 -7.41 -5.16
CA ASN A 694 -31.58 -6.69 -5.86
C ASN A 694 -31.12 -6.35 -7.26
N LYS A 695 -32.06 -6.32 -8.19
CA LYS A 695 -31.76 -6.05 -9.59
C LYS A 695 -31.89 -4.58 -9.93
N ARG A 696 -32.12 -3.73 -8.93
CA ARG A 696 -32.17 -2.28 -9.12
C ARG A 696 -31.08 -1.56 -8.35
N ILE A 697 -30.50 -2.20 -7.32
CA ILE A 697 -29.32 -1.67 -6.66
C ILE A 697 -28.05 -2.07 -7.39
N GLY A 698 -28.16 -2.90 -8.42
CA GLY A 698 -27.00 -3.34 -9.16
C GLY A 698 -26.88 -2.56 -10.45
N HIS A 699 -28.01 -2.17 -11.03
CA HIS A 699 -27.97 -1.31 -12.20
C HIS A 699 -27.32 0.02 -11.87
N PHE A 700 -27.43 0.48 -10.63
CA PHE A 700 -26.91 1.78 -10.25
C PHE A 700 -25.54 1.68 -9.63
N LEU A 701 -25.23 0.55 -9.01
CA LEU A 701 -23.86 0.30 -8.57
C LEU A 701 -22.94 0.15 -9.77
N PHE A 702 -23.41 -0.51 -10.82
CA PHE A 702 -22.60 -0.64 -12.03
C PHE A 702 -22.28 0.73 -12.61
N TRP A 703 -23.29 1.59 -12.74
CA TRP A 703 -23.04 2.86 -13.41
C TRP A 703 -22.32 3.86 -12.53
N PHE A 704 -22.41 3.74 -11.21
CA PHE A 704 -21.59 4.60 -10.36
C PHE A 704 -20.14 4.16 -10.39
N LEU A 705 -19.89 2.85 -10.29
CA LEU A 705 -18.52 2.38 -10.32
C LEU A 705 -17.89 2.67 -11.66
N ARG A 706 -18.63 2.49 -12.75
CA ARG A 706 -18.08 2.76 -14.07
C ARG A 706 -17.88 4.25 -14.31
N SER A 707 -18.71 5.11 -13.70
CA SER A 707 -18.46 6.53 -13.80
C SER A 707 -17.21 6.93 -13.04
N GLU A 708 -16.95 6.28 -11.91
CA GLU A 708 -15.76 6.61 -11.14
C GLU A 708 -14.49 6.06 -11.77
N ILE A 709 -14.57 4.88 -12.40
CA ILE A 709 -13.37 4.28 -12.99
C ILE A 709 -12.87 5.13 -14.16
N ALA A 710 -13.78 5.60 -15.01
CA ALA A 710 -13.36 6.25 -16.24
C ALA A 710 -12.68 7.59 -16.00
N GLN A 711 -12.87 8.20 -14.84
CA GLN A 711 -12.39 9.56 -14.61
C GLN A 711 -11.36 9.67 -13.51
N SER A 712 -11.50 8.95 -12.41
CA SER A 712 -10.62 9.10 -11.26
C SER A 712 -9.46 8.14 -11.40
N ARG A 713 -8.31 8.64 -11.84
CA ARG A 713 -7.12 7.82 -11.91
C ARG A 713 -6.55 7.50 -10.55
N HIS A 714 -7.02 8.14 -9.49
CA HIS A 714 -6.52 7.87 -8.15
C HIS A 714 -7.09 6.58 -7.58
N TYR A 715 -8.33 6.24 -7.93
CA TYR A 715 -9.04 5.11 -7.31
C TYR A 715 -9.66 4.20 -8.35
N GLN A 716 -9.11 4.17 -9.56
CA GLN A 716 -9.73 3.37 -10.60
C GLN A 716 -9.47 1.89 -10.42
N GLN A 717 -8.33 1.51 -9.84
CA GLN A 717 -8.00 0.09 -9.71
C GLN A 717 -8.84 -0.61 -8.64
N ARG A 718 -9.17 0.09 -7.56
CA ARG A 718 -10.04 -0.49 -6.55
C ARG A 718 -11.46 -0.63 -7.05
N PHE A 719 -12.00 0.41 -7.68
CA PHE A 719 -13.34 0.32 -8.20
C PHE A 719 -13.40 -0.72 -9.32
N ALA A 720 -12.33 -0.86 -10.09
CA ALA A 720 -12.30 -1.88 -11.13
C ALA A 720 -12.38 -3.28 -10.51
N VAL A 721 -11.64 -3.51 -9.42
CA VAL A 721 -11.70 -4.83 -8.80
C VAL A 721 -13.11 -5.09 -8.26
N ILE A 722 -13.70 -4.10 -7.60
CA ILE A 722 -15.04 -4.30 -7.05
C ILE A 722 -16.05 -4.57 -8.17
N LEU A 723 -15.95 -3.80 -9.26
CA LEU A 723 -16.90 -3.98 -10.34
C LEU A 723 -16.73 -5.34 -11.01
N GLU A 724 -15.49 -5.82 -11.15
CA GLU A 724 -15.30 -7.16 -11.69
C GLU A 724 -15.93 -8.19 -10.77
N ALA A 725 -15.75 -8.02 -9.47
CA ALA A 725 -16.35 -8.96 -8.51
C ALA A 725 -17.86 -8.98 -8.65
N TYR A 726 -18.47 -7.81 -8.80
CA TYR A 726 -19.92 -7.76 -9.01
C TYR A 726 -20.34 -8.42 -10.32
N LEU A 727 -19.67 -8.07 -11.42
CA LEU A 727 -20.12 -8.51 -12.73
C LEU A 727 -20.04 -10.02 -12.93
N ARG A 728 -19.38 -10.75 -12.05
CA ARG A 728 -19.31 -12.20 -12.17
C ARG A 728 -20.44 -12.92 -11.46
N GLY A 729 -21.47 -12.19 -11.03
CA GLY A 729 -22.57 -12.80 -10.31
C GLY A 729 -23.93 -12.25 -10.65
N CYS A 730 -23.99 -11.32 -11.60
CA CYS A 730 -25.27 -10.71 -11.94
C CYS A 730 -26.16 -11.66 -12.72
N GLY A 731 -25.59 -12.41 -13.66
CA GLY A 731 -26.35 -13.23 -14.57
C GLY A 731 -26.01 -12.91 -16.02
N THR A 732 -26.62 -13.68 -16.91
CA THR A 732 -26.39 -13.44 -18.33
C THR A 732 -27.29 -12.35 -18.89
N ALA A 733 -28.53 -12.26 -18.41
CA ALA A 733 -29.41 -11.18 -18.86
C ALA A 733 -28.85 -9.82 -18.46
N MET A 734 -28.40 -9.71 -17.22
CA MET A 734 -27.89 -8.43 -16.73
C MET A 734 -26.57 -8.08 -17.38
N LEU A 735 -25.90 -9.02 -18.04
CA LEU A 735 -24.70 -8.69 -18.80
C LEU A 735 -25.04 -8.33 -20.23
N HIS A 736 -26.08 -8.96 -20.77
CA HIS A 736 -26.57 -8.58 -22.08
C HIS A 736 -27.04 -7.13 -22.08
N ASP A 737 -27.78 -6.74 -21.04
CA ASP A 737 -28.24 -5.35 -20.98
C ASP A 737 -27.07 -4.38 -20.90
N PHE A 738 -26.08 -4.69 -20.05
CA PHE A 738 -24.98 -3.77 -19.88
C PHE A 738 -24.23 -3.61 -21.18
N THR A 739 -24.11 -4.70 -21.94
CA THR A 739 -23.40 -4.63 -23.21
C THR A 739 -24.18 -3.77 -24.18
N GLN A 740 -25.48 -4.04 -24.30
CA GLN A 740 -26.30 -3.32 -25.25
C GLN A 740 -26.45 -1.85 -24.87
N GLN A 741 -26.04 -1.46 -23.67
CA GLN A 741 -26.06 -0.04 -23.33
C GLN A 741 -24.71 0.62 -23.51
N VAL A 742 -23.62 -0.10 -23.21
CA VAL A 742 -22.31 0.46 -23.46
C VAL A 742 -22.06 0.61 -24.95
N GLN A 743 -22.79 -0.13 -25.78
CA GLN A 743 -22.64 0.07 -27.22
C GLN A 743 -23.31 1.35 -27.67
N VAL A 744 -24.59 1.51 -27.33
CA VAL A 744 -25.27 2.77 -27.63
C VAL A 744 -24.40 3.93 -27.20
N ILE A 745 -23.87 3.86 -25.98
CA ILE A 745 -23.14 5.01 -25.44
C ILE A 745 -21.89 5.28 -26.27
N ASP A 746 -21.09 4.25 -26.54
CA ASP A 746 -19.89 4.46 -27.34
C ASP A 746 -20.20 5.06 -28.70
N MET A 747 -21.22 4.51 -29.38
CA MET A 747 -21.58 5.04 -30.70
C MET A 747 -22.03 6.49 -30.63
N LEU A 748 -22.73 6.87 -29.56
CA LEU A 748 -23.21 8.24 -29.52
C LEU A 748 -22.15 9.19 -29.01
N GLN A 749 -21.07 8.66 -28.46
CA GLN A 749 -19.98 9.53 -28.04
C GLN A 749 -19.06 9.77 -29.21
N LYS A 750 -18.91 8.78 -30.08
CA LYS A 750 -18.10 9.03 -31.27
C LYS A 750 -18.86 9.99 -32.19
N VAL A 751 -20.18 9.84 -32.27
CA VAL A 751 -20.96 10.81 -33.04
C VAL A 751 -20.75 12.21 -32.49
N THR A 752 -20.93 12.39 -31.17
CA THR A 752 -20.76 13.71 -30.58
C THR A 752 -19.39 14.28 -30.94
N ILE A 753 -18.35 13.48 -30.72
CA ILE A 753 -16.98 13.95 -30.98
C ILE A 753 -16.88 14.46 -32.40
N ASP A 754 -17.27 13.63 -33.37
CA ASP A 754 -17.11 14.02 -34.76
C ASP A 754 -17.88 15.30 -35.04
N ILE A 755 -19.13 15.38 -34.55
CA ILE A 755 -19.94 16.57 -34.80
C ILE A 755 -19.15 17.79 -34.36
N LYS A 756 -18.76 17.81 -33.08
CA LYS A 756 -18.04 18.98 -32.55
C LYS A 756 -16.84 19.31 -33.40
N SER A 757 -15.88 18.38 -33.49
CA SER A 757 -14.67 18.55 -34.28
C SER A 757 -14.86 19.46 -35.49
N LEU A 758 -15.82 19.15 -36.35
CA LEU A 758 -16.09 20.00 -37.50
C LEU A 758 -16.93 21.20 -37.10
N SER A 766 -25.82 25.65 -38.17
CA SER A 766 -26.24 25.94 -39.54
C SER A 766 -26.75 24.68 -40.22
N SER A 767 -27.10 24.80 -41.50
CA SER A 767 -27.52 23.63 -42.26
C SER A 767 -26.45 22.56 -42.27
N GLN A 768 -25.17 22.98 -42.25
CA GLN A 768 -24.07 22.04 -42.17
C GLN A 768 -24.35 21.01 -41.09
N VAL A 769 -24.21 21.43 -39.83
CA VAL A 769 -24.44 20.60 -38.65
C VAL A 769 -25.69 19.75 -38.84
N ILE A 770 -26.78 20.39 -39.25
CA ILE A 770 -28.07 19.70 -39.39
C ILE A 770 -27.87 18.46 -40.24
N SER A 771 -27.58 18.67 -41.52
CA SER A 771 -27.48 17.55 -42.44
C SER A 771 -26.42 16.56 -41.97
N GLN A 772 -25.30 17.06 -41.45
CA GLN A 772 -24.21 16.18 -41.03
C GLN A 772 -24.71 15.19 -39.99
N LEU A 773 -25.41 15.70 -38.98
CA LEU A 773 -25.95 14.84 -37.93
C LEU A 773 -26.98 13.89 -38.50
N LYS A 774 -27.91 14.41 -39.31
CA LYS A 774 -28.95 13.55 -39.87
C LYS A 774 -28.30 12.36 -40.56
N GLN A 775 -27.33 12.65 -41.43
CA GLN A 775 -26.58 11.62 -42.14
C GLN A 775 -26.00 10.61 -41.16
N LYS A 776 -25.19 11.08 -40.21
CA LYS A 776 -24.50 10.16 -39.31
C LYS A 776 -25.52 9.29 -38.57
N LEU A 777 -26.62 9.87 -38.15
CA LEU A 777 -27.59 9.14 -37.35
C LEU A 777 -28.29 8.09 -38.20
N GLU A 778 -28.65 8.45 -39.43
CA GLU A 778 -29.30 7.49 -40.31
C GLU A 778 -28.34 6.39 -40.72
N ASN A 779 -27.04 6.63 -40.68
CA ASN A 779 -26.09 5.59 -41.04
C ASN A 779 -25.66 4.77 -39.84
N LEU A 780 -25.90 5.25 -38.63
CA LEU A 780 -25.69 4.42 -37.46
C LEU A 780 -26.68 3.27 -37.38
N GLN A 781 -27.81 3.38 -38.09
CA GLN A 781 -28.74 2.26 -38.17
C GLN A 781 -28.31 1.22 -39.18
N ASN A 782 -27.27 1.49 -39.96
CA ASN A 782 -26.61 0.50 -40.79
C ASN A 782 -25.42 -0.12 -40.10
N LEU A 783 -25.04 0.39 -38.93
CA LEU A 783 -24.10 -0.27 -38.05
C LEU A 783 -24.89 -1.13 -37.06
N ASN A 784 -24.23 -1.60 -36.01
CA ASN A 784 -24.89 -2.41 -34.99
C ASN A 784 -25.27 -1.52 -33.81
N LEU A 785 -26.26 -0.67 -34.06
CA LEU A 785 -26.87 0.10 -32.98
C LEU A 785 -28.01 -0.70 -32.38
N PRO A 786 -27.93 -1.10 -31.12
CA PRO A 786 -29.00 -1.93 -30.55
C PRO A 786 -30.37 -1.31 -30.79
N GLN A 787 -31.34 -2.17 -31.05
CA GLN A 787 -32.71 -1.73 -31.32
C GLN A 787 -33.56 -1.69 -30.07
N SER A 788 -33.01 -2.01 -28.91
CA SER A 788 -33.76 -1.95 -27.66
C SER A 788 -32.77 -1.96 -26.52
N PHE A 789 -32.81 -0.93 -25.67
CA PHE A 789 -31.91 -0.87 -24.52
C PHE A 789 -32.59 -0.16 -23.38
N ARG A 790 -32.18 -0.48 -22.16
CA ARG A 790 -32.77 0.14 -20.98
C ARG A 790 -32.15 1.52 -20.75
N VAL A 791 -33.00 2.50 -20.46
CA VAL A 791 -32.49 3.84 -20.22
C VAL A 791 -31.58 3.81 -19.01
N PRO A 792 -30.35 4.33 -19.09
CA PRO A 792 -29.42 4.14 -17.96
C PRO A 792 -29.90 4.74 -16.65
N TYR A 793 -30.67 5.81 -16.69
CA TYR A 793 -31.13 6.46 -15.47
C TYR A 793 -32.54 6.05 -15.07
N ASP A 794 -33.15 5.09 -15.77
CA ASP A 794 -34.47 4.58 -15.42
C ASP A 794 -34.53 3.11 -15.82
N PRO A 795 -33.97 2.23 -15.00
CA PRO A 795 -33.76 0.84 -15.43
C PRO A 795 -35.01 0.14 -15.92
N GLY A 796 -36.18 0.69 -15.63
CA GLY A 796 -37.44 0.05 -15.96
C GLY A 796 -37.99 0.42 -17.31
N LEU A 797 -37.35 1.32 -18.05
CA LEU A 797 -37.86 1.82 -19.31
C LEU A 797 -36.96 1.35 -20.44
N LYS A 798 -37.58 0.84 -21.50
CA LYS A 798 -36.87 0.31 -22.66
C LYS A 798 -37.10 1.23 -23.85
N ALA A 799 -36.01 1.72 -24.43
CA ALA A 799 -36.06 2.59 -25.59
C ALA A 799 -35.66 1.81 -26.83
N GLY A 800 -36.32 2.12 -27.94
CA GLY A 800 -36.12 1.38 -29.17
C GLY A 800 -35.42 2.17 -30.27
N ALA A 801 -36.12 2.42 -31.36
CA ALA A 801 -35.52 3.01 -32.54
C ALA A 801 -35.54 4.54 -32.46
N LEU A 802 -34.50 5.15 -33.01
CA LEU A 802 -34.42 6.60 -33.06
C LEU A 802 -35.49 7.18 -33.96
N VAL A 803 -35.94 8.38 -33.60
CA VAL A 803 -36.80 9.17 -34.48
C VAL A 803 -35.95 10.30 -35.03
N ILE A 804 -35.36 10.09 -36.21
CA ILE A 804 -34.28 10.95 -36.68
C ILE A 804 -34.85 12.23 -37.28
N GLU A 805 -36.17 12.37 -37.27
CA GLU A 805 -36.80 13.61 -37.70
C GLU A 805 -37.07 14.55 -36.53
N LYS A 806 -36.73 14.16 -35.31
CA LYS A 806 -36.91 14.99 -34.14
C LYS A 806 -35.63 15.28 -33.39
N CYS A 807 -34.49 14.79 -33.87
CA CYS A 807 -33.21 15.06 -33.23
C CYS A 807 -32.61 16.34 -33.80
N LYS A 808 -31.65 16.89 -33.07
CA LYS A 808 -31.03 18.15 -33.45
C LYS A 808 -29.84 18.38 -32.53
N VAL A 809 -29.20 19.53 -32.69
CA VAL A 809 -28.10 19.96 -31.84
C VAL A 809 -28.53 21.24 -31.14
N MET A 810 -28.53 21.21 -29.81
CA MET A 810 -28.96 22.37 -29.05
C MET A 810 -27.99 23.52 -29.27
N ALA A 811 -28.51 24.74 -29.22
CA ALA A 811 -27.72 25.95 -29.45
C ALA A 811 -27.02 26.32 -28.15
N SER A 812 -25.79 25.85 -27.99
CA SER A 812 -25.01 26.13 -26.80
C SER A 812 -23.54 25.96 -27.13
N LYS A 813 -22.68 26.40 -26.20
CA LYS A 813 -21.25 26.35 -26.45
C LYS A 813 -20.78 24.92 -26.65
N LYS A 814 -21.28 23.99 -25.86
CA LYS A 814 -20.85 22.59 -25.91
C LYS A 814 -21.71 21.73 -26.81
N LYS A 815 -22.73 22.31 -27.45
CA LYS A 815 -23.54 21.60 -28.43
C LYS A 815 -24.00 20.24 -27.92
N PRO A 816 -24.94 20.20 -26.99
CA PRO A 816 -25.53 18.92 -26.59
C PRO A 816 -26.37 18.33 -27.71
N LEU A 817 -26.54 17.01 -27.67
CA LEU A 817 -27.35 16.29 -28.63
C LEU A 817 -28.74 16.06 -28.04
N TRP A 818 -29.77 16.43 -28.79
CA TRP A 818 -31.16 16.29 -28.38
C TRP A 818 -31.75 15.06 -29.07
N LEU A 819 -31.49 13.89 -28.49
CA LEU A 819 -32.01 12.65 -29.05
C LEU A 819 -33.43 12.38 -28.56
N GLU A 820 -34.19 11.64 -29.37
CA GLU A 820 -35.56 11.30 -29.01
C GLU A 820 -35.88 9.91 -29.54
N PHE A 821 -35.84 8.92 -28.65
CA PHE A 821 -36.17 7.55 -29.02
C PHE A 821 -37.66 7.33 -28.86
N LYS A 822 -38.10 6.09 -29.05
CA LYS A 822 -39.49 5.72 -28.81
C LYS A 822 -39.53 4.40 -28.05
N CYS A 823 -40.59 4.23 -27.27
CA CYS A 823 -40.68 3.09 -26.37
C CYS A 823 -40.69 1.78 -27.14
N ALA A 824 -39.89 0.82 -26.66
CA ALA A 824 -39.81 -0.48 -27.28
C ALA A 824 -40.90 -1.44 -26.84
N ASP A 825 -41.69 -1.07 -25.81
CA ASP A 825 -42.70 -1.96 -25.29
C ASP A 825 -44.02 -1.70 -26.00
N PRO A 826 -44.56 -2.66 -26.77
CA PRO A 826 -45.81 -2.40 -27.50
C PRO A 826 -47.03 -2.25 -26.61
N THR A 827 -46.91 -2.46 -25.29
CA THR A 827 -48.03 -2.32 -24.39
C THR A 827 -48.22 -0.89 -23.90
N ALA A 828 -47.31 0.02 -24.24
CA ALA A 828 -47.40 1.39 -23.73
C ALA A 828 -48.74 2.01 -24.10
N LEU A 829 -49.21 2.92 -23.25
CA LEU A 829 -50.52 3.53 -23.41
C LEU A 829 -50.49 4.80 -24.26
N SER A 830 -49.33 5.24 -24.71
CA SER A 830 -49.24 6.47 -25.48
C SER A 830 -48.06 6.40 -26.41
N ASN A 831 -48.04 7.31 -27.39
CA ASN A 831 -46.98 7.37 -28.38
C ASN A 831 -45.88 8.34 -27.98
N GLU A 832 -45.88 8.82 -26.75
CA GLU A 832 -44.86 9.76 -26.32
C GLU A 832 -43.47 9.17 -26.50
N THR A 833 -42.55 9.99 -26.98
CA THR A 833 -41.18 9.56 -27.19
C THR A 833 -40.41 9.66 -25.88
N ILE A 834 -39.15 9.22 -25.91
CA ILE A 834 -38.25 9.32 -24.77
C ILE A 834 -37.17 10.33 -25.14
N GLY A 835 -37.15 11.45 -24.44
CA GLY A 835 -36.19 12.51 -24.71
C GLY A 835 -34.92 12.33 -23.90
N ILE A 836 -33.77 12.46 -24.56
CA ILE A 836 -32.49 12.29 -23.91
C ILE A 836 -31.55 13.37 -24.41
N ILE A 837 -30.78 13.97 -23.51
CA ILE A 837 -29.76 14.94 -23.86
C ILE A 837 -28.42 14.30 -23.61
N PHE A 838 -27.59 14.26 -24.64
CA PHE A 838 -26.26 13.69 -24.54
C PHE A 838 -25.25 14.83 -24.51
N LYS A 839 -24.47 14.90 -23.43
CA LYS A 839 -23.53 15.98 -23.22
C LYS A 839 -22.09 15.45 -23.25
N HIS A 840 -21.17 16.32 -23.67
CA HIS A 840 -19.78 15.96 -23.83
C HIS A 840 -18.92 17.16 -23.51
N GLY A 841 -17.72 16.90 -23.01
CA GLY A 841 -16.84 17.98 -22.60
C GLY A 841 -17.24 18.62 -21.29
N ASP A 842 -17.91 17.87 -20.41
CA ASP A 842 -18.31 18.40 -19.13
C ASP A 842 -18.45 17.25 -18.14
N ASP A 843 -18.16 17.53 -16.87
CA ASP A 843 -18.27 16.55 -15.80
C ASP A 843 -19.59 16.75 -15.07
N LEU A 844 -20.33 15.66 -14.87
CA LEU A 844 -21.67 15.72 -14.28
C LEU A 844 -21.74 15.07 -12.91
N ARG A 845 -20.61 14.65 -12.34
CA ARG A 845 -20.66 13.98 -11.05
C ARG A 845 -21.27 14.90 -9.99
N GLN A 846 -20.95 16.19 -10.04
CA GLN A 846 -21.50 17.12 -9.08
C GLN A 846 -23.01 17.23 -9.21
N ASP A 847 -23.51 17.18 -10.45
CA ASP A 847 -24.95 17.17 -10.65
C ASP A 847 -25.58 15.95 -10.01
N MET A 848 -24.96 14.79 -10.17
CA MET A 848 -25.49 13.58 -9.54
C MET A 848 -25.52 13.72 -8.03
N LEU A 849 -24.45 14.25 -7.44
CA LEU A 849 -24.42 14.40 -5.98
C LEU A 849 -25.53 15.34 -5.52
N ILE A 850 -25.68 16.47 -6.20
CA ILE A 850 -26.68 17.44 -5.78
C ILE A 850 -28.09 16.87 -5.93
N LEU A 851 -28.34 16.15 -7.03
CA LEU A 851 -29.66 15.57 -7.21
C LEU A 851 -29.95 14.50 -6.16
N GLN A 852 -28.93 13.71 -5.79
CA GLN A 852 -29.14 12.73 -4.73
C GLN A 852 -29.49 13.43 -3.42
N ILE A 853 -28.79 14.52 -3.11
CA ILE A 853 -29.10 15.23 -1.87
C ILE A 853 -30.52 15.80 -1.94
N LEU A 854 -30.95 16.25 -3.12
CA LEU A 854 -32.31 16.75 -3.23
C LEU A 854 -33.31 15.64 -2.96
N ARG A 855 -33.05 14.43 -3.48
CA ARG A 855 -33.96 13.33 -3.21
C ARG A 855 -33.99 12.99 -1.71
N ILE A 856 -32.83 13.04 -1.06
CA ILE A 856 -32.79 12.80 0.38
C ILE A 856 -33.63 13.85 1.11
N MET A 857 -33.52 15.11 0.69
CA MET A 857 -34.27 16.17 1.34
C MET A 857 -35.76 16.02 1.10
N GLU A 858 -36.13 15.42 -0.03
CA GLU A 858 -37.55 15.22 -0.29
C GLU A 858 -38.09 14.04 0.50
N SER A 859 -37.22 13.06 0.79
CA SER A 859 -37.64 12.00 1.71
C SER A 859 -37.82 12.55 3.12
N ILE A 860 -36.90 13.42 3.55
CA ILE A 860 -37.03 14.03 4.87
C ILE A 860 -38.33 14.81 4.96
N TRP A 861 -38.65 15.59 3.94
CA TRP A 861 -39.89 16.35 3.95
C TRP A 861 -41.11 15.41 3.92
N GLU A 862 -41.02 14.30 3.19
CA GLU A 862 -42.12 13.35 3.19
C GLU A 862 -42.34 12.76 4.56
N THR A 863 -41.25 12.58 5.33
CA THR A 863 -41.39 12.02 6.67
C THR A 863 -42.40 12.83 7.49
N GLU A 864 -42.43 14.14 7.30
CA GLU A 864 -43.31 15.03 8.06
C GLU A 864 -44.55 15.44 7.28
N SER A 865 -44.88 14.72 6.21
CA SER A 865 -46.10 14.97 5.46
C SER A 865 -46.09 16.35 4.82
N LEU A 866 -45.03 16.66 4.10
CA LEU A 866 -44.91 17.88 3.33
C LEU A 866 -44.65 17.52 1.87
N ASP A 867 -45.40 18.13 0.97
CA ASP A 867 -45.28 17.88 -0.46
C ASP A 867 -44.87 19.19 -1.13
N LEU A 868 -43.57 19.37 -1.33
CA LEU A 868 -43.04 20.58 -1.93
C LEU A 868 -42.87 20.46 -3.44
N CYS A 869 -43.33 19.36 -4.03
CA CYS A 869 -43.40 19.21 -5.48
C CYS A 869 -42.06 19.55 -6.14
N LEU A 870 -40.99 18.96 -5.63
CA LEU A 870 -39.73 19.04 -6.34
C LEU A 870 -39.77 18.15 -7.57
N LEU A 871 -38.84 18.40 -8.49
CA LEU A 871 -38.76 17.65 -9.74
C LEU A 871 -37.31 17.30 -10.04
N PRO A 872 -36.71 16.41 -9.24
CA PRO A 872 -35.34 15.99 -9.56
C PRO A 872 -35.31 15.10 -10.79
N TYR A 873 -34.87 15.65 -11.91
CA TYR A 873 -34.83 14.87 -13.14
C TYR A 873 -33.71 13.86 -13.08
N GLY A 874 -33.68 12.97 -14.09
CA GLY A 874 -32.69 11.93 -14.15
C GLY A 874 -31.41 12.41 -14.82
N CYS A 875 -30.30 12.28 -14.12
CA CYS A 875 -28.99 12.62 -14.65
C CYS A 875 -28.02 11.53 -14.27
N ILE A 876 -27.11 11.20 -15.18
CA ILE A 876 -26.16 10.13 -14.94
C ILE A 876 -24.92 10.37 -15.79
N SER A 877 -23.75 10.16 -15.19
CA SER A 877 -22.49 10.26 -15.91
C SER A 877 -22.09 8.88 -16.40
N THR A 878 -21.79 8.78 -17.70
CA THR A 878 -21.52 7.48 -18.30
C THR A 878 -20.04 7.21 -18.52
N GLY A 879 -19.23 8.23 -18.68
CA GLY A 879 -17.81 8.03 -18.95
C GLY A 879 -17.03 9.28 -18.67
N ASP A 880 -15.94 9.45 -19.43
CA ASP A 880 -15.03 10.56 -19.22
C ASP A 880 -15.59 11.80 -19.89
N LYS A 881 -16.03 12.77 -19.09
CA LYS A 881 -16.55 14.06 -19.52
C LYS A 881 -17.84 13.95 -20.31
N ILE A 882 -18.41 12.76 -20.46
CA ILE A 882 -19.66 12.58 -21.19
C ILE A 882 -20.77 12.29 -20.19
N GLY A 883 -22.00 12.39 -20.66
CA GLY A 883 -23.12 12.05 -19.79
C GLY A 883 -24.43 12.07 -20.52
N MET A 884 -25.44 11.55 -19.84
CA MET A 884 -26.81 11.51 -20.33
C MET A 884 -27.72 12.19 -19.32
N ILE A 885 -28.70 12.93 -19.83
CA ILE A 885 -29.60 13.71 -18.99
C ILE A 885 -31.02 13.54 -19.49
N GLU A 886 -31.96 13.40 -18.56
CA GLU A 886 -33.36 13.28 -18.93
C GLU A 886 -33.89 14.61 -19.46
N ILE A 887 -34.88 14.52 -20.34
CA ILE A 887 -35.57 15.69 -20.88
C ILE A 887 -36.94 15.76 -20.22
N VAL A 888 -37.27 16.94 -19.69
CA VAL A 888 -38.57 17.18 -19.11
C VAL A 888 -39.47 17.76 -20.18
N LYS A 889 -40.60 17.12 -20.43
CA LYS A 889 -41.49 17.54 -21.49
C LYS A 889 -42.28 18.78 -21.07
N ASP A 890 -42.52 19.67 -22.04
CA ASP A 890 -43.33 20.86 -21.80
C ASP A 890 -42.71 21.75 -20.73
N ALA A 891 -41.41 22.00 -20.87
CA ALA A 891 -40.69 22.85 -19.95
C ALA A 891 -39.87 23.87 -20.75
N THR A 892 -39.64 25.04 -20.14
CA THR A 892 -38.85 26.05 -20.82
C THR A 892 -38.11 26.88 -19.78
N THR A 893 -37.00 27.47 -20.22
CA THR A 893 -36.19 28.32 -19.36
C THR A 893 -36.86 29.67 -19.18
N ILE A 894 -36.69 30.25 -17.99
CA ILE A 894 -37.25 31.58 -17.73
C ILE A 894 -36.56 32.62 -18.60
N ALA A 895 -35.29 32.42 -18.93
CA ALA A 895 -34.60 33.38 -19.79
C ALA A 895 -35.25 33.49 -21.15
N LYS A 896 -35.66 32.36 -21.74
CA LYS A 896 -36.35 32.42 -23.02
C LYS A 896 -37.68 33.16 -22.89
N ILE A 897 -38.41 32.93 -21.80
CA ILE A 897 -39.69 33.61 -21.63
C ILE A 897 -39.46 35.12 -21.53
N GLN A 898 -38.42 35.54 -20.79
CA GLN A 898 -38.13 36.97 -20.72
C GLN A 898 -37.72 37.52 -22.08
N GLN A 899 -36.89 36.78 -22.82
CA GLN A 899 -36.45 37.26 -24.12
C GLN A 899 -37.56 37.24 -25.15
N SER A 900 -38.63 36.48 -24.90
CA SER A 900 -39.71 36.41 -25.88
C SER A 900 -40.37 37.77 -26.09
N THR A 901 -40.30 38.65 -25.09
CA THR A 901 -40.88 39.98 -25.18
C THR A 901 -39.84 41.08 -25.10
N VAL A 902 -38.98 41.06 -24.08
CA VAL A 902 -37.98 42.10 -23.93
C VAL A 902 -37.00 42.07 -25.09
N GLY A 903 -36.59 40.87 -25.51
CA GLY A 903 -35.59 40.73 -26.54
C GLY A 903 -34.29 40.21 -25.98
N ASN A 904 -33.19 40.88 -26.28
CA ASN A 904 -31.87 40.49 -25.78
C ASN A 904 -31.10 41.72 -25.34
N THR A 905 -31.75 42.62 -24.61
CA THR A 905 -31.16 43.88 -24.20
C THR A 905 -30.66 43.86 -22.76
N GLY A 906 -31.39 43.22 -21.86
CA GLY A 906 -31.08 43.22 -20.44
C GLY A 906 -32.18 43.78 -19.56
N ALA A 907 -33.26 44.31 -20.12
CA ALA A 907 -34.42 44.70 -19.33
C ALA A 907 -35.20 43.45 -18.92
N PHE A 908 -36.13 43.63 -18.00
CA PHE A 908 -36.91 42.50 -17.49
C PHE A 908 -38.28 43.02 -17.08
N LYS A 909 -39.30 42.76 -17.90
CA LYS A 909 -40.66 43.01 -17.49
C LYS A 909 -41.07 42.01 -16.43
N ASP A 910 -42.01 42.42 -15.57
CA ASP A 910 -42.34 41.65 -14.38
C ASP A 910 -43.58 40.77 -14.55
N GLU A 911 -44.38 40.99 -15.60
CA GLU A 911 -45.61 40.25 -15.79
C GLU A 911 -45.53 39.24 -16.93
N VAL A 912 -44.33 38.98 -17.45
CA VAL A 912 -44.20 38.07 -18.59
C VAL A 912 -44.51 36.65 -18.18
N LEU A 913 -43.95 36.21 -17.05
CA LEU A 913 -44.12 34.82 -16.63
C LEU A 913 -45.59 34.50 -16.36
N SER A 914 -46.29 35.41 -15.70
CA SER A 914 -47.70 35.16 -15.41
C SER A 914 -48.51 35.04 -16.70
N HIS A 915 -48.25 35.92 -17.66
CA HIS A 915 -48.98 35.86 -18.92
C HIS A 915 -48.67 34.58 -19.67
N TRP A 916 -47.41 34.16 -19.67
CA TRP A 916 -47.05 32.91 -20.33
C TRP A 916 -47.78 31.74 -19.71
N LEU A 917 -47.78 31.67 -18.37
CA LEU A 917 -48.44 30.57 -17.69
C LEU A 917 -49.94 30.60 -17.94
N LYS A 918 -50.53 31.79 -17.97
CA LYS A 918 -51.97 31.88 -18.23
C LYS A 918 -52.31 31.44 -19.65
N GLU A 919 -51.44 31.78 -20.61
CA GLU A 919 -51.66 31.31 -21.97
C GLU A 919 -51.58 29.79 -22.04
N LYS A 920 -50.61 29.20 -21.33
CA LYS A 920 -50.50 27.73 -21.35
C LYS A 920 -51.72 27.08 -20.71
N CYS A 921 -52.29 27.70 -19.69
CA CYS A 921 -53.45 27.16 -18.98
C CYS A 921 -54.63 28.11 -19.13
N PRO A 922 -55.54 27.86 -20.09
CA PRO A 922 -56.69 28.77 -20.23
C PRO A 922 -57.74 28.58 -19.15
N ILE A 923 -58.01 27.34 -18.74
CA ILE A 923 -59.10 27.09 -17.80
C ILE A 923 -58.71 27.60 -16.42
N GLU A 924 -59.70 28.18 -15.72
CA GLU A 924 -59.41 28.80 -14.43
C GLU A 924 -58.94 27.77 -13.40
N GLU A 925 -59.57 26.60 -13.37
CA GLU A 925 -59.18 25.60 -12.38
C GLU A 925 -57.75 25.13 -12.64
N LYS A 926 -57.41 24.88 -13.90
CA LYS A 926 -56.04 24.51 -14.23
C LYS A 926 -55.08 25.62 -13.86
N PHE A 927 -55.46 26.87 -14.10
CA PHE A 927 -54.59 27.98 -13.76
C PHE A 927 -54.33 28.05 -12.27
N GLN A 928 -55.38 27.87 -11.46
CA GLN A 928 -55.20 27.91 -10.02
C GLN A 928 -54.32 26.76 -9.53
N ALA A 929 -54.56 25.56 -10.06
CA ALA A 929 -53.73 24.43 -9.67
C ALA A 929 -52.28 24.67 -10.04
N ALA A 930 -52.04 25.24 -11.23
CA ALA A 930 -50.68 25.53 -11.65
C ALA A 930 -50.04 26.56 -10.75
N VAL A 931 -50.79 27.58 -10.34
CA VAL A 931 -50.21 28.62 -9.51
C VAL A 931 -49.86 28.06 -8.13
N GLU A 932 -50.72 27.21 -7.57
CA GLU A 932 -50.38 26.56 -6.32
C GLU A 932 -49.14 25.69 -6.46
N ARG A 933 -49.02 24.98 -7.58
CA ARG A 933 -47.84 24.15 -7.79
C ARG A 933 -46.60 25.02 -7.87
N PHE A 934 -46.68 26.11 -8.64
CA PHE A 934 -45.58 27.06 -8.72
C PHE A 934 -45.16 27.46 -7.31
N VAL A 935 -46.12 27.96 -6.53
CA VAL A 935 -45.82 28.42 -5.17
C VAL A 935 -45.02 27.35 -4.43
N TYR A 936 -45.61 26.17 -4.26
CA TYR A 936 -44.96 25.11 -3.50
C TYR A 936 -43.55 24.81 -4.03
N SER A 937 -43.42 24.66 -5.35
CA SER A 937 -42.13 24.33 -5.94
C SER A 937 -41.08 25.39 -5.66
N CYS A 938 -41.45 26.66 -5.85
CA CYS A 938 -40.53 27.74 -5.56
C CYS A 938 -40.12 27.74 -4.09
N ALA A 939 -41.08 27.56 -3.18
CA ALA A 939 -40.73 27.51 -1.78
C ALA A 939 -39.71 26.41 -1.50
N GLY A 940 -39.90 25.24 -2.13
CA GLY A 940 -39.02 24.13 -1.82
C GLY A 940 -37.66 24.30 -2.45
N TYR A 941 -37.59 24.96 -3.59
CA TYR A 941 -36.33 25.07 -4.26
C TYR A 941 -35.52 26.22 -3.68
N CYS A 942 -36.21 27.25 -3.20
CA CYS A 942 -35.52 28.32 -2.48
C CYS A 942 -34.92 27.78 -1.19
N VAL A 943 -35.71 27.00 -0.43
CA VAL A 943 -35.18 26.47 0.82
C VAL A 943 -34.00 25.54 0.54
N ALA A 944 -34.16 24.64 -0.44
CA ALA A 944 -33.11 23.68 -0.72
C ALA A 944 -31.82 24.37 -1.14
N THR A 945 -31.91 25.33 -2.07
CA THR A 945 -30.70 25.97 -2.56
C THR A 945 -30.09 26.88 -1.51
N PHE A 946 -30.90 27.51 -0.66
CA PHE A 946 -30.33 28.29 0.42
C PHE A 946 -29.56 27.42 1.38
N VAL A 947 -30.11 26.25 1.73
CA VAL A 947 -29.40 25.37 2.65
C VAL A 947 -28.11 24.88 2.01
N LEU A 948 -28.16 24.49 0.74
CA LEU A 948 -26.96 24.03 0.07
C LEU A 948 -26.01 25.17 -0.28
N GLY A 949 -26.49 26.41 -0.25
CA GLY A 949 -25.62 27.54 -0.55
C GLY A 949 -25.31 27.72 -2.02
N ILE A 950 -26.21 27.34 -2.90
CA ILE A 950 -26.00 27.50 -4.34
C ILE A 950 -27.20 28.22 -4.93
N GLY A 951 -27.86 29.06 -4.13
CA GLY A 951 -29.05 29.75 -4.60
C GLY A 951 -28.79 30.94 -5.49
N ASP A 952 -27.53 31.35 -5.63
CA ASP A 952 -27.17 32.50 -6.46
C ASP A 952 -26.93 31.99 -7.88
N ARG A 953 -28.00 31.92 -8.66
CA ARG A 953 -27.95 31.33 -9.99
C ARG A 953 -28.42 32.34 -11.03
N HIS A 954 -27.91 32.17 -12.25
CA HIS A 954 -28.37 32.97 -13.38
C HIS A 954 -29.78 32.56 -13.78
N ASN A 955 -30.54 33.52 -14.28
CA ASN A 955 -31.93 33.26 -14.64
C ASN A 955 -32.06 32.23 -15.76
N ASP A 956 -30.98 31.95 -16.47
CA ASP A 956 -31.02 31.00 -17.58
C ASP A 956 -30.99 29.54 -17.14
N ASN A 957 -30.75 29.27 -15.85
CA ASN A 957 -30.61 27.91 -15.37
C ASN A 957 -31.82 27.46 -14.56
N ILE A 958 -32.96 28.13 -14.72
CA ILE A 958 -34.18 27.77 -14.02
C ILE A 958 -35.28 27.59 -15.07
N MET A 959 -35.91 26.42 -15.05
CA MET A 959 -36.98 26.10 -15.98
C MET A 959 -38.30 25.94 -15.26
N ILE A 960 -39.37 26.02 -16.05
CA ILE A 960 -40.73 25.92 -15.55
C ILE A 960 -41.51 25.05 -16.54
N SER A 961 -42.33 24.15 -16.00
CA SER A 961 -43.16 23.28 -16.81
C SER A 961 -44.48 23.97 -17.13
N GLU A 962 -45.21 23.41 -18.10
CA GLU A 962 -46.51 23.96 -18.45
C GLU A 962 -47.56 23.67 -17.39
N THR A 963 -47.29 22.79 -16.43
CA THR A 963 -48.20 22.55 -15.32
C THR A 963 -47.93 23.45 -14.14
N GLY A 964 -46.94 24.34 -14.23
CA GLY A 964 -46.62 25.26 -13.17
C GLY A 964 -45.40 24.88 -12.35
N ASN A 965 -44.96 23.64 -12.42
CA ASN A 965 -43.80 23.23 -11.65
C ASN A 965 -42.58 24.05 -12.06
N LEU A 966 -41.62 24.15 -11.14
CA LEU A 966 -40.41 24.92 -11.36
C LEU A 966 -39.22 24.14 -10.83
N PHE A 967 -38.10 24.19 -11.57
CA PHE A 967 -36.93 23.43 -11.16
C PHE A 967 -35.67 24.07 -11.72
N HIS A 968 -34.54 23.67 -11.16
CA HIS A 968 -33.23 24.15 -11.58
C HIS A 968 -32.52 23.09 -12.39
N ILE A 969 -31.51 23.52 -13.14
CA ILE A 969 -30.70 22.64 -13.97
C ILE A 969 -29.27 23.13 -13.97
N ASP A 970 -28.38 22.31 -14.52
CA ASP A 970 -26.99 22.68 -14.75
C ASP A 970 -26.31 23.10 -13.43
N PHE A 971 -26.21 22.14 -12.52
CA PHE A 971 -25.55 22.36 -11.24
C PHE A 971 -24.04 22.14 -11.30
N GLY A 972 -23.49 21.90 -12.49
CA GLY A 972 -22.13 21.43 -12.60
C GLY A 972 -21.07 22.46 -12.30
N HIS A 973 -21.45 23.72 -12.07
CA HIS A 973 -20.48 24.79 -11.86
C HIS A 973 -20.61 25.43 -10.49
N ILE A 974 -21.82 25.78 -10.09
CA ILE A 974 -22.06 26.58 -8.88
C ILE A 974 -21.40 25.97 -7.65
N LEU A 975 -21.10 24.68 -7.68
CA LEU A 975 -20.52 24.02 -6.52
C LEU A 975 -19.13 24.60 -6.23
N LYS A 986 -19.99 41.64 -6.63
CA LYS A 986 -19.81 41.61 -5.18
C LYS A 986 -21.16 41.68 -4.47
N GLU A 987 -22.21 42.00 -5.21
CA GLU A 987 -23.56 42.00 -4.67
C GLU A 987 -24.14 40.60 -4.81
N ARG A 988 -24.52 39.99 -3.69
CA ARG A 988 -24.95 38.61 -3.67
C ARG A 988 -26.34 38.50 -3.09
N VAL A 989 -27.05 37.43 -3.48
CA VAL A 989 -28.40 37.17 -3.01
C VAL A 989 -28.40 35.76 -2.44
N PRO A 990 -29.33 35.46 -1.52
CA PRO A 990 -29.40 34.08 -1.00
C PRO A 990 -30.06 33.10 -1.95
N PHE A 991 -31.10 33.52 -2.67
CA PHE A 991 -31.73 32.65 -3.65
C PHE A 991 -32.56 33.49 -4.61
N VAL A 992 -32.89 32.89 -5.75
CA VAL A 992 -33.51 33.62 -6.85
C VAL A 992 -34.99 33.79 -6.56
N LEU A 993 -35.40 35.02 -6.29
CA LEU A 993 -36.81 35.35 -6.06
C LEU A 993 -37.17 36.64 -6.80
N THR A 994 -36.79 36.72 -8.07
CA THR A 994 -36.94 37.92 -8.88
C THR A 994 -38.38 38.43 -8.85
N PRO A 995 -38.59 39.72 -9.14
CA PRO A 995 -39.96 40.27 -9.08
C PRO A 995 -40.96 39.59 -9.98
N ASP A 996 -40.53 38.70 -10.87
CA ASP A 996 -41.50 37.99 -11.71
C ASP A 996 -42.17 36.88 -10.92
N PHE A 997 -41.41 36.16 -10.11
CA PHE A 997 -42.03 35.16 -9.25
C PHE A 997 -43.03 35.84 -8.33
N LEU A 998 -42.60 36.92 -7.68
CA LEU A 998 -43.48 37.62 -6.76
C LEU A 998 -44.70 38.17 -7.46
N PHE A 999 -44.58 38.52 -8.74
CA PHE A 999 -45.76 38.98 -9.46
C PHE A 999 -46.71 37.83 -9.74
N VAL A 1000 -46.17 36.67 -10.14
CA VAL A 1000 -47.02 35.50 -10.30
C VAL A 1000 -47.77 35.23 -9.01
N MET A 1001 -47.08 35.33 -7.88
CA MET A 1001 -47.73 35.05 -6.61
C MET A 1001 -48.82 36.07 -6.32
N GLY A 1002 -48.53 37.36 -6.56
CA GLY A 1002 -49.54 38.39 -6.41
C GLY A 1002 -49.02 39.68 -5.81
N THR A 1003 -47.81 39.63 -5.25
CA THR A 1003 -47.25 40.78 -4.52
C THR A 1003 -46.51 41.67 -5.51
N SER A 1004 -47.20 42.69 -6.00
CA SER A 1004 -46.61 43.66 -6.93
C SER A 1004 -45.93 44.75 -6.12
N GLY A 1005 -44.71 44.45 -5.67
CA GLY A 1005 -43.92 45.41 -4.92
C GLY A 1005 -43.68 44.98 -3.49
N LYS A 1006 -44.20 45.75 -2.54
CA LYS A 1006 -44.17 45.36 -1.14
C LYS A 1006 -45.54 44.95 -0.61
N LYS A 1007 -46.60 45.13 -1.39
CA LYS A 1007 -47.91 44.60 -1.02
C LYS A 1007 -47.80 43.12 -0.70
N THR A 1008 -48.72 42.65 0.14
CA THR A 1008 -48.80 41.25 0.50
C THR A 1008 -50.13 40.66 0.02
N SER A 1009 -50.08 39.39 -0.39
CA SER A 1009 -51.26 38.69 -0.86
C SER A 1009 -51.34 37.33 -0.17
N LEU A 1010 -52.50 36.69 -0.31
CA LEU A 1010 -52.70 35.38 0.30
C LEU A 1010 -51.62 34.40 -0.14
N HIS A 1011 -51.23 34.44 -1.41
CA HIS A 1011 -50.29 33.46 -1.93
C HIS A 1011 -48.91 33.64 -1.32
N PHE A 1012 -48.49 34.90 -1.12
CA PHE A 1012 -47.18 35.11 -0.53
C PHE A 1012 -47.16 34.79 0.96
N GLN A 1013 -48.32 34.81 1.62
CA GLN A 1013 -48.38 34.30 2.98
C GLN A 1013 -48.29 32.79 3.01
N LYS A 1014 -48.98 32.12 2.08
CA LYS A 1014 -48.86 30.67 2.01
C LYS A 1014 -47.42 30.28 1.70
N PHE A 1015 -46.78 31.02 0.80
CA PHE A 1015 -45.38 30.75 0.48
C PHE A 1015 -44.49 30.92 1.70
N GLN A 1016 -44.71 31.98 2.48
CA GLN A 1016 -43.89 32.16 3.68
C GLN A 1016 -44.09 31.02 4.67
N ASP A 1017 -45.34 30.61 4.87
CA ASP A 1017 -45.61 29.52 5.81
C ASP A 1017 -44.94 28.24 5.36
N VAL A 1018 -45.06 27.92 4.07
CA VAL A 1018 -44.44 26.69 3.56
C VAL A 1018 -42.94 26.75 3.74
N CYS A 1019 -42.34 27.90 3.43
CA CYS A 1019 -40.89 28.02 3.58
C CYS A 1019 -40.47 27.81 5.03
N VAL A 1020 -41.19 28.40 5.97
CA VAL A 1020 -40.82 28.27 7.38
C VAL A 1020 -40.92 26.82 7.81
N LYS A 1021 -42.02 26.15 7.45
CA LYS A 1021 -42.20 24.76 7.83
C LYS A 1021 -41.09 23.90 7.27
N ALA A 1022 -40.77 24.08 5.98
CA ALA A 1022 -39.73 23.28 5.37
C ALA A 1022 -38.38 23.52 6.03
N TYR A 1023 -38.08 24.78 6.35
CA TYR A 1023 -36.80 25.08 6.96
C TYR A 1023 -36.68 24.41 8.32
N LEU A 1024 -37.74 24.46 9.13
CA LEU A 1024 -37.67 23.81 10.43
C LEU A 1024 -37.54 22.30 10.29
N ALA A 1025 -38.28 21.72 9.34
CA ALA A 1025 -38.17 20.28 9.13
C ALA A 1025 -36.75 19.90 8.76
N LEU A 1026 -36.10 20.70 7.90
CA LEU A 1026 -34.72 20.42 7.55
C LEU A 1026 -33.82 20.55 8.77
N ARG A 1027 -34.04 21.58 9.59
CA ARG A 1027 -33.21 21.77 10.77
C ARG A 1027 -33.30 20.57 11.70
N HIS A 1028 -34.42 19.85 11.67
CA HIS A 1028 -34.54 18.67 12.52
C HIS A 1028 -33.47 17.61 12.22
N HIS A 1029 -32.87 17.62 11.03
CA HIS A 1029 -31.91 16.59 10.65
C HIS A 1029 -30.53 17.20 10.41
N THR A 1030 -30.11 18.05 11.34
CA THR A 1030 -28.91 18.85 11.15
C THR A 1030 -27.67 17.98 11.01
N ASN A 1031 -27.54 16.95 11.84
CA ASN A 1031 -26.34 16.12 11.79
C ASN A 1031 -26.25 15.40 10.45
N LEU A 1032 -27.38 14.90 9.96
CA LEU A 1032 -27.37 14.23 8.67
C LEU A 1032 -26.93 15.19 7.59
N LEU A 1033 -27.57 16.36 7.51
CA LEU A 1033 -27.25 17.24 6.40
C LEU A 1033 -25.84 17.81 6.53
N ILE A 1034 -25.26 17.76 7.74
CA ILE A 1034 -23.94 18.33 7.95
C ILE A 1034 -22.87 17.29 7.68
N ILE A 1035 -23.26 16.02 7.64
CA ILE A 1035 -22.30 14.98 7.31
C ILE A 1035 -22.44 14.61 5.85
N LEU A 1036 -23.55 15.00 5.20
CA LEU A 1036 -23.69 14.80 3.77
C LEU A 1036 -23.05 15.94 2.99
N PHE A 1037 -23.09 17.17 3.52
CA PHE A 1037 -22.41 18.27 2.85
C PHE A 1037 -20.90 18.09 2.88
N SER A 1038 -20.36 17.68 4.02
CA SER A 1038 -18.91 17.53 4.14
C SER A 1038 -18.39 16.51 3.13
N MET A 1039 -19.15 15.44 2.92
CA MET A 1039 -18.75 14.45 1.92
C MET A 1039 -18.89 15.01 0.51
N MET A 1040 -20.08 15.52 0.16
CA MET A 1040 -20.22 16.26 -1.08
C MET A 1040 -19.00 17.12 -1.39
N LEU A 1041 -18.32 17.61 -0.36
CA LEU A 1041 -17.21 18.54 -0.61
C LEU A 1041 -15.85 17.87 -0.60
N MET A 1042 -15.69 16.76 0.12
CA MET A 1042 -14.39 16.12 0.16
C MET A 1042 -14.21 15.12 -0.97
N THR A 1043 -15.30 14.57 -1.49
CA THR A 1043 -15.23 13.67 -2.65
C THR A 1043 -15.87 14.27 -3.89
N GLY A 1044 -16.24 15.54 -3.85
CA GLY A 1044 -16.92 16.17 -4.97
C GLY A 1044 -16.02 17.07 -5.78
N MET A 1045 -16.08 18.36 -5.52
CA MET A 1045 -15.29 19.31 -6.30
C MET A 1045 -13.82 18.93 -6.23
N PRO A 1046 -13.14 18.79 -7.37
CA PRO A 1046 -11.75 18.31 -7.33
C PRO A 1046 -10.82 19.21 -6.55
N GLN A 1047 -11.03 20.53 -6.60
CA GLN A 1047 -10.14 21.45 -5.90
C GLN A 1047 -10.25 21.25 -4.39
N LEU A 1048 -9.11 21.31 -3.72
CA LEU A 1048 -9.06 21.12 -2.26
C LEU A 1048 -9.99 22.10 -1.58
N THR A 1049 -10.35 21.83 -0.33
CA THR A 1049 -11.25 22.67 0.43
C THR A 1049 -10.78 22.75 1.88
N SER A 1050 -11.22 23.80 2.57
CA SER A 1050 -10.89 24.04 3.95
C SER A 1050 -12.16 24.11 4.79
N LYS A 1051 -11.99 24.11 6.11
CA LYS A 1051 -13.13 24.13 7.01
C LYS A 1051 -13.98 25.39 6.84
N GLU A 1052 -13.39 26.47 6.32
CA GLU A 1052 -14.17 27.67 6.06
C GLU A 1052 -15.23 27.41 5.00
N ASP A 1053 -14.93 26.51 4.06
CA ASP A 1053 -15.93 26.13 3.07
C ASP A 1053 -17.06 25.34 3.69
N ILE A 1054 -16.78 24.60 4.76
CA ILE A 1054 -17.79 23.74 5.36
C ILE A 1054 -18.63 24.48 6.41
N GLU A 1055 -18.07 25.51 7.03
CA GLU A 1055 -18.83 26.20 8.07
C GLU A 1055 -20.06 26.91 7.53
N TYR A 1056 -20.18 27.05 6.21
CA TYR A 1056 -21.36 27.68 5.66
C TYR A 1056 -22.62 26.90 6.02
N ILE A 1057 -22.55 25.57 6.00
CA ILE A 1057 -23.74 24.78 6.32
C ILE A 1057 -24.11 24.97 7.78
N ARG A 1058 -23.11 25.11 8.66
CA ARG A 1058 -23.41 25.40 10.05
C ARG A 1058 -24.10 26.74 10.19
N ASP A 1059 -23.61 27.75 9.46
CA ASP A 1059 -24.20 29.08 9.58
C ASP A 1059 -25.59 29.12 8.98
N ALA A 1060 -25.86 28.34 7.94
CA ALA A 1060 -27.13 28.41 7.25
C ALA A 1060 -28.25 27.74 8.03
N LEU A 1061 -27.93 26.65 8.72
CA LEU A 1061 -28.93 25.93 9.50
C LEU A 1061 -29.16 26.55 10.87
N THR A 1062 -28.41 27.58 11.23
CA THR A 1062 -28.58 28.27 12.51
C THR A 1062 -28.48 27.27 13.66
N VAL A 1063 -27.33 26.61 13.73
CA VAL A 1063 -27.11 25.60 14.75
C VAL A 1063 -27.10 26.26 16.12
N GLY A 1064 -27.86 25.71 17.06
CA GLY A 1064 -27.85 26.19 18.42
C GLY A 1064 -28.78 27.34 18.70
N LYS A 1065 -29.79 27.57 17.86
CA LYS A 1065 -30.73 28.66 18.05
C LYS A 1065 -32.15 28.10 18.12
N SER A 1066 -33.01 28.81 18.85
CA SER A 1066 -34.38 28.37 19.01
C SER A 1066 -35.13 28.50 17.69
N GLU A 1067 -36.30 27.84 17.63
CA GLU A 1067 -37.05 27.83 16.39
C GLU A 1067 -37.53 29.21 15.98
N GLU A 1068 -37.87 30.05 16.96
CA GLU A 1068 -38.29 31.40 16.64
C GLU A 1068 -37.15 32.18 15.97
N ASP A 1069 -35.93 32.00 16.47
CA ASP A 1069 -34.80 32.68 15.85
C ASP A 1069 -34.60 32.23 14.42
N ALA A 1070 -34.72 30.93 14.16
CA ALA A 1070 -34.56 30.43 12.80
C ALA A 1070 -35.66 30.98 11.89
N LYS A 1071 -36.90 31.02 12.39
CA LYS A 1071 -37.99 31.57 11.60
C LYS A 1071 -37.72 33.03 11.24
N LYS A 1072 -37.28 33.81 12.22
CA LYS A 1072 -36.97 35.21 11.96
C LYS A 1072 -35.83 35.34 10.96
N TYR A 1073 -34.81 34.49 11.08
CA TYR A 1073 -33.67 34.54 10.17
C TYR A 1073 -34.11 34.28 8.74
N PHE A 1074 -34.94 33.24 8.54
CA PHE A 1074 -35.35 32.93 7.17
C PHE A 1074 -36.26 34.02 6.62
N LEU A 1075 -37.15 34.58 7.44
CA LEU A 1075 -37.98 35.67 6.95
C LEU A 1075 -37.12 36.88 6.56
N ASP A 1076 -36.02 37.11 7.30
CA ASP A 1076 -35.12 38.20 6.93
C ASP A 1076 -34.45 37.92 5.60
N GLN A 1077 -34.07 36.66 5.35
CA GLN A 1077 -33.52 36.33 4.04
C GLN A 1077 -34.54 36.58 2.94
N ILE A 1078 -35.79 36.21 3.18
CA ILE A 1078 -36.82 36.48 2.18
C ILE A 1078 -36.93 37.98 1.91
N GLU A 1079 -36.89 38.80 2.97
CA GLU A 1079 -36.98 40.23 2.70
C GLU A 1079 -35.74 40.74 1.98
N VAL A 1080 -34.62 40.04 2.13
CA VAL A 1080 -33.41 40.49 1.47
C VAL A 1080 -33.56 40.25 -0.02
N CYS A 1081 -34.12 39.10 -0.38
CA CYS A 1081 -34.37 38.86 -1.79
C CYS A 1081 -35.44 39.81 -2.30
N ARG A 1082 -36.41 40.17 -1.45
CA ARG A 1082 -37.44 41.10 -1.87
C ARG A 1082 -36.96 42.54 -1.91
N ASP A 1083 -35.69 42.79 -1.66
CA ASP A 1083 -35.19 44.16 -1.65
C ASP A 1083 -34.32 44.52 -2.84
N LYS A 1084 -33.64 43.54 -3.46
CA LYS A 1084 -32.71 43.85 -4.54
C LYS A 1084 -33.36 43.85 -5.92
N GLY A 1085 -34.48 43.17 -6.09
CA GLY A 1085 -35.15 43.18 -7.39
C GLY A 1085 -34.28 42.53 -8.46
N TRP A 1086 -34.04 43.27 -9.55
CA TRP A 1086 -33.30 42.75 -10.69
C TRP A 1086 -31.82 43.14 -10.64
N THR A 1087 -31.28 43.38 -9.44
CA THR A 1087 -29.95 43.93 -9.35
C THR A 1087 -28.86 42.91 -9.65
N VAL A 1088 -29.10 41.63 -9.35
CA VAL A 1088 -28.09 40.61 -9.56
C VAL A 1088 -28.33 39.91 -10.90
N GLN A 1089 -29.59 39.86 -11.33
CA GLN A 1089 -29.89 39.32 -12.65
C GLN A 1089 -29.20 40.15 -13.72
N PHE A 1090 -29.46 41.46 -13.73
CA PHE A 1090 -28.75 42.36 -14.62
C PHE A 1090 -27.25 42.11 -14.60
N ASN A 1091 -26.67 41.89 -13.41
CA ASN A 1091 -25.22 41.73 -13.33
C ASN A 1091 -24.76 40.41 -13.91
N TRP A 1092 -25.60 39.38 -13.85
CA TRP A 1092 -25.30 38.14 -14.56
C TRP A 1092 -25.38 38.35 -16.06
N PHE A 1093 -26.41 39.07 -16.51
CA PHE A 1093 -26.55 39.32 -17.94
C PHE A 1093 -25.34 40.08 -18.46
N LEU A 1094 -24.91 41.11 -17.73
CA LEU A 1094 -23.74 41.86 -18.16
C LEU A 1094 -22.49 41.00 -18.14
N HIS A 1095 -22.32 40.16 -17.11
CA HIS A 1095 -21.13 39.32 -17.05
C HIS A 1095 -21.09 38.33 -18.21
N LEU A 1096 -22.24 37.75 -18.56
CA LEU A 1096 -22.28 36.80 -19.67
C LEU A 1096 -22.07 37.50 -21.01
N VAL A 1097 -22.71 38.64 -21.21
CA VAL A 1097 -22.54 39.38 -22.47
C VAL A 1097 -21.09 39.84 -22.61
N LEU A 1098 -20.52 40.33 -21.52
CA LEU A 1098 -19.12 40.73 -21.52
C LEU A 1098 -18.23 39.51 -21.34
N THR B 7 37.24 0.43 41.80
CA THR B 7 38.58 0.71 42.38
C THR B 7 39.48 1.36 41.34
N CYS B 8 40.78 1.44 41.65
CA CYS B 8 41.72 2.02 40.71
C CYS B 8 41.82 1.19 39.44
N THR B 9 41.90 -0.14 39.58
CA THR B 9 42.00 -1.00 38.41
C THR B 9 40.74 -0.93 37.58
N GLU B 10 39.57 -0.95 38.23
CA GLU B 10 38.33 -0.89 37.49
C GLU B 10 38.23 0.43 36.73
N ASP B 11 38.62 1.54 37.36
CA ASP B 11 38.49 2.82 36.68
C ASP B 11 39.51 2.93 35.57
N ARG B 12 40.68 2.32 35.73
CA ARG B 12 41.66 2.29 34.65
C ARG B 12 41.08 1.58 33.44
N ILE B 13 40.50 0.40 33.67
CA ILE B 13 39.90 -0.34 32.56
C ILE B 13 38.80 0.49 31.93
N GLN B 14 38.00 1.17 32.74
CA GLN B 14 36.88 1.91 32.17
C GLN B 14 37.40 3.06 31.33
N HIS B 15 38.52 3.65 31.75
CA HIS B 15 39.08 4.76 31.01
C HIS B 15 39.58 4.26 29.67
N ALA B 16 40.27 3.12 29.66
CA ALA B 16 40.79 2.61 28.41
C ALA B 16 39.63 2.28 27.49
N LEU B 17 38.57 1.68 28.03
CA LEU B 17 37.43 1.33 27.20
C LEU B 17 36.83 2.59 26.59
N GLU B 18 36.68 3.64 27.40
CA GLU B 18 36.04 4.86 26.93
C GLU B 18 36.96 5.64 26.01
N ARG B 19 38.23 5.24 25.93
CA ARG B 19 39.21 5.91 25.10
C ARG B 19 39.48 5.13 23.82
N CYS B 20 39.00 3.89 23.74
CA CYS B 20 39.08 3.10 22.53
C CYS B 20 37.81 3.17 21.69
N LEU B 21 36.70 3.64 22.29
CA LEU B 21 35.43 3.77 21.59
C LEU B 21 35.12 5.21 21.23
N HIS B 22 36.14 6.04 21.07
CA HIS B 22 35.93 7.43 20.72
C HIS B 22 35.20 7.57 19.39
N LEU B 37 44.59 6.94 18.43
CA LEU B 37 43.40 6.11 18.48
C LEU B 37 43.68 4.73 17.89
N CYS B 38 44.82 4.60 17.20
CA CYS B 38 45.19 3.32 16.60
C CYS B 38 45.69 2.35 17.66
N LEU B 39 46.51 2.82 18.59
CA LEU B 39 47.05 1.99 19.66
C LEU B 39 46.27 2.15 20.96
N ASN B 40 45.02 2.60 20.87
CA ASN B 40 44.14 2.61 22.03
C ASN B 40 43.46 1.28 22.24
N CYS B 41 43.45 0.42 21.22
CA CYS B 41 42.95 -0.94 21.41
C CYS B 41 44.06 -1.83 21.95
N TRP B 42 45.20 -1.88 21.25
CA TRP B 42 46.34 -2.64 21.74
C TRP B 42 46.61 -2.36 23.22
N SER B 43 46.30 -1.16 23.69
CA SER B 43 46.63 -0.84 25.07
C SER B 43 45.62 -1.47 26.00
N LEU B 44 44.36 -1.55 25.57
CA LEU B 44 43.37 -2.33 26.30
C LEU B 44 43.84 -3.78 26.38
N GLN B 45 44.13 -4.37 25.22
CA GLN B 45 44.55 -5.76 25.15
C GLN B 45 45.92 -5.99 25.73
N GLU B 46 46.55 -4.96 26.31
CA GLU B 46 47.81 -5.09 27.00
C GLU B 46 47.71 -4.76 28.46
N LEU B 47 46.64 -4.09 28.88
CA LEU B 47 46.37 -3.84 30.27
C LEU B 47 45.57 -4.97 30.88
N VAL B 48 44.66 -5.56 30.10
CA VAL B 48 43.84 -6.65 30.62
C VAL B 48 44.66 -7.90 30.82
N SER B 49 45.60 -8.19 29.92
CA SER B 49 46.30 -9.47 29.92
C SER B 49 47.15 -9.70 31.16
N ARG B 50 47.39 -8.67 31.98
CA ARG B 50 48.27 -8.82 33.13
C ARG B 50 47.74 -9.86 34.11
N ASP B 51 46.54 -9.63 34.64
CA ASP B 51 45.96 -10.53 35.63
C ASP B 51 44.81 -11.31 35.03
N PRO B 52 44.79 -12.65 35.14
CA PRO B 52 43.63 -13.40 34.66
C PRO B 52 42.29 -12.85 35.15
N GLY B 53 42.31 -12.06 36.21
CA GLY B 53 41.07 -11.58 36.78
C GLY B 53 40.52 -10.35 36.13
N HIS B 54 41.30 -9.73 35.24
CA HIS B 54 40.89 -8.49 34.59
C HIS B 54 39.96 -8.73 33.42
N PHE B 55 39.85 -9.99 32.96
CA PHE B 55 39.05 -10.26 31.78
C PHE B 55 37.57 -10.31 32.09
N LEU B 56 37.20 -10.60 33.33
CA LEU B 56 35.78 -10.59 33.67
C LEU B 56 35.29 -9.17 33.90
N ILE B 57 36.09 -8.34 34.59
CA ILE B 57 35.65 -6.98 34.87
C ILE B 57 35.41 -6.24 33.56
N LEU B 58 36.33 -6.37 32.62
CA LEU B 58 36.16 -5.69 31.35
C LEU B 58 34.86 -6.12 30.70
N LEU B 59 34.58 -7.42 30.72
CA LEU B 59 33.39 -7.88 30.04
C LEU B 59 32.16 -7.26 30.67
N GLU B 60 32.14 -7.17 32.00
CA GLU B 60 30.96 -6.60 32.63
C GLU B 60 30.75 -5.20 32.10
N GLN B 61 31.82 -4.40 32.06
CA GLN B 61 31.65 -3.03 31.61
C GLN B 61 31.15 -3.01 30.18
N ILE B 62 31.69 -3.89 29.34
CA ILE B 62 31.24 -3.88 27.96
C ILE B 62 29.77 -4.20 27.91
N LEU B 63 29.33 -5.19 28.69
CA LEU B 63 27.92 -5.52 28.67
C LEU B 63 27.11 -4.33 29.11
N GLN B 64 27.57 -3.64 30.16
CA GLN B 64 26.85 -2.47 30.63
C GLN B 64 26.69 -1.50 29.49
N LYS B 65 27.79 -1.19 28.80
CA LYS B 65 27.71 -0.18 27.75
C LYS B 65 26.80 -0.68 26.65
N THR B 66 26.85 -1.98 26.35
CA THR B 66 26.01 -2.50 25.29
C THR B 66 24.55 -2.29 25.65
N ARG B 67 24.19 -2.56 26.91
CA ARG B 67 22.80 -2.38 27.28
C ARG B 67 22.39 -0.94 27.09
N GLU B 68 23.28 0.00 27.41
CA GLU B 68 22.95 1.40 27.23
C GLU B 68 22.60 1.67 25.78
N VAL B 69 23.40 1.13 24.85
CA VAL B 69 23.10 1.35 23.44
C VAL B 69 21.73 0.80 23.12
N GLN B 70 21.43 -0.40 23.62
CA GLN B 70 20.14 -0.99 23.32
C GLN B 70 19.02 -0.06 23.77
N GLU B 71 19.20 0.60 24.91
CA GLU B 71 18.19 1.53 25.37
C GLU B 71 18.15 2.77 24.48
N LYS B 72 19.31 3.32 24.13
CA LYS B 72 19.33 4.58 23.40
C LYS B 72 18.93 4.37 21.94
N GLY B 73 19.71 3.60 21.20
CA GLY B 73 19.48 3.42 19.78
C GLY B 73 20.64 3.91 18.95
N THR B 74 21.82 3.99 19.55
CA THR B 74 23.00 4.48 18.85
C THR B 74 23.49 3.44 17.86
N TYR B 75 23.04 3.53 16.61
CA TYR B 75 23.37 2.49 15.64
C TYR B 75 24.86 2.42 15.36
N ASP B 76 25.62 3.47 15.68
CA ASP B 76 27.00 3.59 15.24
C ASP B 76 28.00 3.00 16.22
N LEU B 77 27.58 2.59 17.41
CA LEU B 77 28.49 2.10 18.43
C LEU B 77 28.27 0.63 18.74
N LEU B 78 27.55 -0.09 17.88
CA LEU B 78 27.31 -1.50 18.11
C LEU B 78 28.42 -2.38 17.55
N ALA B 79 28.84 -2.12 16.32
CA ALA B 79 29.78 -3.02 15.66
C ALA B 79 31.13 -3.05 16.34
N PRO B 80 31.59 -1.96 16.97
CA PRO B 80 32.87 -2.04 17.68
C PRO B 80 32.78 -2.83 18.97
N LEU B 81 31.64 -2.78 19.66
CA LEU B 81 31.49 -3.53 20.89
C LEU B 81 31.41 -5.01 20.57
N ALA B 82 30.59 -5.37 19.59
CA ALA B 82 30.53 -6.76 19.18
C ALA B 82 31.91 -7.29 18.78
N LEU B 83 32.86 -6.41 18.44
CA LEU B 83 34.19 -6.93 18.13
C LEU B 83 35.07 -7.05 19.36
N LEU B 84 34.81 -6.24 20.39
CA LEU B 84 35.63 -6.33 21.59
C LEU B 84 35.23 -7.55 22.42
N PHE B 85 33.93 -7.83 22.49
CA PHE B 85 33.44 -9.01 23.15
C PHE B 85 34.05 -10.26 22.53
N TYR B 86 33.70 -10.55 21.28
CA TYR B 86 34.35 -11.63 20.56
C TYR B 86 35.84 -11.69 20.85
N SER B 87 36.49 -10.53 20.97
CA SER B 87 37.94 -10.54 21.14
C SER B 87 38.35 -10.96 22.53
N THR B 88 37.61 -10.52 23.55
CA THR B 88 37.98 -10.82 24.93
C THR B 88 37.49 -12.21 25.34
N VAL B 89 36.24 -12.54 25.02
CA VAL B 89 35.68 -13.83 25.38
C VAL B 89 36.50 -14.98 24.84
N LEU B 90 37.35 -14.73 23.84
CA LEU B 90 38.14 -15.77 23.22
C LEU B 90 39.52 -15.92 23.84
N CYS B 91 39.92 -15.01 24.71
CA CYS B 91 41.18 -15.13 25.44
C CYS B 91 40.98 -15.32 26.94
N THR B 92 39.78 -15.11 27.45
CA THR B 92 39.47 -15.26 28.87
C THR B 92 40.12 -16.53 29.42
N PRO B 93 41.06 -16.43 30.36
CA PRO B 93 41.73 -17.65 30.84
C PRO B 93 40.78 -18.68 31.40
N HIS B 94 39.72 -18.26 32.08
CA HIS B 94 38.82 -19.22 32.71
C HIS B 94 37.60 -18.48 33.24
N PHE B 95 36.47 -19.18 33.23
CA PHE B 95 35.23 -18.68 33.82
C PHE B 95 34.94 -19.47 35.08
N PRO B 96 34.81 -18.85 36.24
CA PRO B 96 34.40 -19.60 37.43
C PRO B 96 33.03 -20.20 37.23
N PRO B 97 32.77 -21.38 37.80
CA PRO B 97 31.43 -21.98 37.66
C PRO B 97 30.33 -21.08 38.17
N ASP B 98 30.60 -20.28 39.21
CA ASP B 98 29.56 -19.43 39.78
C ASP B 98 29.14 -18.35 38.80
N SER B 99 30.09 -17.81 38.04
CA SER B 99 29.80 -16.69 37.16
C SER B 99 28.72 -17.05 36.15
N ASP B 100 27.76 -16.14 35.99
CA ASP B 100 26.71 -16.26 34.99
C ASP B 100 26.85 -15.19 33.92
N LEU B 101 28.08 -14.73 33.70
CA LEU B 101 28.29 -13.61 32.77
C LEU B 101 27.81 -13.96 31.37
N LEU B 102 28.08 -15.18 30.92
CA LEU B 102 27.70 -15.57 29.56
C LEU B 102 26.19 -15.53 29.39
N LEU B 103 25.45 -15.98 30.41
CA LEU B 103 23.99 -15.95 30.33
C LEU B 103 23.49 -14.53 30.21
N LYS B 104 24.06 -13.61 31.00
CA LYS B 104 23.66 -12.22 30.90
C LYS B 104 23.97 -11.66 29.52
N ALA B 105 25.12 -12.04 28.96
CA ALA B 105 25.46 -11.58 27.61
C ALA B 105 24.47 -12.08 26.58
N ALA B 106 24.09 -13.36 26.68
CA ALA B 106 23.13 -13.91 25.73
C ALA B 106 21.78 -13.22 25.86
N ARG B 107 21.36 -12.93 27.10
CA ARG B 107 20.10 -12.21 27.27
C ARG B 107 20.21 -10.80 26.70
N THR B 108 21.38 -10.17 26.82
CA THR B 108 21.55 -8.82 26.32
C THR B 108 21.50 -8.79 24.79
N TYR B 109 22.15 -9.76 24.15
CA TYR B 109 22.20 -9.78 22.69
C TYR B 109 21.01 -10.46 22.06
N HIS B 110 20.12 -11.04 22.85
CA HIS B 110 18.93 -11.66 22.26
C HIS B 110 17.96 -10.61 21.74
N ARG B 111 17.99 -9.41 22.29
CA ARG B 111 17.01 -8.38 21.92
C ARG B 111 17.43 -7.57 20.71
N PHE B 112 18.57 -7.87 20.10
CA PHE B 112 18.95 -7.21 18.86
C PHE B 112 18.35 -7.86 17.63
N LEU B 113 17.61 -8.96 17.78
CA LEU B 113 16.96 -9.57 16.63
C LEU B 113 15.93 -8.65 16.00
N THR B 114 15.51 -7.62 16.73
CA THR B 114 14.53 -6.67 16.23
C THR B 114 15.16 -5.47 15.54
N TRP B 115 16.49 -5.43 15.47
CA TRP B 115 17.20 -4.34 14.83
C TRP B 115 17.35 -4.62 13.35
N PRO B 116 17.79 -3.64 12.57
CA PRO B 116 17.88 -3.82 11.12
C PRO B 116 19.23 -4.39 10.68
N VAL B 117 19.19 -5.01 9.51
CA VAL B 117 20.41 -5.60 8.95
C VAL B 117 21.45 -4.51 8.81
N PRO B 118 22.75 -4.78 9.02
CA PRO B 118 23.41 -6.03 9.38
C PRO B 118 23.59 -6.28 10.86
N TYR B 119 23.04 -5.41 11.71
CA TYR B 119 23.24 -5.56 13.14
C TYR B 119 22.70 -6.89 13.64
N CYS B 120 21.51 -7.27 13.16
CA CYS B 120 20.94 -8.54 13.54
C CYS B 120 21.80 -9.70 13.06
N SER B 121 22.55 -9.48 11.99
CA SER B 121 23.38 -10.55 11.43
C SER B 121 24.74 -10.62 12.08
N ILE B 122 25.06 -9.68 12.96
CA ILE B 122 26.30 -9.71 13.73
C ILE B 122 25.92 -10.30 15.08
N CYS B 123 24.69 -10.03 15.50
CA CYS B 123 24.20 -10.55 16.76
C CYS B 123 23.89 -12.05 16.68
N GLN B 124 23.31 -12.53 15.57
CA GLN B 124 23.11 -13.97 15.48
C GLN B 124 24.44 -14.72 15.54
N GLU B 125 25.45 -14.21 14.87
CA GLU B 125 26.75 -14.86 14.87
C GLU B 125 27.51 -14.64 16.15
N LEU B 126 27.10 -13.68 16.97
CA LEU B 126 27.68 -13.58 18.30
C LEU B 126 26.98 -14.54 19.25
N LEU B 127 25.67 -14.71 19.10
CA LEU B 127 24.93 -15.61 19.98
C LEU B 127 25.38 -17.04 19.77
N THR B 128 25.63 -17.42 18.52
CA THR B 128 26.15 -18.76 18.25
C THR B 128 27.49 -18.96 18.94
N PHE B 129 28.39 -17.98 18.83
CA PHE B 129 29.67 -18.07 19.53
C PHE B 129 29.48 -18.10 21.05
N ILE B 130 28.42 -17.49 21.57
CA ILE B 130 28.24 -17.47 23.01
C ILE B 130 27.60 -18.73 23.52
N ASP B 131 27.03 -19.53 22.63
CA ASP B 131 26.55 -20.84 23.04
C ASP B 131 27.66 -21.86 22.88
N ALA B 132 28.50 -21.70 21.86
CA ALA B 132 29.62 -22.59 21.71
C ALA B 132 30.55 -22.42 22.89
N GLU B 133 30.68 -21.20 23.39
CA GLU B 133 31.57 -20.96 24.52
C GLU B 133 30.88 -21.26 25.84
N LEU B 134 29.54 -21.22 25.89
CA LEU B 134 28.85 -21.59 27.10
C LEU B 134 28.98 -23.09 27.35
N LYS B 135 28.87 -23.90 26.30
CA LYS B 135 28.87 -25.34 26.50
C LYS B 135 30.28 -25.89 26.64
N ALA B 136 31.16 -25.62 25.68
CA ALA B 136 32.49 -26.21 25.69
C ALA B 136 33.55 -25.12 25.90
N PRO B 137 34.06 -24.94 27.11
CA PRO B 137 35.06 -23.89 27.34
C PRO B 137 36.31 -24.11 26.49
N GLY B 138 36.89 -23.01 26.02
CA GLY B 138 38.14 -23.06 25.28
C GLY B 138 38.02 -23.53 23.86
N ILE B 139 36.79 -23.75 23.36
CA ILE B 139 36.64 -24.27 22.00
C ILE B 139 37.01 -23.22 20.98
N SER B 140 36.63 -21.96 21.21
CA SER B 140 36.88 -20.93 20.22
C SER B 140 38.34 -20.53 20.15
N TYR B 141 39.13 -20.85 21.17
CA TYR B 141 40.56 -20.58 21.13
C TYR B 141 41.33 -21.78 20.62
N GLN B 142 40.79 -22.98 20.79
CA GLN B 142 41.46 -24.14 20.24
C GLN B 142 41.21 -24.27 18.75
N ARG B 143 40.04 -23.83 18.28
CA ARG B 143 39.79 -23.84 16.84
C ARG B 143 40.78 -22.93 16.14
N LEU B 144 40.79 -21.66 16.54
CA LEU B 144 41.74 -20.69 16.00
C LEU B 144 43.16 -21.22 16.04
N VAL B 145 43.65 -21.60 17.22
CA VAL B 145 45.05 -21.99 17.32
C VAL B 145 45.32 -23.19 16.43
N ARG B 146 44.53 -24.25 16.58
CA ARG B 146 44.61 -25.43 15.75
C ARG B 146 44.84 -25.00 14.30
N ALA B 147 43.80 -24.44 13.68
CA ALA B 147 43.90 -23.99 12.30
C ALA B 147 45.22 -23.27 12.04
N GLU B 148 45.45 -22.13 12.70
CA GLU B 148 46.58 -21.30 12.32
C GLU B 148 47.89 -22.06 12.38
N GLN B 149 48.03 -22.99 13.33
CA GLN B 149 49.26 -23.76 13.44
C GLN B 149 49.29 -24.97 12.53
N GLY B 150 48.18 -25.31 11.88
CA GLY B 150 48.17 -26.45 11.00
C GLY B 150 48.47 -27.76 11.71
N LEU B 151 48.01 -27.90 12.94
CA LEU B 151 48.24 -29.08 13.75
C LEU B 151 46.92 -29.76 14.07
N SER B 152 46.04 -29.84 13.08
CA SER B 152 44.69 -30.35 13.31
C SER B 152 44.72 -31.87 13.38
N THR B 153 43.54 -32.49 13.45
CA THR B 153 43.41 -33.92 13.58
C THR B 153 43.06 -34.53 12.22
N ARG B 154 42.73 -35.82 12.23
CA ARG B 154 42.32 -36.53 11.02
C ARG B 154 40.81 -36.56 10.84
N SER B 155 40.05 -35.93 11.73
CA SER B 155 38.60 -35.88 11.64
C SER B 155 38.12 -34.54 11.10
N HIS B 156 38.49 -33.44 11.76
CA HIS B 156 38.19 -32.09 11.31
C HIS B 156 39.54 -31.40 11.12
N ARG B 157 40.13 -31.54 9.95
CA ARG B 157 41.40 -30.93 9.63
C ARG B 157 41.16 -29.65 8.85
N SER B 158 41.94 -28.63 9.17
CA SER B 158 41.88 -27.35 8.47
C SER B 158 43.28 -26.75 8.50
N SER B 159 43.40 -25.51 8.02
CA SER B 159 44.69 -24.85 8.06
C SER B 159 44.53 -23.41 7.60
N THR B 160 45.44 -22.57 8.06
CA THR B 160 45.51 -21.18 7.66
C THR B 160 46.96 -20.82 7.51
N VAL B 161 47.28 -20.09 6.45
CA VAL B 161 48.65 -19.68 6.17
C VAL B 161 48.63 -18.20 5.84
N THR B 162 49.65 -17.48 6.30
CA THR B 162 49.73 -16.04 6.08
C THR B 162 50.94 -15.72 5.21
N VAL B 163 50.69 -15.03 4.12
CA VAL B 163 51.72 -14.62 3.16
C VAL B 163 51.77 -13.10 3.17
N LEU B 164 52.95 -12.54 3.37
CA LEU B 164 53.13 -11.10 3.52
C LEU B 164 53.69 -10.53 2.22
N LEU B 165 52.79 -10.18 1.29
CA LEU B 165 53.20 -9.64 0.01
C LEU B 165 53.61 -8.19 0.24
N LEU B 166 54.91 -7.95 0.28
CA LEU B 166 55.47 -6.65 0.60
C LEU B 166 56.54 -6.30 -0.42
N ASN B 167 56.54 -5.05 -0.87
CA ASN B 167 57.49 -4.60 -1.88
C ASN B 167 58.77 -4.12 -1.20
N PRO B 168 59.92 -4.72 -1.48
CA PRO B 168 61.14 -4.35 -0.74
C PRO B 168 61.45 -2.88 -0.77
N VAL B 169 61.16 -2.18 -1.87
CA VAL B 169 61.57 -0.80 -2.04
C VAL B 169 60.50 0.15 -1.51
N GLU B 170 59.30 0.08 -2.12
CA GLU B 170 58.26 1.04 -1.79
C GLU B 170 57.96 1.08 -0.29
N VAL B 171 58.13 -0.03 0.39
CA VAL B 171 57.75 -0.15 1.79
C VAL B 171 58.93 0.21 2.66
N GLN B 172 58.63 0.71 3.86
CA GLN B 172 59.66 1.14 4.79
C GLN B 172 60.42 -0.06 5.36
N ALA B 173 61.61 0.20 5.88
CA ALA B 173 62.43 -0.86 6.47
C ALA B 173 61.86 -1.35 7.79
N GLU B 174 61.09 -0.53 8.50
CA GLU B 174 60.48 -0.97 9.74
C GLU B 174 59.51 -2.13 9.48
N PHE B 175 58.68 -1.99 8.45
CA PHE B 175 57.78 -3.08 8.11
C PHE B 175 58.56 -4.29 7.61
N LEU B 176 59.75 -4.08 7.05
CA LEU B 176 60.60 -5.22 6.69
C LEU B 176 61.08 -5.95 7.93
N ASP B 177 61.49 -5.21 8.95
CA ASP B 177 61.92 -5.86 10.19
C ASP B 177 60.76 -6.61 10.83
N VAL B 178 59.56 -6.02 10.82
CA VAL B 178 58.39 -6.69 11.38
C VAL B 178 58.11 -7.97 10.61
N ALA B 179 58.22 -7.92 9.28
CA ALA B 179 57.93 -9.10 8.48
C ALA B 179 58.98 -10.18 8.71
N ASP B 180 60.23 -9.78 8.87
CA ASP B 180 61.28 -10.74 9.15
C ASP B 180 61.03 -11.42 10.49
N LYS B 181 60.64 -10.65 11.50
CA LYS B 181 60.37 -11.23 12.81
C LYS B 181 59.19 -12.20 12.73
N LEU B 182 58.13 -11.80 12.02
CA LEU B 182 56.97 -12.68 11.89
C LEU B 182 57.27 -13.91 11.05
N SER B 183 58.30 -13.85 10.21
CA SER B 183 58.66 -14.99 9.37
C SER B 183 59.53 -16.00 10.10
N THR B 184 60.12 -15.65 11.22
CA THR B 184 60.93 -16.61 11.97
C THR B 184 60.02 -17.70 12.52
N PRO B 185 60.29 -18.99 12.26
CA PRO B 185 59.45 -20.03 12.88
C PRO B 185 59.49 -19.91 14.39
N GLY B 186 58.36 -19.54 14.99
CA GLY B 186 58.31 -19.29 16.40
C GLY B 186 58.16 -20.55 17.22
N PRO B 187 57.02 -21.22 17.07
CA PRO B 187 56.77 -22.43 17.86
C PRO B 187 57.18 -23.71 17.11
N SER B 188 57.18 -24.80 17.86
CA SER B 188 57.31 -26.15 17.33
C SER B 188 56.02 -26.91 17.58
N PRO B 189 55.74 -27.97 16.81
CA PRO B 189 54.52 -28.74 17.07
C PRO B 189 54.45 -29.24 18.50
N HIS B 190 55.59 -29.60 19.09
CA HIS B 190 55.60 -30.05 20.48
C HIS B 190 55.12 -28.96 21.41
N SER B 191 55.73 -27.77 21.31
CA SER B 191 55.35 -26.67 22.19
C SER B 191 53.91 -26.24 21.92
N ALA B 192 53.50 -26.23 20.66
CA ALA B 192 52.14 -25.84 20.35
C ALA B 192 51.14 -26.81 20.95
N TYR B 193 51.46 -28.10 20.92
CA TYR B 193 50.53 -29.08 21.46
C TYR B 193 50.51 -29.01 22.98
N ILE B 194 51.64 -28.67 23.59
CA ILE B 194 51.67 -28.49 25.04
C ILE B 194 50.82 -27.30 25.43
N THR B 195 50.95 -26.19 24.71
CA THR B 195 50.16 -25.01 25.02
C THR B 195 48.67 -25.30 24.85
N LEU B 196 48.31 -25.99 23.76
CA LEU B 196 46.90 -26.30 23.54
C LEU B 196 46.35 -27.16 24.65
N LEU B 197 47.10 -28.19 25.09
CA LEU B 197 46.63 -29.02 26.17
C LEU B 197 46.49 -28.23 27.47
N LEU B 198 47.48 -27.38 27.75
CA LEU B 198 47.44 -26.60 28.98
C LEU B 198 46.21 -25.69 29.00
N HIS B 199 45.88 -25.09 27.86
CA HIS B 199 44.78 -24.15 27.86
C HIS B 199 43.44 -24.86 27.84
N ALA B 200 43.39 -26.06 27.24
CA ALA B 200 42.16 -26.83 27.28
C ALA B 200 41.87 -27.29 28.70
N PHE B 201 42.91 -27.65 29.43
CA PHE B 201 42.72 -28.17 30.78
C PHE B 201 42.38 -27.03 31.74
N GLN B 202 43.15 -25.94 31.68
CA GLN B 202 42.86 -24.81 32.55
C GLN B 202 41.45 -24.30 32.33
N ALA B 203 41.05 -24.10 31.06
CA ALA B 203 39.75 -23.51 30.78
C ALA B 203 38.66 -24.26 31.52
N THR B 204 38.80 -25.58 31.62
CA THR B 204 37.77 -26.41 32.23
C THR B 204 37.90 -26.41 33.76
N PHE B 205 39.07 -26.80 34.27
CA PHE B 205 39.22 -27.07 35.69
C PHE B 205 39.71 -25.87 36.51
N GLY B 206 39.71 -24.67 35.95
CA GLY B 206 40.04 -23.49 36.72
C GLY B 206 41.23 -23.67 37.64
N ALA B 207 41.16 -23.09 38.84
CA ALA B 207 42.25 -23.20 39.80
C ALA B 207 42.44 -24.63 40.30
N HIS B 208 41.39 -25.44 40.28
CA HIS B 208 41.42 -26.78 40.85
C HIS B 208 42.45 -27.69 40.20
N CYS B 209 43.17 -27.21 39.19
CA CYS B 209 44.21 -27.99 38.54
C CYS B 209 45.58 -27.40 38.85
N ASP B 210 46.62 -28.20 38.58
CA ASP B 210 48.00 -27.81 38.79
C ASP B 210 48.67 -27.70 37.42
N LEU B 211 48.84 -26.46 36.95
CA LEU B 211 49.41 -26.25 35.63
C LEU B 211 50.92 -26.44 35.61
N SER B 212 51.59 -26.21 36.74
CA SER B 212 53.02 -26.48 36.79
C SER B 212 53.30 -27.98 36.72
N GLY B 213 52.57 -28.77 37.50
CA GLY B 213 52.75 -30.21 37.43
C GLY B 213 52.36 -30.75 36.07
N LEU B 214 51.28 -30.20 35.50
CA LEU B 214 50.83 -30.66 34.19
C LEU B 214 51.88 -30.38 33.14
N HIS B 215 52.48 -29.19 33.19
CA HIS B 215 53.53 -28.85 32.23
C HIS B 215 54.75 -29.74 32.42
N ARG B 216 55.17 -29.95 33.67
CA ARG B 216 56.35 -30.76 33.92
C ARG B 216 56.15 -32.18 33.42
N ARG B 217 54.97 -32.75 33.65
CA ARG B 217 54.72 -34.11 33.20
C ARG B 217 54.52 -34.18 31.69
N LEU B 218 53.97 -33.13 31.08
CA LEU B 218 53.76 -33.15 29.64
C LEU B 218 55.05 -32.97 28.88
N GLN B 219 56.04 -32.31 29.47
CA GLN B 219 57.28 -32.03 28.75
C GLN B 219 57.97 -33.32 28.32
N SER B 220 57.99 -34.32 29.20
CA SER B 220 58.75 -35.54 28.93
C SER B 220 58.08 -36.47 27.93
N LYS B 221 56.80 -36.27 27.62
CA LYS B 221 56.09 -37.20 26.76
C LYS B 221 56.51 -37.03 25.30
N THR B 222 56.19 -38.03 24.50
CA THR B 222 56.58 -38.08 23.09
C THR B 222 55.54 -37.38 22.22
N LEU B 223 55.96 -37.07 21.00
CA LEU B 223 55.10 -36.32 20.09
C LEU B 223 53.84 -37.10 19.74
N ALA B 224 53.97 -38.40 19.47
CA ALA B 224 52.83 -39.18 19.01
C ALA B 224 51.75 -39.27 20.08
N GLU B 225 52.14 -39.54 21.32
CA GLU B 225 51.15 -39.66 22.38
C GLU B 225 50.52 -38.31 22.67
N LEU B 226 51.30 -37.23 22.56
CA LEU B 226 50.72 -35.91 22.72
C LEU B 226 49.69 -35.64 21.63
N GLU B 227 49.99 -36.03 20.40
CA GLU B 227 49.03 -35.83 19.32
C GLU B 227 47.76 -36.63 19.56
N ALA B 228 47.90 -37.87 20.01
CA ALA B 228 46.72 -38.68 20.29
C ALA B 228 45.89 -38.06 21.41
N ILE B 229 46.56 -37.59 22.47
CA ILE B 229 45.85 -36.97 23.58
C ILE B 229 45.09 -35.74 23.10
N PHE B 230 45.76 -34.89 22.31
CA PHE B 230 45.07 -33.71 21.80
C PHE B 230 43.92 -34.12 20.89
N THR B 231 44.06 -35.19 20.13
CA THR B 231 43.00 -35.58 19.22
C THR B 231 41.77 -36.02 19.99
N GLU B 232 42.00 -36.68 21.12
CA GLU B 232 40.88 -37.09 21.97
C GLU B 232 40.27 -35.87 22.65
N THR B 233 41.11 -34.95 23.12
CA THR B 233 40.59 -33.77 23.78
C THR B 233 39.75 -32.94 22.83
N ALA B 234 40.24 -32.75 21.61
CA ALA B 234 39.50 -31.95 20.63
C ALA B 234 38.21 -32.65 20.23
N GLU B 235 38.23 -33.98 20.14
CA GLU B 235 37.03 -34.67 19.73
C GLU B 235 35.99 -34.60 20.85
N ALA B 236 36.44 -34.69 22.09
CA ALA B 236 35.54 -34.56 23.22
C ALA B 236 34.95 -33.17 23.28
N GLN B 237 35.77 -32.15 23.07
CA GLN B 237 35.27 -30.78 23.09
C GLN B 237 34.23 -30.57 22.00
N GLU B 238 34.52 -31.04 20.79
CA GLU B 238 33.58 -30.88 19.69
C GLU B 238 32.26 -31.58 20.00
N LEU B 239 32.34 -32.81 20.52
CA LEU B 239 31.11 -33.54 20.84
C LEU B 239 30.34 -32.83 21.94
N ALA B 240 31.04 -32.30 22.94
CA ALA B 240 30.37 -31.59 24.02
C ALA B 240 29.65 -30.36 23.50
N SER B 241 30.25 -29.65 22.56
CA SER B 241 29.58 -28.49 21.98
C SER B 241 28.26 -28.87 21.33
N GLY B 242 28.10 -30.12 20.92
CA GLY B 242 26.86 -30.57 20.30
C GLY B 242 25.74 -30.87 21.26
N ILE B 243 26.03 -31.00 22.55
CA ILE B 243 25.00 -31.40 23.51
C ILE B 243 23.93 -30.33 23.58
N GLY B 244 22.67 -30.77 23.61
CA GLY B 244 21.55 -29.85 23.68
C GLY B 244 21.57 -29.02 24.95
N ASP B 245 21.42 -29.67 26.11
CA ASP B 245 21.42 -28.94 27.37
C ASP B 245 22.80 -28.35 27.65
N ALA B 246 22.81 -27.11 28.13
CA ALA B 246 24.06 -26.47 28.50
C ALA B 246 24.61 -27.05 29.80
N ALA B 247 23.74 -27.26 30.79
CA ALA B 247 24.22 -27.58 32.13
C ALA B 247 24.99 -28.89 32.13
N GLU B 248 24.47 -29.92 31.45
CA GLU B 248 25.10 -31.23 31.50
C GLU B 248 26.33 -31.32 30.60
N ALA B 249 26.46 -30.42 29.63
CA ALA B 249 27.60 -30.48 28.73
C ALA B 249 28.90 -30.25 29.48
N ARG B 250 28.91 -29.29 30.40
CA ARG B 250 30.13 -29.01 31.14
C ARG B 250 30.53 -30.19 32.01
N GLN B 251 29.56 -30.80 32.70
CA GLN B 251 29.87 -31.95 33.53
C GLN B 251 30.36 -33.13 32.68
N TRP B 252 29.72 -33.35 31.53
CA TRP B 252 30.17 -34.43 30.66
C TRP B 252 31.59 -34.19 30.18
N LEU B 253 31.90 -32.95 29.80
CA LEU B 253 33.26 -32.65 29.38
C LEU B 253 34.23 -32.84 30.53
N ARG B 254 33.82 -32.49 31.74
CA ARG B 254 34.73 -32.62 32.88
C ARG B 254 35.03 -34.09 33.12
N THR B 255 34.01 -34.94 33.04
CA THR B 255 34.22 -36.37 33.24
C THR B 255 35.10 -36.95 32.14
N LYS B 256 34.83 -36.56 30.88
CA LYS B 256 35.62 -37.09 29.78
C LYS B 256 37.07 -36.68 29.91
N LEU B 257 37.33 -35.42 30.28
CA LEU B 257 38.70 -34.97 30.43
C LEU B 257 39.35 -35.65 31.62
N GLN B 258 38.57 -35.98 32.66
CA GLN B 258 39.13 -36.66 33.80
C GLN B 258 39.59 -38.06 33.41
N ALA B 259 38.76 -38.74 32.62
CA ALA B 259 39.13 -40.07 32.14
C ALA B 259 40.35 -39.98 31.23
N VAL B 260 40.40 -38.96 30.37
CA VAL B 260 41.56 -38.81 29.49
C VAL B 260 42.83 -38.60 30.31
N GLY B 261 42.77 -37.76 31.33
CA GLY B 261 43.93 -37.55 32.17
C GLY B 261 44.34 -38.80 32.93
N GLU B 262 43.36 -39.59 33.37
CA GLU B 262 43.67 -40.85 34.03
C GLU B 262 44.37 -41.80 33.05
N LYS B 263 43.88 -41.87 31.82
CA LYS B 263 44.50 -42.73 30.82
C LYS B 263 45.93 -42.27 30.52
N ALA B 264 46.14 -40.95 30.45
CA ALA B 264 47.45 -40.42 30.12
C ALA B 264 48.41 -40.52 31.29
N GLY B 265 47.92 -40.76 32.50
CA GLY B 265 48.79 -41.03 33.63
C GLY B 265 49.22 -39.79 34.39
N PHE B 266 48.30 -38.87 34.63
CA PHE B 266 48.57 -37.79 35.58
C PHE B 266 47.30 -37.48 36.37
N PRO B 267 46.62 -38.50 36.91
CA PRO B 267 45.38 -38.24 37.64
C PRO B 267 45.57 -37.35 38.86
N GLY B 268 46.76 -37.34 39.44
CA GLY B 268 47.01 -36.52 40.61
C GLY B 268 47.35 -35.08 40.25
N VAL B 269 46.98 -34.66 39.05
CA VAL B 269 47.20 -33.30 38.60
C VAL B 269 45.91 -32.49 38.55
N LEU B 270 44.77 -33.15 38.34
CA LEU B 270 43.47 -32.49 38.25
C LEU B 270 42.65 -32.81 39.48
N ASP B 271 41.62 -32.01 39.69
CA ASP B 271 40.71 -32.15 40.83
C ASP B 271 41.41 -31.92 42.15
N THR B 272 42.60 -31.34 42.14
CA THR B 272 43.33 -31.08 43.37
C THR B 272 42.49 -30.23 44.31
N ALA B 273 42.16 -30.79 45.47
CA ALA B 273 41.40 -30.04 46.47
C ALA B 273 42.08 -28.71 46.78
N LYS B 274 43.41 -28.71 46.79
CA LYS B 274 44.13 -27.46 46.97
C LYS B 274 44.04 -26.61 45.71
N PRO B 275 43.78 -25.30 45.84
CA PRO B 275 43.63 -24.47 44.64
C PRO B 275 44.94 -23.84 44.21
N GLY B 276 45.18 -23.78 42.90
CA GLY B 276 46.36 -23.17 42.34
C GLY B 276 46.13 -21.72 41.94
N LYS B 277 46.96 -21.24 41.02
CA LYS B 277 46.90 -19.86 40.55
C LYS B 277 46.66 -19.85 39.06
N LEU B 278 45.70 -19.06 38.62
CA LEU B 278 45.41 -18.94 37.19
C LEU B 278 46.59 -18.31 36.47
N ARG B 279 46.79 -18.75 35.23
CA ARG B 279 47.87 -18.24 34.39
C ARG B 279 47.31 -17.92 33.01
N THR B 280 47.74 -16.78 32.46
CA THR B 280 47.26 -16.36 31.15
C THR B 280 48.09 -17.02 30.05
N ILE B 281 47.40 -17.69 29.13
CA ILE B 281 48.04 -18.37 28.00
C ILE B 281 47.74 -17.54 26.75
N PRO B 282 48.74 -16.90 26.15
CA PRO B 282 48.48 -16.08 24.95
C PRO B 282 48.34 -16.94 23.71
N ILE B 283 47.86 -16.32 22.64
CA ILE B 283 47.72 -16.99 21.35
C ILE B 283 49.09 -17.10 20.71
N PRO B 284 49.58 -18.29 20.39
CA PRO B 284 50.91 -18.39 19.77
C PRO B 284 50.92 -17.72 18.41
N VAL B 285 52.10 -17.21 18.03
CA VAL B 285 52.24 -16.53 16.75
C VAL B 285 51.90 -17.49 15.62
N ALA B 286 51.13 -17.00 14.65
CA ALA B 286 50.73 -17.81 13.51
C ALA B 286 51.88 -18.01 12.54
N ARG B 287 51.69 -18.93 11.60
CA ARG B 287 52.68 -19.18 10.57
C ARG B 287 52.62 -18.07 9.52
N CYS B 288 53.78 -17.53 9.16
CA CYS B 288 53.86 -16.44 8.20
C CYS B 288 54.99 -16.71 7.22
N TYR B 289 54.80 -16.25 5.98
CA TYR B 289 55.83 -16.32 4.95
C TYR B 289 55.94 -14.98 4.25
N THR B 290 57.18 -14.55 4.01
CA THR B 290 57.48 -13.25 3.43
C THR B 290 58.10 -13.44 2.06
N TYR B 291 57.47 -12.85 1.04
CA TYR B 291 57.90 -13.01 -0.34
C TYR B 291 58.09 -11.65 -0.98
N SER B 292 59.12 -11.53 -1.81
CA SER B 292 59.50 -10.26 -2.40
C SER B 292 58.58 -9.95 -3.57
N TRP B 293 57.73 -8.93 -3.40
CA TRP B 293 56.81 -8.53 -4.46
C TRP B 293 57.35 -7.28 -5.13
N ASN B 294 58.08 -7.46 -6.22
CA ASN B 294 58.49 -6.35 -7.06
C ASN B 294 57.53 -6.08 -8.20
N GLN B 295 56.73 -7.08 -8.57
CA GLN B 295 55.75 -6.93 -9.64
C GLN B 295 54.44 -6.40 -9.06
N ASP B 296 53.40 -6.41 -9.88
CA ASP B 296 52.06 -6.03 -9.46
C ASP B 296 51.04 -7.14 -9.65
N SER B 297 51.22 -7.98 -10.67
CA SER B 297 50.32 -9.10 -10.89
C SER B 297 50.37 -10.07 -9.71
N PHE B 298 49.25 -10.75 -9.48
CA PHE B 298 49.14 -11.79 -8.45
C PHE B 298 49.47 -13.17 -8.97
N ASP B 299 50.37 -13.26 -9.95
CA ASP B 299 50.86 -14.56 -10.41
C ASP B 299 51.77 -15.19 -9.37
N ILE B 300 52.55 -14.38 -8.66
CA ILE B 300 53.44 -14.84 -7.60
C ILE B 300 52.79 -15.98 -6.81
N LEU B 301 51.48 -15.87 -6.57
CA LEU B 301 50.81 -16.84 -5.71
C LEU B 301 50.91 -18.25 -6.28
N GLN B 302 50.82 -18.38 -7.60
CA GLN B 302 50.80 -19.73 -8.16
C GLN B 302 52.20 -20.32 -8.12
N GLU B 303 53.22 -19.46 -8.24
CA GLU B 303 54.59 -19.90 -8.05
C GLU B 303 54.77 -20.39 -6.62
N ILE B 304 54.18 -19.67 -5.67
CA ILE B 304 54.28 -20.09 -4.28
C ILE B 304 53.66 -21.46 -4.11
N LEU B 305 52.46 -21.65 -4.67
CA LEU B 305 51.69 -22.89 -4.54
C LEU B 305 52.46 -24.17 -4.83
N LEU B 306 53.68 -24.07 -5.38
CA LEU B 306 54.49 -25.27 -5.57
C LEU B 306 55.04 -25.80 -4.24
N LYS B 307 55.52 -24.91 -3.37
CA LYS B 307 55.97 -25.34 -2.05
C LYS B 307 54.82 -25.57 -1.09
N GLU B 308 53.58 -25.27 -1.49
CA GLU B 308 52.41 -25.64 -0.70
C GLU B 308 52.09 -27.12 -0.87
N GLN B 309 52.31 -27.66 -2.06
CA GLN B 309 52.21 -29.09 -2.27
C GLN B 309 53.07 -29.84 -1.26
N GLU B 310 54.23 -29.28 -0.91
CA GLU B 310 55.11 -29.86 0.11
C GLU B 310 54.87 -29.29 1.50
N LEU B 311 54.06 -28.24 1.62
CA LEU B 311 53.72 -27.65 2.91
C LEU B 311 52.30 -28.01 3.34
N LEU B 312 51.73 -29.06 2.78
CA LEU B 312 50.38 -29.50 3.14
C LEU B 312 50.42 -30.82 3.90
N ALA B 512 37.06 -25.30 4.90
CA ALA B 512 38.26 -25.50 4.09
C ALA B 512 39.44 -24.76 4.71
N SER B 513 40.57 -24.76 4.00
CA SER B 513 41.75 -24.03 4.45
C SER B 513 41.59 -22.54 4.13
N THR B 514 42.60 -21.75 4.45
CA THR B 514 42.55 -20.34 4.13
C THR B 514 43.95 -19.76 4.00
N LEU B 515 44.05 -18.72 3.18
CA LEU B 515 45.30 -18.01 2.94
C LEU B 515 45.05 -16.52 3.20
N ARG B 516 45.86 -15.94 4.07
CA ARG B 516 45.77 -14.54 4.46
C ARG B 516 46.88 -13.78 3.74
N VAL B 517 46.53 -13.18 2.62
CA VAL B 517 47.46 -12.42 1.80
C VAL B 517 47.46 -10.97 2.29
N VAL B 518 48.58 -10.53 2.84
CA VAL B 518 48.70 -9.20 3.43
C VAL B 518 49.49 -8.39 2.41
N VAL B 519 48.74 -7.70 1.54
CA VAL B 519 49.29 -6.86 0.48
C VAL B 519 49.69 -5.50 1.05
N PHE B 520 50.88 -5.40 1.63
CA PHE B 520 51.34 -4.09 2.09
C PHE B 520 51.33 -3.11 0.92
N GLY B 521 50.74 -1.95 1.13
CA GLY B 521 50.13 -1.19 0.05
C GLY B 521 50.51 0.28 0.05
N SER B 522 50.80 0.79 -1.14
CA SER B 522 51.05 2.20 -1.38
C SER B 522 49.99 2.73 -2.34
N ASP B 523 50.17 3.96 -2.82
CA ASP B 523 49.14 4.59 -3.64
C ASP B 523 49.12 4.00 -5.05
N ARG B 524 50.20 4.23 -5.83
CA ARG B 524 50.25 3.65 -7.16
C ARG B 524 50.02 2.15 -7.10
N ILE B 525 50.63 1.48 -6.12
CA ILE B 525 50.45 0.05 -5.93
C ILE B 525 48.96 -0.26 -5.92
N SER B 526 48.21 0.50 -5.12
CA SER B 526 46.77 0.29 -4.99
C SER B 526 46.12 0.10 -6.35
N GLY B 527 46.46 0.98 -7.30
CA GLY B 527 45.84 0.89 -8.61
C GLY B 527 46.17 -0.44 -9.20
N LYS B 528 47.46 -0.75 -9.33
CA LYS B 528 47.80 -1.98 -10.01
C LYS B 528 47.47 -3.16 -9.13
N VAL B 529 47.31 -2.93 -7.83
CA VAL B 529 46.92 -4.02 -6.96
C VAL B 529 45.48 -4.39 -7.26
N ALA B 530 44.64 -3.39 -7.47
CA ALA B 530 43.29 -3.71 -7.85
C ALA B 530 43.31 -4.40 -9.20
N ARG B 531 44.25 -4.00 -10.06
CA ARG B 531 44.25 -4.62 -11.38
C ARG B 531 44.67 -6.05 -11.25
N ALA B 532 45.58 -6.34 -10.32
CA ALA B 532 45.98 -7.72 -10.18
C ALA B 532 44.85 -8.45 -9.50
N TYR B 533 44.25 -7.79 -8.49
CA TYR B 533 43.09 -8.35 -7.85
C TYR B 533 42.13 -8.77 -8.94
N SER B 534 41.98 -7.90 -9.94
CA SER B 534 41.03 -8.13 -11.02
C SER B 534 41.25 -9.52 -11.56
N ASN B 535 42.44 -9.77 -12.10
CA ASN B 535 42.70 -11.07 -12.70
C ASN B 535 42.38 -12.16 -11.70
N LEU B 536 43.08 -12.14 -10.56
CA LEU B 536 42.91 -13.20 -9.58
C LEU B 536 41.47 -13.35 -9.14
N ARG B 537 40.63 -12.37 -9.46
CA ARG B 537 39.20 -12.47 -9.21
C ARG B 537 38.57 -13.25 -10.36
N ARG B 538 38.49 -12.63 -11.53
CA ARG B 538 37.81 -13.27 -12.66
C ARG B 538 38.64 -14.46 -13.17
N LEU B 539 39.90 -14.21 -13.53
CA LEU B 539 40.76 -15.28 -14.02
C LEU B 539 40.50 -16.57 -13.26
N GLU B 540 40.60 -16.51 -11.93
CA GLU B 540 40.45 -17.72 -11.14
C GLU B 540 39.00 -18.20 -11.21
N ASN B 541 38.05 -17.30 -11.00
CA ASN B 541 36.66 -17.68 -11.08
C ASN B 541 36.41 -18.50 -12.34
N ASN B 542 37.20 -18.24 -13.38
CA ASN B 542 37.06 -18.95 -14.65
C ASN B 542 38.14 -20.01 -14.84
N ARG B 543 39.27 -19.87 -14.16
CA ARG B 543 40.35 -20.85 -14.20
C ARG B 543 40.80 -21.17 -12.79
N PRO B 544 39.92 -21.80 -11.97
CA PRO B 544 40.29 -22.08 -10.59
C PRO B 544 41.62 -22.82 -10.46
N LEU B 545 42.63 -22.14 -9.93
CA LEU B 545 43.92 -22.74 -9.62
C LEU B 545 44.25 -22.64 -8.14
N LEU B 546 44.25 -21.43 -7.59
CA LEU B 546 44.45 -21.27 -6.15
C LEU B 546 43.21 -21.69 -5.38
N THR B 547 42.03 -21.25 -5.83
CA THR B 547 40.79 -21.59 -5.16
C THR B 547 40.57 -23.10 -5.05
N ARG B 548 41.34 -23.88 -5.80
CA ARG B 548 41.21 -25.33 -5.75
C ARG B 548 41.24 -25.83 -4.31
N PHE B 549 42.15 -25.29 -3.50
CA PHE B 549 42.31 -25.70 -2.11
C PHE B 549 41.91 -24.64 -1.11
N PHE B 550 42.32 -23.38 -1.32
CA PHE B 550 42.22 -22.34 -0.32
C PHE B 550 41.10 -21.35 -0.67
N LYS B 551 40.53 -20.75 0.37
CA LYS B 551 39.65 -19.59 0.23
C LYS B 551 40.49 -18.36 0.55
N LEU B 552 40.80 -17.58 -0.47
CA LEU B 552 41.70 -16.45 -0.31
C LEU B 552 41.04 -15.30 0.45
N GLN B 553 41.86 -14.50 1.11
CA GLN B 553 41.41 -13.27 1.76
C GLN B 553 42.56 -12.29 1.76
N PHE B 554 42.35 -11.13 1.13
CA PHE B 554 43.40 -10.14 0.98
C PHE B 554 43.26 -9.02 2.00
N PHE B 555 44.39 -8.59 2.54
CA PHE B 555 44.44 -7.57 3.57
C PHE B 555 45.29 -6.41 3.08
N TYR B 556 44.74 -5.20 3.15
CA TYR B 556 45.43 -4.00 2.69
C TYR B 556 46.01 -3.26 3.89
N VAL B 557 47.33 -3.09 3.90
CA VAL B 557 48.03 -2.32 4.92
C VAL B 557 48.39 -0.97 4.32
N PRO B 558 47.89 0.14 4.86
CA PRO B 558 48.34 1.45 4.40
C PRO B 558 49.76 1.75 4.80
N VAL B 559 50.68 1.69 3.84
CA VAL B 559 52.08 1.98 4.11
C VAL B 559 52.64 2.92 3.06
N ASP B 604 43.94 5.29 -1.81
CA ASP B 604 42.56 5.29 -2.27
C ASP B 604 41.77 4.17 -1.60
N ILE B 605 42.25 2.94 -1.74
CA ILE B 605 41.65 1.80 -1.07
C ILE B 605 41.46 2.16 0.40
N SER B 606 42.52 2.66 1.03
CA SER B 606 42.47 3.13 2.41
C SER B 606 41.25 4.03 2.60
N HIS B 607 41.31 5.22 2.02
CA HIS B 607 40.25 6.21 2.16
C HIS B 607 38.87 5.55 2.08
N TYR B 608 38.65 4.78 1.02
CA TYR B 608 37.32 4.22 0.80
C TYR B 608 36.93 3.26 1.93
N LEU B 609 37.83 2.34 2.29
CA LEU B 609 37.52 1.38 3.33
C LEU B 609 37.38 2.04 4.69
N GLY B 610 37.85 3.27 4.85
CA GLY B 610 37.67 4.00 6.08
C GLY B 610 36.35 4.72 6.18
N MET B 611 36.01 5.47 5.13
CA MET B 611 34.70 6.12 5.07
C MET B 611 33.56 5.17 5.39
N LEU B 612 33.72 3.88 5.11
CA LEU B 612 32.68 2.90 5.43
C LEU B 612 32.77 2.42 6.87
N ASP B 613 33.89 1.79 7.23
CA ASP B 613 34.02 1.11 8.52
C ASP B 613 35.03 1.85 9.38
N PRO B 614 34.60 2.67 10.35
CA PRO B 614 35.58 3.45 11.12
C PRO B 614 36.66 2.59 11.77
N TRP B 615 36.30 1.52 12.48
CA TRP B 615 37.26 0.68 13.19
C TRP B 615 38.50 0.39 12.34
N TYR B 616 38.30 0.22 11.03
CA TYR B 616 39.42 0.00 10.13
C TYR B 616 40.26 1.27 10.01
N GLU B 617 39.61 2.40 9.75
CA GLU B 617 40.32 3.66 9.66
C GLU B 617 41.11 3.91 10.94
N ARG B 618 40.41 4.00 12.06
CA ARG B 618 41.03 4.25 13.35
C ARG B 618 42.20 3.31 13.62
N ASN B 619 42.07 2.04 13.23
CA ASN B 619 43.11 1.06 13.57
C ASN B 619 44.13 0.91 12.43
N VAL B 620 43.71 0.25 11.35
CA VAL B 620 44.63 -0.03 10.25
C VAL B 620 45.29 1.24 9.75
N LEU B 621 44.49 2.29 9.51
CA LEU B 621 45.02 3.51 8.93
C LEU B 621 45.99 4.22 9.86
N GLY B 622 45.83 4.07 11.17
CA GLY B 622 46.71 4.77 12.08
C GLY B 622 48.11 4.22 12.15
N LEU B 623 48.36 3.05 11.56
CA LEU B 623 49.68 2.44 11.58
C LEU B 623 50.58 3.08 10.52
N LEU B 649 58.14 -9.17 20.67
CA LEU B 649 57.71 -8.69 19.35
C LEU B 649 57.30 -7.23 19.43
N PRO B 650 57.44 -6.51 18.32
CA PRO B 650 57.08 -5.08 18.31
C PRO B 650 55.58 -4.89 18.40
N ILE B 651 55.18 -3.69 18.81
CA ILE B 651 53.76 -3.37 18.91
C ILE B 651 53.10 -3.52 17.55
N LEU B 652 53.81 -3.15 16.48
CA LEU B 652 53.21 -3.24 15.16
C LEU B 652 52.90 -4.69 14.83
N ALA B 653 53.70 -5.63 15.34
CA ALA B 653 53.44 -7.04 15.07
C ALA B 653 52.13 -7.43 15.73
N ASP B 654 51.96 -7.07 17.00
CA ASP B 654 50.77 -7.46 17.72
C ASP B 654 49.54 -6.88 17.02
N MET B 655 49.59 -5.59 16.71
CA MET B 655 48.42 -4.94 16.13
C MET B 655 48.11 -5.53 14.76
N LEU B 656 49.15 -5.87 13.99
CA LEU B 656 48.94 -6.47 12.68
C LEU B 656 48.22 -7.79 12.83
N LEU B 657 48.77 -8.69 13.66
CA LEU B 657 48.16 -9.99 13.81
C LEU B 657 46.74 -9.84 14.32
N TYR B 658 46.52 -8.89 15.23
CA TYR B 658 45.21 -8.73 15.84
C TYR B 658 44.20 -8.34 14.77
N TYR B 659 44.57 -7.38 13.93
CA TYR B 659 43.69 -6.99 12.82
C TYR B 659 43.41 -8.20 11.94
N CYS B 660 44.46 -8.84 11.43
CA CYS B 660 44.27 -9.96 10.52
C CYS B 660 43.39 -11.03 11.12
N ARG B 661 43.45 -11.22 12.44
CA ARG B 661 42.76 -12.33 13.07
C ARG B 661 41.27 -12.07 13.24
N PHE B 662 40.90 -10.86 13.64
CA PHE B 662 39.53 -10.60 14.05
C PHE B 662 38.67 -9.90 13.00
N ALA B 663 39.28 -9.24 12.02
CA ALA B 663 38.52 -8.61 10.95
C ALA B 663 38.06 -9.68 9.97
N ALA B 664 36.74 -9.83 9.79
CA ALA B 664 36.22 -10.93 9.01
C ALA B 664 35.03 -10.54 8.13
N ARG B 665 34.84 -9.26 7.82
CA ARG B 665 33.73 -8.86 6.97
C ARG B 665 34.23 -8.07 5.76
N PRO B 666 33.73 -8.35 4.56
CA PRO B 666 34.31 -7.77 3.36
C PRO B 666 33.65 -6.47 2.92
N VAL B 667 34.36 -5.74 2.07
CA VAL B 667 33.86 -4.54 1.42
C VAL B 667 34.21 -4.64 -0.06
N LEU B 668 33.21 -4.59 -0.92
CA LEU B 668 33.44 -4.72 -2.36
C LEU B 668 33.78 -3.36 -2.95
N LEU B 669 34.88 -3.32 -3.70
CA LEU B 669 35.29 -2.07 -4.35
C LEU B 669 34.41 -1.78 -5.56
N GLN B 670 34.42 -0.52 -5.97
CA GLN B 670 33.63 -0.05 -7.10
C GLN B 670 34.56 0.14 -8.29
N VAL B 671 34.46 -0.77 -9.26
CA VAL B 671 35.31 -0.77 -10.44
C VAL B 671 34.45 -0.49 -11.66
N TYR B 672 35.09 -0.03 -12.74
CA TYR B 672 34.40 0.18 -14.01
C TYR B 672 35.08 -0.59 -15.13
N GLN B 673 34.26 -1.14 -16.02
CA GLN B 673 34.75 -1.95 -17.12
C GLN B 673 34.93 -1.09 -18.36
N THR B 674 35.80 -1.56 -19.26
CA THR B 674 36.04 -0.91 -20.53
C THR B 674 36.24 -1.97 -21.60
N GLU B 675 35.66 -1.75 -22.77
CA GLU B 675 35.88 -2.57 -23.95
C GLU B 675 36.62 -1.73 -24.98
N LEU B 676 37.85 -2.16 -25.29
CA LEU B 676 38.74 -1.49 -26.25
C LEU B 676 38.82 -2.29 -27.54
N THR B 677 38.01 -1.92 -28.53
CA THR B 677 38.08 -2.52 -29.84
C THR B 677 39.15 -1.79 -30.66
N PHE B 678 40.06 -2.56 -31.26
CA PHE B 678 41.20 -2.05 -31.99
C PHE B 678 40.93 -2.09 -33.49
N ILE B 679 41.89 -1.57 -34.26
CA ILE B 679 41.69 -1.45 -35.71
C ILE B 679 41.59 -2.83 -36.35
N THR B 680 42.50 -3.74 -36.00
CA THR B 680 42.50 -5.05 -36.63
C THR B 680 41.37 -5.94 -36.14
N GLY B 681 40.48 -5.45 -35.30
CA GLY B 681 39.39 -6.24 -34.77
C GLY B 681 39.65 -6.81 -33.40
N GLU B 682 40.71 -6.39 -32.73
CA GLU B 682 41.04 -6.90 -31.40
C GLU B 682 40.21 -6.16 -30.37
N LYS B 683 39.49 -6.91 -29.54
CA LYS B 683 38.72 -6.34 -28.44
C LYS B 683 39.30 -6.82 -27.12
N THR B 684 39.62 -5.88 -26.25
CA THR B 684 40.22 -6.18 -24.95
C THR B 684 39.37 -5.55 -23.86
N THR B 685 38.94 -6.35 -22.89
CA THR B 685 38.14 -5.86 -21.77
C THR B 685 39.07 -5.55 -20.60
N GLU B 686 39.28 -4.27 -20.34
CA GLU B 686 40.07 -3.82 -19.20
C GLU B 686 39.12 -3.42 -18.06
N ILE B 687 39.70 -3.24 -16.88
CA ILE B 687 38.92 -2.96 -15.68
C ILE B 687 39.66 -1.92 -14.84
N PHE B 688 39.29 -0.65 -14.99
CA PHE B 688 39.96 0.42 -14.27
C PHE B 688 39.12 0.88 -13.08
N ILE B 689 39.79 1.53 -12.12
CA ILE B 689 39.12 1.98 -10.91
C ILE B 689 39.48 3.41 -10.52
N HIS B 690 40.48 4.00 -11.19
CA HIS B 690 40.94 5.34 -10.82
C HIS B 690 40.66 6.37 -11.91
N SER B 691 41.20 6.17 -13.10
CA SER B 691 41.00 7.12 -14.19
C SER B 691 41.40 6.46 -15.49
N LEU B 692 41.12 7.14 -16.60
CA LEU B 692 41.41 6.56 -17.90
C LEU B 692 41.40 7.59 -19.02
N GLU B 693 42.58 8.02 -19.48
CA GLU B 693 42.57 9.07 -20.49
C GLU B 693 42.60 8.47 -21.91
N LEU B 694 42.37 9.34 -22.88
CA LEU B 694 42.39 8.97 -24.30
C LEU B 694 42.58 10.26 -25.08
N GLY B 695 43.74 10.47 -25.67
CA GLY B 695 43.94 11.66 -26.47
C GLY B 695 45.39 12.07 -26.48
N HIS B 696 45.62 13.26 -27.06
CA HIS B 696 46.93 13.86 -27.13
C HIS B 696 47.65 13.68 -25.80
N SER B 697 46.93 13.88 -24.69
CA SER B 697 47.54 13.70 -23.38
C SER B 697 47.91 12.25 -23.13
N ALA B 698 47.14 11.30 -23.68
CA ALA B 698 47.49 9.89 -23.51
C ALA B 698 48.82 9.58 -24.18
N ALA B 699 49.08 10.19 -25.34
CA ALA B 699 50.38 10.06 -25.97
C ALA B 699 51.45 10.81 -25.19
N THR B 700 51.10 11.97 -24.63
CA THR B 700 52.07 12.76 -23.88
C THR B 700 52.57 11.98 -22.67
N ARG B 701 51.66 11.34 -21.94
CA ARG B 701 52.08 10.53 -20.80
C ARG B 701 52.95 9.36 -21.25
N ALA B 702 52.60 8.74 -22.36
CA ALA B 702 53.38 7.65 -22.92
C ALA B 702 54.73 8.16 -23.42
N PRO B 723 44.01 16.86 -32.52
CA PRO B 723 42.60 16.69 -32.18
C PRO B 723 41.87 15.86 -33.22
N LEU B 724 40.93 15.02 -32.77
CA LEU B 724 40.24 14.08 -33.64
C LEU B 724 38.73 14.23 -33.51
N THR B 725 38.02 13.93 -34.59
CA THR B 725 36.56 13.96 -34.62
C THR B 725 36.00 12.70 -33.94
N LEU B 726 36.31 12.58 -32.66
CA LEU B 726 35.94 11.38 -31.89
C LEU B 726 34.45 11.41 -31.61
N GLN B 727 33.72 10.46 -32.20
CA GLN B 727 32.32 10.28 -31.84
C GLN B 727 32.22 10.01 -30.35
N ILE B 728 31.33 10.73 -29.67
CA ILE B 728 31.09 10.53 -28.24
C ILE B 728 29.58 10.36 -28.01
N ILE B 729 29.20 9.24 -27.40
CA ILE B 729 27.83 9.00 -26.99
C ILE B 729 27.85 8.67 -25.51
N TYR B 730 26.99 9.33 -24.74
CA TYR B 730 26.97 9.07 -23.31
C TYR B 730 25.53 8.93 -22.83
N SER B 731 25.37 8.19 -21.75
CA SER B 731 24.05 7.91 -21.21
C SER B 731 24.07 8.11 -19.71
N LYS B 732 23.49 9.21 -19.25
CA LYS B 732 23.32 9.47 -17.84
C LYS B 732 22.08 8.75 -17.35
N GLY B 733 21.93 8.68 -16.03
CA GLY B 733 20.83 7.96 -15.44
C GLY B 733 20.55 8.49 -14.05
N ALA B 734 19.31 8.32 -13.63
CA ALA B 734 18.84 8.90 -12.38
C ALA B 734 18.75 7.81 -11.32
N ILE B 735 18.47 8.25 -10.09
CA ILE B 735 18.30 7.32 -8.98
C ILE B 735 17.07 6.45 -9.14
N SER B 736 16.16 6.82 -10.05
CA SER B 736 14.94 6.09 -10.27
C SER B 736 15.06 5.04 -11.36
N GLY B 737 16.28 4.76 -11.83
CA GLY B 737 16.46 3.78 -12.88
C GLY B 737 15.88 4.20 -14.22
N ARG B 738 15.95 5.48 -14.56
CA ARG B 738 15.55 5.98 -15.87
C ARG B 738 16.75 6.67 -16.49
N SER B 739 17.12 6.24 -17.69
CA SER B 739 18.28 6.76 -18.38
C SER B 739 17.89 7.80 -19.42
N ARG B 740 18.87 8.62 -19.81
CA ARG B 740 18.63 9.71 -20.75
C ARG B 740 19.81 9.75 -21.71
N TRP B 741 19.71 8.96 -22.77
CA TRP B 741 20.81 8.83 -23.71
C TRP B 741 21.08 10.14 -24.43
N SER B 742 22.30 10.28 -24.94
CA SER B 742 22.70 11.49 -25.65
C SER B 742 23.81 11.11 -26.63
N ASN B 743 23.67 11.58 -27.87
CA ASN B 743 24.62 11.28 -28.94
C ASN B 743 25.11 12.62 -29.50
N MET B 744 26.13 13.19 -28.85
CA MET B 744 26.71 14.45 -29.26
C MET B 744 28.20 14.26 -29.44
N GLU B 745 28.68 14.43 -30.68
CA GLU B 745 30.10 14.30 -30.98
C GLU B 745 30.77 15.66 -30.92
N LYS B 746 31.97 15.68 -30.35
CA LYS B 746 32.75 16.91 -30.25
C LYS B 746 34.20 16.60 -30.60
N LEU B 747 34.76 17.37 -31.53
CA LEU B 747 36.16 17.21 -31.90
C LEU B 747 37.04 17.86 -30.84
N CYS B 748 37.94 17.07 -30.25
CA CYS B 748 38.76 17.54 -29.15
C CYS B 748 40.07 16.77 -29.15
N THR B 749 40.95 17.16 -28.23
CA THR B 749 42.31 16.61 -28.15
C THR B 749 42.41 15.50 -27.11
N SER B 750 42.09 15.79 -25.86
CA SER B 750 42.26 14.85 -24.76
C SER B 750 40.94 14.66 -24.02
N VAL B 751 40.66 13.41 -23.65
CA VAL B 751 39.46 13.04 -22.91
C VAL B 751 39.90 12.20 -21.72
N ASN B 752 39.61 12.69 -20.52
CA ASN B 752 40.04 12.01 -19.30
C ASN B 752 38.82 11.51 -18.54
N LEU B 753 38.77 10.22 -18.28
CA LEU B 753 37.72 9.64 -17.45
C LEU B 753 38.16 9.76 -16.00
N SER B 754 37.42 10.53 -15.22
CA SER B 754 37.79 10.90 -13.85
C SER B 754 36.76 10.32 -12.89
N LYS B 755 37.24 9.59 -11.89
CA LYS B 755 36.37 8.97 -10.90
C LYS B 755 35.74 10.07 -10.05
N ALA B 756 34.51 10.42 -10.36
CA ALA B 756 33.77 11.42 -9.58
C ALA B 756 33.83 11.12 -8.10
N SER B 766 24.61 3.79 -3.11
CA SER B 766 24.34 3.93 -4.53
C SER B 766 25.58 3.64 -5.35
N THR B 767 25.51 3.89 -6.65
CA THR B 767 26.63 3.70 -7.56
C THR B 767 27.35 5.04 -7.73
N GLU B 768 28.35 5.06 -8.61
CA GLU B 768 29.15 6.25 -8.87
C GLU B 768 29.16 6.54 -10.36
N ALA B 769 29.09 7.82 -10.71
CA ALA B 769 29.00 8.27 -12.09
C ALA B 769 30.35 8.87 -12.48
N LEU B 770 31.02 8.23 -13.44
CA LEU B 770 32.28 8.76 -13.92
C LEU B 770 32.08 10.17 -14.45
N THR B 771 33.19 10.86 -14.70
CA THR B 771 33.13 12.17 -15.34
C THR B 771 33.91 12.16 -16.64
N LEU B 772 33.33 12.81 -17.64
CA LEU B 772 33.87 12.89 -18.98
C LEU B 772 34.57 14.22 -19.15
N ASN B 773 35.87 14.19 -19.42
CA ASN B 773 36.67 15.38 -19.68
C ASN B 773 36.79 15.58 -21.18
N LEU B 774 36.75 16.83 -21.62
CA LEU B 774 36.82 17.15 -23.04
C LEU B 774 37.63 18.43 -23.22
N THR B 775 38.74 18.33 -23.95
CA THR B 775 39.65 19.44 -24.20
C THR B 775 39.47 19.90 -25.64
N GLU B 776 38.60 20.89 -25.84
CA GLU B 776 38.29 21.38 -27.18
C GLU B 776 39.11 22.63 -27.46
N VAL B 777 40.39 22.41 -27.77
CA VAL B 777 41.28 23.47 -28.22
C VAL B 777 41.41 23.30 -29.74
N VAL B 778 40.52 23.96 -30.47
CA VAL B 778 40.52 23.94 -31.94
C VAL B 778 41.03 25.30 -32.39
N LYS B 779 42.28 25.35 -32.82
CA LYS B 779 42.97 26.61 -33.08
C LYS B 779 43.23 26.78 -34.57
N ARG B 780 43.12 28.02 -35.03
CA ARG B 780 43.44 28.42 -36.39
C ARG B 780 44.62 29.38 -36.38
N GLN B 781 45.22 29.57 -37.55
CA GLN B 781 46.33 30.50 -37.70
C GLN B 781 46.65 30.72 -39.17
N SER B 793 38.39 25.76 -24.56
CA SER B 793 36.99 25.34 -24.56
C SER B 793 36.86 23.92 -23.99
N THR B 794 37.57 23.66 -22.91
CA THR B 794 37.63 22.33 -22.32
C THR B 794 36.46 22.18 -21.33
N SER B 795 35.63 21.16 -21.55
CA SER B 795 34.41 20.95 -20.79
C SER B 795 34.41 19.59 -20.12
N GLN B 796 33.95 19.55 -18.87
CA GLN B 796 33.76 18.32 -18.12
C GLN B 796 32.29 18.16 -17.77
N ILE B 797 31.81 16.91 -17.75
CA ILE B 797 30.42 16.60 -17.46
C ILE B 797 30.35 15.26 -16.75
N LYS B 798 29.19 14.95 -16.16
CA LYS B 798 28.97 13.64 -15.56
C LYS B 798 28.51 12.63 -16.62
N VAL B 799 28.78 11.35 -16.37
CA VAL B 799 28.43 10.29 -17.29
C VAL B 799 28.26 8.98 -16.51
N ASP B 800 27.15 8.30 -16.77
CA ASP B 800 26.93 6.97 -16.20
C ASP B 800 27.48 5.89 -17.12
N LYS B 801 27.33 6.04 -18.43
CA LYS B 801 28.01 5.16 -19.38
C LYS B 801 28.52 6.00 -20.55
N VAL B 802 29.66 5.61 -21.12
CA VAL B 802 30.26 6.36 -22.21
C VAL B 802 30.69 5.43 -23.33
N GLN B 803 30.71 5.97 -24.55
CA GLN B 803 31.14 5.26 -25.74
C GLN B 803 31.90 6.26 -26.60
N ILE B 804 33.20 6.06 -26.77
CA ILE B 804 34.05 6.93 -27.56
C ILE B 804 34.52 6.13 -28.77
N ILE B 805 34.00 6.47 -29.94
CA ILE B 805 34.35 5.79 -31.17
C ILE B 805 35.25 6.70 -31.98
N GLY B 806 36.19 6.09 -32.70
CA GLY B 806 37.16 6.83 -33.47
C GLY B 806 36.61 7.28 -34.80
N SER B 807 37.42 8.04 -35.52
CA SER B 807 37.05 8.60 -36.83
C SER B 807 37.73 7.76 -37.91
N ASN B 808 37.04 6.71 -38.35
CA ASN B 808 37.48 5.88 -39.47
C ASN B 808 38.90 5.35 -39.26
N SER B 809 39.01 4.50 -38.24
CA SER B 809 40.27 3.81 -37.95
C SER B 809 41.40 4.81 -37.70
N CYS B 810 41.09 5.86 -36.97
CA CYS B 810 42.11 6.87 -36.67
C CYS B 810 42.77 6.54 -35.33
N PRO B 811 44.10 6.56 -35.24
CA PRO B 811 44.76 6.07 -34.04
C PRO B 811 44.62 7.02 -32.86
N PHE B 812 44.49 6.44 -31.66
CA PHE B 812 44.51 7.22 -30.44
C PHE B 812 44.92 6.30 -29.29
N ALA B 813 45.74 6.81 -28.38
CA ALA B 813 46.22 6.03 -27.25
C ALA B 813 45.13 5.89 -26.19
N VAL B 814 45.39 5.02 -25.22
CA VAL B 814 44.45 4.72 -24.14
C VAL B 814 45.23 4.60 -22.83
N CYS B 815 45.10 5.59 -21.96
CA CYS B 815 45.73 5.51 -20.65
C CYS B 815 44.99 4.50 -19.77
N LEU B 816 45.48 4.33 -18.54
CA LEU B 816 44.84 3.42 -17.59
C LEU B 816 45.23 3.85 -16.18
N ASP B 817 44.30 4.55 -15.50
CA ASP B 817 44.52 4.99 -14.12
C ASP B 817 45.88 5.67 -13.98
N GLN B 818 46.14 6.62 -14.88
CA GLN B 818 47.40 7.36 -14.87
C GLN B 818 48.60 6.43 -15.06
N ASP B 819 48.43 5.41 -15.91
CA ASP B 819 49.53 4.51 -16.19
C ASP B 819 50.68 5.25 -16.86
N GLU B 820 51.90 4.82 -16.56
CA GLU B 820 53.08 5.34 -17.22
C GLU B 820 53.85 4.27 -17.98
N ARG B 821 53.43 3.01 -17.89
CA ARG B 821 54.07 1.91 -18.60
C ARG B 821 53.16 1.28 -19.64
N LYS B 822 51.96 0.85 -19.25
CA LYS B 822 51.03 0.18 -20.15
C LYS B 822 50.04 1.22 -20.68
N ILE B 823 50.35 1.78 -21.83
CA ILE B 823 49.47 2.70 -22.55
C ILE B 823 49.46 2.24 -24.00
N LEU B 824 48.34 1.65 -24.43
CA LEU B 824 48.24 1.14 -25.78
C LEU B 824 48.00 2.28 -26.77
N GLN B 825 48.11 1.97 -28.06
CA GLN B 825 48.04 2.98 -29.11
C GLN B 825 47.25 2.44 -30.29
N SER B 826 46.81 3.36 -31.14
CA SER B 826 46.08 3.06 -32.37
C SER B 826 44.69 2.52 -32.11
N VAL B 827 44.17 2.69 -30.90
CA VAL B 827 42.83 2.19 -30.59
C VAL B 827 41.81 2.98 -31.40
N ILE B 828 40.65 2.36 -31.61
CA ILE B 828 39.59 2.95 -32.42
C ILE B 828 38.30 3.15 -31.62
N ARG B 829 37.93 2.20 -30.77
CA ARG B 829 36.64 2.23 -30.12
C ARG B 829 36.80 1.84 -28.65
N CYS B 830 36.29 2.66 -27.74
CA CYS B 830 36.42 2.39 -26.32
C CYS B 830 35.12 2.75 -25.62
N GLU B 831 34.46 1.75 -25.05
CA GLU B 831 33.21 1.95 -24.34
C GLU B 831 33.43 1.60 -22.87
N VAL B 832 32.99 2.49 -21.98
CA VAL B 832 33.21 2.33 -20.55
C VAL B 832 31.86 2.30 -19.84
N SER B 833 31.64 1.23 -19.08
CA SER B 833 30.38 1.00 -18.39
C SER B 833 30.61 0.56 -16.95
N PRO B 834 29.72 0.94 -16.04
CA PRO B 834 29.87 0.49 -14.65
C PRO B 834 30.02 -1.03 -14.59
N CYS B 835 30.89 -1.49 -13.71
CA CYS B 835 31.10 -2.92 -13.56
C CYS B 835 30.10 -3.51 -12.58
N CYS B 866 36.60 -17.69 -2.54
CA CYS B 866 36.42 -16.26 -2.79
C CYS B 866 37.62 -15.48 -2.29
N LEU B 867 37.80 -14.26 -2.82
CA LEU B 867 38.93 -13.41 -2.48
C LEU B 867 38.43 -12.00 -2.19
N PRO B 868 38.02 -11.72 -0.96
CA PRO B 868 37.54 -10.38 -0.60
C PRO B 868 38.64 -9.49 -0.04
N ILE B 869 38.28 -8.22 0.11
CA ILE B 869 39.14 -7.23 0.78
C ILE B 869 38.57 -7.09 2.20
N MET B 870 39.12 -7.88 3.11
CA MET B 870 38.51 -8.02 4.43
C MET B 870 38.56 -6.71 5.21
N THR B 871 37.47 -6.43 5.92
CA THR B 871 37.38 -5.33 6.87
C THR B 871 36.80 -5.84 8.17
N PHE B 872 36.96 -5.04 9.23
CA PHE B 872 36.41 -5.42 10.52
C PHE B 872 34.89 -5.53 10.47
N SER B 873 34.23 -4.48 9.98
CA SER B 873 32.77 -4.45 9.93
C SER B 873 32.28 -4.32 8.49
#